data_2KTS
#
_entry.id   2KTS
#
_cell.length_a   1.000
_cell.length_b   1.000
_cell.length_c   1.000
_cell.angle_alpha   90.00
_cell.angle_beta   90.00
_cell.angle_gamma   90.00
#
_symmetry.space_group_name_H-M   'P 1'
#
_entity_poly.entity_id   1
_entity_poly.type   'polypeptide(L)'
_entity_poly.pdbx_seq_one_letter_code
;MVTPEQLQHHRFVLESVNGKPVTSDKNPPEISFGEKMMISGSMCNRFSGEGKLSNGELTAKGLAMTRMMCANPQLNELDN
TISEMLKEGAQVDLTANQLTLATAKQTLTYKLADLMN
;
_entity_poly.pdbx_strand_id   A
#
# COMPACT_ATOMS: atom_id res chain seq x y z
N MET A 1 3.83 -16.52 -9.18
CA MET A 1 3.41 -15.21 -9.67
C MET A 1 2.36 -14.63 -8.74
N VAL A 2 2.44 -13.32 -8.52
CA VAL A 2 1.41 -12.62 -7.76
C VAL A 2 0.08 -12.80 -8.48
N THR A 3 -0.98 -13.06 -7.74
CA THR A 3 -2.33 -13.19 -8.31
C THR A 3 -3.31 -12.23 -7.62
N PRO A 4 -4.48 -11.94 -8.22
CA PRO A 4 -5.46 -11.03 -7.63
C PRO A 4 -6.16 -11.63 -6.41
N GLU A 5 -6.51 -12.90 -6.50
CA GLU A 5 -7.31 -13.60 -5.50
C GLU A 5 -6.59 -13.62 -4.15
N GLN A 6 -5.28 -13.91 -4.16
CA GLN A 6 -4.38 -13.87 -3.00
C GLN A 6 -4.17 -12.47 -2.40
N LEU A 7 -4.97 -11.48 -2.77
CA LEU A 7 -4.85 -10.09 -2.33
C LEU A 7 -6.21 -9.56 -1.86
N GLN A 8 -7.27 -9.82 -2.62
CA GLN A 8 -8.62 -9.27 -2.42
C GLN A 8 -9.29 -9.64 -1.09
N HIS A 9 -8.67 -10.46 -0.27
CA HIS A 9 -9.16 -10.86 1.05
C HIS A 9 -8.04 -10.81 2.10
N HIS A 10 -6.91 -10.18 1.79
CA HIS A 10 -5.71 -10.18 2.60
C HIS A 10 -5.20 -8.75 2.77
N ARG A 11 -5.35 -8.20 3.97
CA ARG A 11 -4.81 -6.88 4.27
C ARG A 11 -3.30 -7.00 4.44
N PHE A 12 -2.61 -5.86 4.37
CA PHE A 12 -1.20 -5.80 4.67
C PHE A 12 -0.93 -4.54 5.48
N VAL A 13 0.04 -4.58 6.37
CA VAL A 13 0.43 -3.43 7.20
C VAL A 13 1.82 -2.97 6.80
N LEU A 14 2.01 -1.65 6.71
CA LEU A 14 3.32 -1.08 6.36
C LEU A 14 4.29 -1.43 7.49
N GLU A 15 5.37 -2.12 7.14
CA GLU A 15 6.33 -2.65 8.07
C GLU A 15 7.59 -1.79 8.00
N SER A 16 8.09 -1.55 6.79
CA SER A 16 9.27 -0.74 6.60
C SER A 16 9.18 0.05 5.29
N VAL A 17 9.31 1.37 5.41
CA VAL A 17 9.63 2.23 4.28
C VAL A 17 11.04 1.85 3.81
N ASN A 18 11.38 2.21 2.57
CA ASN A 18 12.75 2.20 2.06
C ASN A 18 13.71 2.84 3.06
N GLY A 19 13.34 3.95 3.67
CA GLY A 19 14.24 4.77 4.47
C GLY A 19 14.26 4.38 5.95
N LYS A 20 13.15 3.94 6.55
CA LYS A 20 13.01 3.65 7.98
C LYS A 20 11.79 2.76 8.24
N PRO A 21 11.66 2.14 9.42
CA PRO A 21 10.40 1.58 9.89
C PRO A 21 9.34 2.67 10.06
N VAL A 22 8.14 2.26 10.49
CA VAL A 22 7.07 3.16 10.92
C VAL A 22 6.56 2.66 12.27
N THR A 23 6.16 3.56 13.17
CA THR A 23 5.60 3.25 14.48
C THR A 23 4.52 4.27 14.80
N SER A 24 3.24 3.86 14.85
CA SER A 24 2.09 4.77 14.80
C SER A 24 1.04 4.43 15.87
N ASP A 25 1.49 4.18 17.10
CA ASP A 25 0.73 3.97 18.33
C ASP A 25 -0.11 2.72 18.23
N LYS A 26 -1.27 2.80 17.58
CA LYS A 26 -2.12 1.65 17.23
C LYS A 26 -2.80 1.83 15.87
N ASN A 27 -2.49 2.90 15.14
CA ASN A 27 -3.13 3.29 13.88
C ASN A 27 -2.05 3.36 12.80
N PRO A 28 -1.46 2.23 12.36
CA PRO A 28 -0.41 2.24 11.36
C PRO A 28 -0.97 2.56 9.97
N PRO A 29 -0.11 2.98 9.03
CA PRO A 29 -0.42 3.01 7.61
C PRO A 29 -0.54 1.60 7.04
N GLU A 30 -1.53 0.84 7.48
CA GLU A 30 -1.93 -0.39 6.86
C GLU A 30 -2.67 -0.08 5.54
N ILE A 31 -2.93 -1.11 4.75
CA ILE A 31 -3.64 -1.04 3.48
C ILE A 31 -4.52 -2.29 3.40
N SER A 32 -5.65 -2.16 2.73
CA SER A 32 -6.51 -3.29 2.43
C SER A 32 -6.94 -3.23 0.98
N PHE A 33 -7.44 -4.36 0.52
CA PHE A 33 -7.88 -4.59 -0.84
C PHE A 33 -9.25 -5.25 -0.78
N GLY A 34 -9.94 -5.31 -1.90
CA GLY A 34 -11.18 -6.06 -2.01
C GLY A 34 -11.57 -6.21 -3.47
N GLU A 35 -12.78 -6.72 -3.68
CA GLU A 35 -13.34 -7.10 -4.96
C GLU A 35 -13.06 -6.05 -6.04
N LYS A 36 -12.94 -6.50 -7.29
CA LYS A 36 -12.47 -5.72 -8.44
C LYS A 36 -11.01 -5.28 -8.28
N MET A 37 -10.26 -5.88 -7.36
CA MET A 37 -8.90 -5.47 -6.95
C MET A 37 -8.84 -4.04 -6.39
N MET A 38 -9.97 -3.48 -5.93
CA MET A 38 -10.02 -2.16 -5.36
C MET A 38 -9.15 -2.02 -4.12
N ILE A 39 -8.81 -0.77 -3.78
CA ILE A 39 -7.80 -0.43 -2.79
C ILE A 39 -8.39 0.62 -1.84
N SER A 40 -8.12 0.47 -0.55
CA SER A 40 -8.32 1.47 0.48
C SER A 40 -7.07 1.48 1.36
N GLY A 41 -6.50 2.64 1.67
CA GLY A 41 -5.27 2.71 2.46
C GLY A 41 -5.12 4.07 3.12
N SER A 42 -4.12 4.21 4.00
CA SER A 42 -4.07 5.33 4.92
C SER A 42 -2.63 5.72 5.26
N MET A 43 -1.89 6.33 4.33
CA MET A 43 -0.52 6.76 4.61
C MET A 43 -0.55 7.90 5.65
N CYS A 44 -1.24 9.00 5.37
CA CYS A 44 -1.67 9.95 6.39
C CYS A 44 -3.02 10.50 5.94
N ASN A 45 -3.05 11.09 4.75
CA ASN A 45 -4.15 11.84 4.16
C ASN A 45 -5.30 10.97 3.68
N ARG A 46 -5.27 9.66 3.96
CA ARG A 46 -6.10 8.62 3.37
C ARG A 46 -5.95 8.55 1.86
N PHE A 47 -6.12 7.36 1.30
CA PHE A 47 -6.27 7.16 -0.12
C PHE A 47 -7.22 6.02 -0.38
N SER A 48 -7.59 5.88 -1.65
CA SER A 48 -8.41 4.82 -2.19
C SER A 48 -8.18 4.82 -3.71
N GLY A 49 -8.50 3.73 -4.42
CA GLY A 49 -8.60 3.79 -5.86
C GLY A 49 -8.84 2.41 -6.47
N GLU A 50 -9.18 2.37 -7.76
CA GLU A 50 -9.47 1.15 -8.48
C GLU A 50 -8.17 0.46 -8.89
N GLY A 51 -7.72 -0.47 -8.06
CA GLY A 51 -6.56 -1.30 -8.35
C GLY A 51 -6.81 -2.31 -9.47
N LYS A 52 -5.74 -3.01 -9.86
CA LYS A 52 -5.70 -4.01 -10.91
C LYS A 52 -4.59 -4.99 -10.57
N LEU A 53 -4.69 -6.23 -11.04
CA LEU A 53 -3.61 -7.20 -10.99
C LEU A 53 -3.78 -8.10 -12.21
N SER A 54 -2.80 -8.09 -13.09
CA SER A 54 -2.80 -8.87 -14.32
C SER A 54 -1.40 -9.39 -14.68
N ASN A 55 -0.31 -8.72 -14.26
CA ASN A 55 1.07 -9.18 -14.52
C ASN A 55 2.01 -8.97 -13.32
N GLY A 56 1.59 -8.23 -12.29
CA GLY A 56 2.47 -7.84 -11.18
C GLY A 56 2.47 -6.32 -10.95
N GLU A 57 1.63 -5.58 -11.66
CA GLU A 57 1.64 -4.13 -11.74
C GLU A 57 0.35 -3.60 -11.10
N LEU A 58 0.46 -2.90 -9.97
CA LEU A 58 -0.69 -2.26 -9.34
C LEU A 58 -0.82 -0.80 -9.79
N THR A 59 -1.67 -0.53 -10.77
CA THR A 59 -2.09 0.81 -11.16
C THR A 59 -3.46 1.14 -10.54
N ALA A 60 -3.64 2.38 -10.04
CA ALA A 60 -4.92 2.90 -9.59
C ALA A 60 -5.59 3.68 -10.72
N LYS A 61 -6.67 3.13 -11.28
CA LYS A 61 -7.54 3.80 -12.22
C LYS A 61 -8.43 4.78 -11.45
N GLY A 62 -7.83 5.87 -10.99
CA GLY A 62 -8.47 6.85 -10.14
C GLY A 62 -7.99 6.62 -8.73
N LEU A 63 -7.09 7.48 -8.23
CA LEU A 63 -6.85 7.65 -6.81
C LEU A 63 -7.77 8.75 -6.29
N ALA A 64 -7.97 8.82 -4.97
CA ALA A 64 -8.57 9.96 -4.28
C ALA A 64 -8.07 10.01 -2.83
N MET A 65 -7.86 11.21 -2.29
CA MET A 65 -7.25 11.49 -0.97
C MET A 65 -7.88 12.71 -0.30
N THR A 66 -7.58 12.95 0.99
CA THR A 66 -8.04 14.11 1.76
C THR A 66 -6.90 15.13 1.95
N ARG A 67 -7.08 16.18 2.77
CA ARG A 67 -6.03 17.11 3.21
C ARG A 67 -5.94 17.10 4.73
N MET A 68 -5.36 16.06 5.31
CA MET A 68 -5.04 15.95 6.73
C MET A 68 -3.54 16.20 6.98
N MET A 69 -3.15 16.18 8.24
CA MET A 69 -1.78 16.10 8.73
C MET A 69 -1.82 15.08 9.89
N CYS A 70 -0.65 14.71 10.39
CA CYS A 70 -0.47 13.58 11.31
C CYS A 70 0.55 13.82 12.43
N ALA A 71 1.06 15.03 12.60
CA ALA A 71 2.02 15.44 13.61
C ALA A 71 3.38 14.75 13.54
N ASN A 72 3.62 13.87 12.56
CA ASN A 72 5.00 13.57 12.12
C ASN A 72 5.06 13.90 10.61
N PRO A 73 6.25 14.17 10.06
CA PRO A 73 6.38 14.53 8.65
C PRO A 73 6.28 13.30 7.74
N GLN A 74 6.91 12.19 8.13
CA GLN A 74 7.05 10.95 7.39
C GLN A 74 5.71 10.52 6.80
N LEU A 75 4.72 10.27 7.66
CA LEU A 75 3.39 9.80 7.29
C LEU A 75 2.75 10.75 6.27
N ASN A 76 2.92 12.07 6.45
CA ASN A 76 2.33 13.12 5.63
C ASN A 76 3.01 13.27 4.26
N GLU A 77 4.24 12.77 4.11
CA GLU A 77 4.96 12.72 2.85
C GLU A 77 4.74 11.40 2.12
N LEU A 78 4.55 10.31 2.87
CA LEU A 78 4.38 8.93 2.39
C LEU A 78 3.15 8.79 1.49
N ASP A 79 2.15 9.67 1.65
CA ASP A 79 0.99 9.81 0.78
C ASP A 79 1.41 10.09 -0.65
N ASN A 80 2.40 10.97 -0.85
CA ASN A 80 2.79 11.31 -2.20
C ASN A 80 3.56 10.15 -2.84
N THR A 81 4.30 9.38 -2.06
CA THR A 81 4.93 8.16 -2.56
C THR A 81 3.87 7.21 -3.12
N ILE A 82 2.85 6.86 -2.33
CA ILE A 82 1.87 5.88 -2.80
C ILE A 82 1.10 6.43 -4.00
N SER A 83 0.81 7.74 -4.01
CA SER A 83 0.15 8.40 -5.12
C SER A 83 0.92 8.20 -6.42
N GLU A 84 2.22 8.51 -6.40
CA GLU A 84 3.15 8.34 -7.50
C GLU A 84 3.17 6.88 -7.95
N MET A 85 3.42 5.94 -7.02
CA MET A 85 3.68 4.54 -7.34
C MET A 85 2.46 3.97 -8.05
N LEU A 86 1.27 4.31 -7.56
CA LEU A 86 0.01 3.80 -8.08
C LEU A 86 -0.40 4.48 -9.38
N LYS A 87 0.13 5.67 -9.68
CA LYS A 87 -0.04 6.29 -10.98
C LYS A 87 0.82 5.53 -11.98
N GLU A 88 2.12 5.41 -11.69
CA GLU A 88 3.10 4.94 -12.65
C GLU A 88 2.98 3.42 -12.88
N GLY A 89 2.62 2.64 -11.86
CA GLY A 89 2.45 1.19 -11.93
C GLY A 89 3.39 0.54 -10.96
N ALA A 90 2.92 0.41 -9.74
CA ALA A 90 3.70 -0.06 -8.62
C ALA A 90 4.01 -1.53 -8.86
N GLN A 91 5.29 -1.92 -8.96
CA GLN A 91 5.68 -3.27 -9.25
C GLN A 91 5.57 -4.02 -7.92
N VAL A 92 4.68 -4.99 -7.85
CA VAL A 92 4.22 -5.69 -6.67
C VAL A 92 4.87 -7.07 -6.62
N ASP A 93 5.80 -7.22 -5.68
CA ASP A 93 6.50 -8.46 -5.35
C ASP A 93 5.98 -8.96 -4.00
N LEU A 94 4.73 -9.41 -4.01
CA LEU A 94 4.16 -10.13 -2.89
C LEU A 94 4.73 -11.55 -2.96
N THR A 95 5.59 -11.86 -1.99
CA THR A 95 6.19 -13.16 -1.78
C THR A 95 5.28 -13.98 -0.85
N ALA A 96 5.79 -15.06 -0.27
CA ALA A 96 5.02 -16.00 0.55
C ALA A 96 4.07 -15.32 1.56
N ASN A 97 4.51 -14.24 2.21
CA ASN A 97 3.77 -13.58 3.30
C ASN A 97 4.28 -12.15 3.59
N GLN A 98 5.09 -11.58 2.69
CA GLN A 98 5.57 -10.20 2.77
C GLN A 98 5.27 -9.56 1.42
N LEU A 99 4.66 -8.39 1.43
CA LEU A 99 4.49 -7.55 0.26
C LEU A 99 5.80 -6.79 0.07
N THR A 100 6.32 -6.68 -1.15
CA THR A 100 7.37 -5.73 -1.45
C THR A 100 6.91 -4.95 -2.67
N LEU A 101 7.10 -3.64 -2.68
CA LEU A 101 7.01 -2.82 -3.87
C LEU A 101 8.42 -2.42 -4.28
N ALA A 102 8.64 -2.07 -5.53
CA ALA A 102 9.78 -1.27 -5.94
C ALA A 102 9.43 -0.57 -7.24
N THR A 103 9.24 0.75 -7.20
CA THR A 103 8.82 1.54 -8.35
C THR A 103 9.88 2.61 -8.63
N ALA A 104 9.62 3.55 -9.54
CA ALA A 104 10.46 4.72 -9.69
C ALA A 104 10.62 5.44 -8.36
N LYS A 105 9.51 5.59 -7.61
CA LYS A 105 9.53 6.37 -6.38
C LYS A 105 10.51 5.84 -5.34
N GLN A 106 10.26 4.65 -4.80
CA GLN A 106 11.06 3.93 -3.81
C GLN A 106 10.55 2.48 -3.75
N THR A 107 11.06 1.71 -2.80
CA THR A 107 10.51 0.44 -2.35
C THR A 107 9.74 0.70 -1.05
N LEU A 108 8.80 -0.19 -0.73
CA LEU A 108 7.97 -0.22 0.47
C LEU A 108 7.72 -1.68 0.77
N THR A 109 7.73 -2.07 2.04
CA THR A 109 7.62 -3.46 2.45
C THR A 109 6.54 -3.56 3.51
N TYR A 110 5.56 -4.45 3.29
CA TYR A 110 4.40 -4.62 4.14
C TYR A 110 4.32 -6.09 4.60
N LYS A 111 3.62 -6.35 5.70
CA LYS A 111 3.45 -7.68 6.27
C LYS A 111 2.03 -8.17 6.06
N LEU A 112 1.86 -9.46 5.84
CA LEU A 112 0.57 -10.16 5.88
C LEU A 112 0.16 -10.34 7.36
N ALA A 113 0.03 -9.24 8.10
CA ALA A 113 -0.54 -9.24 9.45
C ALA A 113 -2.07 -9.30 9.32
N ASP A 114 -2.59 -10.39 8.77
CA ASP A 114 -3.95 -10.45 8.22
C ASP A 114 -5.02 -10.72 9.27
N LEU A 115 -4.62 -10.58 10.54
CA LEU A 115 -5.38 -10.93 11.75
C LEU A 115 -5.72 -12.42 11.80
N MET A 116 -5.07 -13.24 10.99
CA MET A 116 -5.18 -14.69 10.94
C MET A 116 -3.79 -15.22 11.23
N ASN A 117 -3.51 -15.57 12.48
CA ASN A 117 -2.22 -16.13 12.85
C ASN A 117 -2.11 -17.52 12.21
N MET A 1 4.28 -16.46 -9.38
CA MET A 1 3.96 -15.07 -9.60
C MET A 1 2.70 -14.71 -8.80
N VAL A 2 2.68 -13.49 -8.24
CA VAL A 2 1.56 -12.96 -7.50
C VAL A 2 0.28 -12.93 -8.35
N THR A 3 -0.87 -13.22 -7.72
CA THR A 3 -2.18 -13.23 -8.36
C THR A 3 -3.15 -12.34 -7.57
N PRO A 4 -4.32 -11.99 -8.14
CA PRO A 4 -5.34 -11.21 -7.42
C PRO A 4 -6.04 -11.99 -6.31
N GLU A 5 -6.22 -13.28 -6.50
CA GLU A 5 -6.86 -14.22 -5.56
C GLU A 5 -6.25 -14.05 -4.16
N GLN A 6 -4.94 -14.28 -4.04
CA GLN A 6 -4.11 -14.14 -2.83
C GLN A 6 -3.99 -12.70 -2.31
N LEU A 7 -4.85 -11.78 -2.73
CA LEU A 7 -4.79 -10.36 -2.38
C LEU A 7 -6.16 -9.86 -1.97
N GLN A 8 -7.19 -10.13 -2.76
CA GLN A 8 -8.57 -9.68 -2.59
C GLN A 8 -9.20 -10.04 -1.24
N HIS A 9 -8.53 -10.82 -0.39
CA HIS A 9 -9.03 -11.21 0.93
C HIS A 9 -8.06 -10.87 2.06
N HIS A 10 -6.89 -10.28 1.78
CA HIS A 10 -5.82 -10.11 2.76
C HIS A 10 -5.46 -8.63 2.97
N ARG A 11 -5.49 -8.22 4.23
CA ARG A 11 -4.86 -7.00 4.72
C ARG A 11 -3.35 -7.17 4.68
N PHE A 12 -2.65 -6.05 4.57
CA PHE A 12 -1.24 -5.90 4.83
C PHE A 12 -1.05 -4.69 5.75
N VAL A 13 0.13 -4.55 6.34
CA VAL A 13 0.51 -3.40 7.15
C VAL A 13 1.85 -2.86 6.65
N LEU A 14 2.07 -1.54 6.70
CA LEU A 14 3.33 -0.91 6.31
C LEU A 14 4.32 -1.12 7.45
N GLU A 15 5.00 -2.25 7.43
CA GLU A 15 5.93 -2.66 8.46
C GLU A 15 7.16 -1.77 8.41
N SER A 16 7.76 -1.60 7.23
CA SER A 16 8.88 -0.72 7.06
C SER A 16 8.90 -0.08 5.67
N VAL A 17 9.17 1.21 5.65
CA VAL A 17 9.35 2.03 4.45
C VAL A 17 10.77 1.72 3.91
N ASN A 18 11.06 2.19 2.70
CA ASN A 18 12.43 2.27 2.19
C ASN A 18 13.38 2.99 3.15
N GLY A 19 12.87 3.99 3.88
CA GLY A 19 13.69 4.88 4.69
C GLY A 19 13.82 4.44 6.14
N LYS A 20 12.73 4.04 6.79
CA LYS A 20 12.64 3.71 8.23
C LYS A 20 11.40 2.85 8.50
N PRO A 21 11.27 2.21 9.67
CA PRO A 21 10.00 1.67 10.14
C PRO A 21 8.97 2.78 10.38
N VAL A 22 7.77 2.41 10.84
CA VAL A 22 6.72 3.34 11.26
C VAL A 22 6.20 2.89 12.63
N THR A 23 5.64 3.83 13.39
CA THR A 23 4.92 3.57 14.63
C THR A 23 3.86 4.67 14.74
N SER A 24 2.58 4.36 14.64
CA SER A 24 1.49 5.32 14.83
C SER A 24 0.60 4.82 15.97
N ASP A 25 1.25 4.46 17.07
CA ASP A 25 0.74 3.77 18.24
C ASP A 25 -0.01 2.50 17.84
N LYS A 26 -1.28 2.65 17.48
CA LYS A 26 -2.22 1.56 17.22
C LYS A 26 -2.94 1.77 15.88
N ASN A 27 -2.74 2.90 15.19
CA ASN A 27 -3.32 3.25 13.88
C ASN A 27 -2.25 3.45 12.78
N PRO A 28 -1.40 2.46 12.50
CA PRO A 28 -0.31 2.57 11.53
C PRO A 28 -0.81 2.63 10.07
N PRO A 29 0.06 2.99 9.08
CA PRO A 29 -0.31 3.06 7.67
C PRO A 29 -0.49 1.68 7.01
N GLU A 30 -1.47 0.92 7.48
CA GLU A 30 -1.85 -0.37 6.91
C GLU A 30 -2.56 -0.21 5.55
N ILE A 31 -2.77 -1.29 4.81
CA ILE A 31 -3.42 -1.28 3.50
C ILE A 31 -4.26 -2.55 3.39
N SER A 32 -5.40 -2.51 2.71
CA SER A 32 -6.16 -3.71 2.40
C SER A 32 -6.65 -3.64 0.96
N PHE A 33 -6.93 -4.83 0.43
CA PHE A 33 -7.45 -5.03 -0.89
C PHE A 33 -8.76 -5.79 -0.75
N GLY A 34 -9.65 -5.67 -1.73
CA GLY A 34 -10.91 -6.37 -1.76
C GLY A 34 -11.31 -6.62 -3.20
N GLU A 35 -12.58 -6.99 -3.41
CA GLU A 35 -13.21 -7.24 -4.71
C GLU A 35 -12.84 -6.17 -5.73
N LYS A 36 -12.90 -6.55 -7.01
CA LYS A 36 -12.43 -5.77 -8.14
C LYS A 36 -10.95 -5.37 -7.99
N MET A 37 -10.20 -5.98 -7.07
CA MET A 37 -8.82 -5.64 -6.76
C MET A 37 -8.71 -4.17 -6.30
N MET A 38 -9.78 -3.60 -5.74
CA MET A 38 -9.77 -2.28 -5.13
C MET A 38 -8.81 -2.23 -3.94
N ILE A 39 -8.49 -1.00 -3.54
CA ILE A 39 -7.49 -0.67 -2.55
C ILE A 39 -8.11 0.35 -1.61
N SER A 40 -7.86 0.23 -0.31
CA SER A 40 -7.95 1.35 0.62
C SER A 40 -6.74 1.32 1.57
N GLY A 41 -6.36 2.50 2.06
CA GLY A 41 -5.36 2.67 3.09
C GLY A 41 -5.43 4.08 3.68
N SER A 42 -4.49 4.39 4.57
CA SER A 42 -4.35 5.67 5.21
C SER A 42 -2.87 5.92 5.56
N MET A 43 -2.11 6.48 4.62
CA MET A 43 -0.75 6.97 4.91
C MET A 43 -0.85 8.06 5.96
N CYS A 44 -1.46 9.19 5.58
CA CYS A 44 -1.93 10.21 6.51
C CYS A 44 -3.29 10.65 6.00
N ASN A 45 -3.35 11.12 4.75
CA ASN A 45 -4.47 11.83 4.12
C ASN A 45 -5.64 10.96 3.68
N ARG A 46 -5.65 9.67 4.04
CA ARG A 46 -6.35 8.58 3.37
C ARG A 46 -6.02 8.50 1.89
N PHE A 47 -6.29 7.33 1.35
CA PHE A 47 -6.36 7.08 -0.08
C PHE A 47 -7.17 5.82 -0.29
N SER A 48 -7.79 5.74 -1.46
CA SER A 48 -8.55 4.61 -1.93
C SER A 48 -8.54 4.67 -3.44
N GLY A 49 -8.75 3.54 -4.13
CA GLY A 49 -9.00 3.57 -5.55
C GLY A 49 -9.08 2.17 -6.12
N GLU A 50 -9.63 2.06 -7.34
CA GLU A 50 -9.65 0.84 -8.14
C GLU A 50 -8.21 0.46 -8.51
N GLY A 51 -7.63 -0.49 -7.79
CA GLY A 51 -6.46 -1.25 -8.23
C GLY A 51 -6.82 -2.23 -9.34
N LYS A 52 -5.82 -2.93 -9.86
CA LYS A 52 -5.96 -4.04 -10.79
C LYS A 52 -4.65 -4.80 -10.77
N LEU A 53 -4.68 -6.11 -11.04
CA LEU A 53 -3.51 -6.94 -11.19
C LEU A 53 -3.84 -8.01 -12.23
N SER A 54 -3.07 -8.02 -13.32
CA SER A 54 -3.06 -9.12 -14.27
C SER A 54 -1.75 -9.13 -15.08
N ASN A 55 -0.72 -8.39 -14.64
CA ASN A 55 0.49 -8.13 -15.40
C ASN A 55 1.68 -7.81 -14.47
N GLY A 56 1.66 -8.33 -13.23
CA GLY A 56 2.73 -8.08 -12.26
C GLY A 56 2.87 -6.61 -11.85
N GLU A 57 1.85 -5.79 -12.13
CA GLU A 57 1.86 -4.36 -11.93
C GLU A 57 0.59 -3.99 -11.15
N LEU A 58 0.63 -2.92 -10.36
CA LEU A 58 -0.49 -2.38 -9.60
C LEU A 58 -0.54 -0.87 -9.86
N THR A 59 -1.54 -0.44 -10.62
CA THR A 59 -1.82 0.95 -10.94
C THR A 59 -3.07 1.42 -10.19
N ALA A 60 -3.23 2.74 -10.05
CA ALA A 60 -4.46 3.38 -9.58
C ALA A 60 -5.15 4.16 -10.70
N LYS A 61 -6.22 3.60 -11.28
CA LYS A 61 -7.11 4.33 -12.18
C LYS A 61 -8.11 5.23 -11.43
N GLY A 62 -8.05 5.38 -10.11
CA GLY A 62 -9.03 6.19 -9.39
C GLY A 62 -8.59 6.44 -7.96
N LEU A 63 -7.35 6.87 -7.74
CA LEU A 63 -6.91 7.30 -6.43
C LEU A 63 -7.76 8.51 -6.03
N ALA A 64 -8.15 8.58 -4.75
CA ALA A 64 -8.81 9.75 -4.18
C ALA A 64 -8.36 9.92 -2.74
N MET A 65 -8.01 11.15 -2.34
CA MET A 65 -7.37 11.46 -1.06
C MET A 65 -7.95 12.74 -0.46
N THR A 66 -7.47 13.15 0.72
CA THR A 66 -7.97 14.30 1.48
C THR A 66 -6.87 15.38 1.72
N ARG A 67 -7.07 16.30 2.69
CA ARG A 67 -6.11 17.31 3.15
C ARG A 67 -5.98 17.32 4.69
N MET A 68 -5.54 16.23 5.31
CA MET A 68 -5.22 16.11 6.73
C MET A 68 -3.71 16.23 6.99
N MET A 69 -3.34 16.32 8.27
CA MET A 69 -1.99 16.51 8.80
C MET A 69 -1.74 15.44 9.86
N CYS A 70 -0.45 15.19 10.21
CA CYS A 70 -0.03 14.06 11.04
C CYS A 70 1.16 14.32 11.97
N ALA A 71 1.58 15.57 12.18
CA ALA A 71 2.50 16.05 13.22
C ALA A 71 3.97 15.60 13.10
N ASN A 72 4.19 14.44 12.49
CA ASN A 72 5.45 14.00 11.89
C ASN A 72 5.42 14.49 10.45
N PRO A 73 6.55 14.52 9.74
CA PRO A 73 6.55 14.77 8.31
C PRO A 73 6.50 13.45 7.52
N GLN A 74 6.87 12.33 8.14
CA GLN A 74 6.95 11.01 7.52
C GLN A 74 5.64 10.67 6.81
N LEU A 75 4.53 10.56 7.56
CA LEU A 75 3.24 10.11 7.03
C LEU A 75 2.74 11.08 5.95
N ASN A 76 3.14 12.36 6.06
CA ASN A 76 2.78 13.45 5.16
C ASN A 76 3.50 13.34 3.81
N GLU A 77 4.74 12.84 3.81
CA GLU A 77 5.48 12.53 2.59
C GLU A 77 5.02 11.19 2.00
N LEU A 78 4.60 10.26 2.87
CA LEU A 78 4.12 8.94 2.49
C LEU A 78 2.89 9.04 1.62
N ASP A 79 2.01 10.01 1.87
CA ASP A 79 0.87 10.34 1.02
C ASP A 79 1.33 10.57 -0.42
N ASN A 80 2.38 11.36 -0.57
CA ASN A 80 2.80 11.80 -1.89
C ASN A 80 3.56 10.68 -2.57
N THR A 81 4.31 9.90 -1.78
CA THR A 81 4.96 8.69 -2.22
C THR A 81 3.92 7.71 -2.76
N ILE A 82 2.89 7.32 -1.99
CA ILE A 82 1.96 6.29 -2.42
C ILE A 82 1.15 6.76 -3.64
N SER A 83 0.84 8.05 -3.71
CA SER A 83 0.07 8.60 -4.82
C SER A 83 0.85 8.40 -6.11
N GLU A 84 2.09 8.87 -6.15
CA GLU A 84 3.02 8.70 -7.25
C GLU A 84 3.22 7.20 -7.53
N MET A 85 3.43 6.37 -6.50
CA MET A 85 3.76 4.96 -6.67
C MET A 85 2.58 4.12 -7.14
N LEU A 86 1.41 4.70 -7.34
CA LEU A 86 0.29 4.01 -7.97
C LEU A 86 -0.03 4.64 -9.33
N LYS A 87 0.47 5.85 -9.59
CA LYS A 87 0.11 6.59 -10.79
C LYS A 87 0.87 6.13 -12.01
N GLU A 88 2.07 5.56 -11.83
CA GLU A 88 3.01 5.22 -12.89
C GLU A 88 3.16 3.71 -13.12
N GLY A 89 2.44 2.88 -12.36
CA GLY A 89 2.54 1.43 -12.31
C GLY A 89 3.62 1.00 -11.34
N ALA A 90 3.24 0.59 -10.11
CA ALA A 90 4.15 -0.13 -9.24
C ALA A 90 4.32 -1.53 -9.80
N GLN A 91 5.53 -2.09 -9.78
CA GLN A 91 5.68 -3.52 -9.86
C GLN A 91 5.26 -4.05 -8.48
N VAL A 92 4.65 -5.23 -8.46
CA VAL A 92 4.05 -5.79 -7.27
C VAL A 92 4.47 -7.26 -7.22
N ASP A 93 5.08 -7.68 -6.11
CA ASP A 93 5.66 -9.01 -5.96
C ASP A 93 5.40 -9.47 -4.53
N LEU A 94 4.23 -10.06 -4.27
CA LEU A 94 3.95 -10.73 -3.01
C LEU A 94 4.64 -12.09 -3.05
N THR A 95 5.67 -12.25 -2.23
CA THR A 95 6.24 -13.56 -1.92
C THR A 95 5.33 -14.27 -0.89
N ALA A 96 5.75 -15.46 -0.45
CA ALA A 96 4.99 -16.38 0.38
C ALA A 96 4.26 -15.70 1.54
N ASN A 97 4.89 -14.73 2.21
CA ASN A 97 4.26 -13.83 3.16
C ASN A 97 5.15 -12.61 3.33
N GLN A 98 5.27 -11.75 2.31
CA GLN A 98 5.67 -10.34 2.42
C GLN A 98 5.42 -9.69 1.07
N LEU A 99 4.85 -8.50 1.04
CA LEU A 99 4.65 -7.71 -0.16
C LEU A 99 5.90 -6.89 -0.45
N THR A 100 6.57 -7.25 -1.54
CA THR A 100 7.62 -6.41 -2.12
C THR A 100 6.92 -5.47 -3.12
N LEU A 101 6.93 -4.17 -2.86
CA LEU A 101 6.48 -3.14 -3.80
C LEU A 101 7.67 -2.38 -4.30
N ALA A 102 7.65 -2.02 -5.59
CA ALA A 102 8.71 -1.24 -6.23
C ALA A 102 8.11 -0.29 -7.27
N THR A 103 8.67 0.90 -7.42
CA THR A 103 8.34 1.89 -8.42
C THR A 103 9.54 2.85 -8.56
N ALA A 104 9.50 3.74 -9.55
CA ALA A 104 10.57 4.71 -9.76
C ALA A 104 10.77 5.59 -8.51
N LYS A 105 9.68 5.92 -7.81
CA LYS A 105 9.73 6.58 -6.50
C LYS A 105 10.58 5.82 -5.48
N GLN A 106 10.10 4.69 -4.96
CA GLN A 106 10.75 3.93 -3.88
C GLN A 106 10.25 2.49 -3.87
N THR A 107 10.51 1.77 -2.78
CA THR A 107 10.14 0.38 -2.55
C THR A 107 9.57 0.32 -1.13
N LEU A 108 8.43 -0.36 -0.93
CA LEU A 108 7.82 -0.61 0.37
C LEU A 108 7.90 -2.10 0.68
N THR A 109 7.85 -2.44 1.97
CA THR A 109 7.98 -3.78 2.49
C THR A 109 6.75 -4.00 3.39
N TYR A 110 5.64 -4.46 2.81
CA TYR A 110 4.40 -4.61 3.55
C TYR A 110 4.31 -6.02 4.13
N LYS A 111 3.84 -6.15 5.37
CA LYS A 111 3.73 -7.43 6.07
C LYS A 111 2.32 -7.98 5.87
N LEU A 112 2.18 -9.30 5.69
CA LEU A 112 0.92 -10.04 5.63
C LEU A 112 0.31 -10.17 7.04
N ALA A 113 0.19 -9.08 7.79
CA ALA A 113 -0.42 -9.13 9.12
C ALA A 113 -1.94 -9.00 8.95
N ASP A 114 -2.58 -10.10 8.58
CA ASP A 114 -3.99 -10.13 8.19
C ASP A 114 -4.91 -10.66 9.29
N LEU A 115 -4.39 -10.73 10.51
CA LEU A 115 -5.05 -11.13 11.76
C LEU A 115 -5.47 -12.60 11.79
N MET A 116 -5.10 -13.37 10.77
CA MET A 116 -5.41 -14.78 10.67
C MET A 116 -4.19 -15.54 11.17
N ASN A 117 -4.14 -15.90 12.46
CA ASN A 117 -3.01 -16.63 13.03
C ASN A 117 -2.93 -18.04 12.45
N MET A 1 4.14 -14.11 -10.45
CA MET A 1 3.76 -12.73 -10.72
C MET A 1 2.66 -12.18 -9.79
N VAL A 2 2.44 -12.91 -8.70
CA VAL A 2 1.36 -12.79 -7.72
C VAL A 2 -0.03 -12.85 -8.39
N THR A 3 -1.11 -13.06 -7.61
CA THR A 3 -2.47 -12.93 -8.13
C THR A 3 -3.29 -12.03 -7.20
N PRO A 4 -4.37 -11.39 -7.70
CA PRO A 4 -5.25 -10.54 -6.92
C PRO A 4 -5.96 -11.30 -5.80
N GLU A 5 -6.24 -12.55 -6.07
CA GLU A 5 -6.74 -13.53 -5.11
C GLU A 5 -5.87 -13.59 -3.84
N GLN A 6 -4.54 -13.45 -3.95
CA GLN A 6 -3.63 -13.35 -2.80
C GLN A 6 -3.74 -11.99 -2.07
N LEU A 7 -4.75 -11.16 -2.39
CA LEU A 7 -4.89 -9.79 -1.90
C LEU A 7 -6.32 -9.47 -1.48
N GLN A 8 -7.35 -9.73 -2.30
CA GLN A 8 -8.76 -9.37 -2.06
C GLN A 8 -9.36 -9.83 -0.71
N HIS A 9 -8.63 -10.65 0.04
CA HIS A 9 -9.01 -11.14 1.36
C HIS A 9 -7.91 -10.97 2.40
N HIS A 10 -6.80 -10.29 2.08
CA HIS A 10 -5.59 -10.24 2.89
C HIS A 10 -5.13 -8.79 3.06
N ARG A 11 -5.13 -8.33 4.31
CA ARG A 11 -4.53 -7.07 4.73
C ARG A 11 -3.02 -7.18 4.63
N PHE A 12 -2.36 -6.05 4.47
CA PHE A 12 -0.94 -5.93 4.70
C PHE A 12 -0.66 -4.63 5.40
N VAL A 13 0.45 -4.65 6.12
CA VAL A 13 0.90 -3.60 6.99
C VAL A 13 2.32 -3.19 6.80
N LEU A 14 2.51 -1.87 6.79
CA LEU A 14 3.77 -1.27 6.47
C LEU A 14 4.77 -1.63 7.53
N GLU A 15 5.72 -2.45 7.09
CA GLU A 15 6.62 -3.10 7.98
C GLU A 15 7.89 -2.26 8.09
N SER A 16 8.46 -1.93 6.93
CA SER A 16 9.49 -0.92 6.81
C SER A 16 9.28 -0.09 5.56
N VAL A 17 9.71 1.16 5.64
CA VAL A 17 9.69 2.10 4.55
C VAL A 17 10.95 1.85 3.70
N ASN A 18 11.11 2.58 2.60
CA ASN A 18 12.23 2.46 1.66
C ASN A 18 13.61 2.50 2.33
N GLY A 19 13.73 3.17 3.47
CA GLY A 19 14.90 3.14 4.31
C GLY A 19 14.64 2.28 5.55
N LYS A 20 13.89 2.81 6.52
CA LYS A 20 13.75 2.23 7.86
C LYS A 20 12.28 1.99 8.24
N PRO A 21 12.03 1.21 9.30
CA PRO A 21 10.70 1.07 9.90
C PRO A 21 10.14 2.38 10.44
N VAL A 22 8.85 2.35 10.75
CA VAL A 22 8.03 3.44 11.25
C VAL A 22 7.10 2.80 12.30
N THR A 23 6.57 3.59 13.23
CA THR A 23 5.61 3.10 14.22
C THR A 23 4.61 4.21 14.53
N SER A 24 3.50 4.25 13.80
CA SER A 24 2.41 5.21 13.95
C SER A 24 1.55 4.83 15.17
N ASP A 25 2.20 4.58 16.30
CA ASP A 25 1.66 4.01 17.53
C ASP A 25 1.03 2.67 17.25
N LYS A 26 -0.23 2.69 16.83
CA LYS A 26 -1.16 1.58 16.72
C LYS A 26 -2.03 1.75 15.47
N ASN A 27 -1.77 2.79 14.67
CA ASN A 27 -2.54 3.22 13.52
C ASN A 27 -1.60 3.21 12.32
N PRO A 28 -1.08 2.03 11.92
CA PRO A 28 -0.06 1.93 10.89
C PRO A 28 -0.60 2.41 9.53
N PRO A 29 0.28 2.78 8.59
CA PRO A 29 -0.09 2.98 7.20
C PRO A 29 -0.35 1.62 6.53
N GLU A 30 -1.37 0.91 7.00
CA GLU A 30 -1.79 -0.36 6.45
C GLU A 30 -2.47 -0.11 5.09
N ILE A 31 -2.66 -1.19 4.34
CA ILE A 31 -3.39 -1.23 3.09
C ILE A 31 -4.21 -2.51 3.14
N SER A 32 -5.35 -2.52 2.48
CA SER A 32 -6.04 -3.75 2.21
C SER A 32 -6.71 -3.65 0.86
N PHE A 33 -7.28 -4.77 0.46
CA PHE A 33 -7.87 -4.98 -0.83
C PHE A 33 -9.20 -5.71 -0.60
N GLY A 34 -10.05 -5.72 -1.60
CA GLY A 34 -11.32 -6.42 -1.58
C GLY A 34 -12.19 -5.94 -2.72
N GLU A 35 -13.47 -6.33 -2.66
CA GLU A 35 -14.50 -6.04 -3.64
C GLU A 35 -14.15 -6.67 -4.97
N LYS A 36 -13.36 -5.99 -5.81
CA LYS A 36 -12.98 -6.38 -7.14
C LYS A 36 -11.65 -5.74 -7.52
N MET A 37 -10.57 -6.22 -6.92
CA MET A 37 -9.23 -5.69 -7.13
C MET A 37 -9.20 -4.20 -6.82
N MET A 38 -10.11 -3.72 -5.95
CA MET A 38 -10.07 -2.36 -5.47
C MET A 38 -8.91 -2.24 -4.47
N ILE A 39 -8.49 -1.01 -4.14
CA ILE A 39 -7.38 -0.76 -3.23
C ILE A 39 -7.79 0.35 -2.26
N SER A 40 -7.53 0.18 -0.97
CA SER A 40 -7.80 1.17 0.08
C SER A 40 -6.66 1.13 1.11
N GLY A 41 -6.29 2.27 1.68
CA GLY A 41 -5.24 2.36 2.69
C GLY A 41 -5.08 3.79 3.21
N SER A 42 -4.11 4.00 4.10
CA SER A 42 -3.94 5.28 4.80
C SER A 42 -2.46 5.63 5.00
N MET A 43 -1.77 6.17 3.99
CA MET A 43 -0.39 6.65 4.17
C MET A 43 -0.36 7.80 5.16
N CYS A 44 -1.08 8.88 4.84
CA CYS A 44 -1.66 9.77 5.83
C CYS A 44 -3.13 9.96 5.50
N ASN A 45 -3.41 10.60 4.37
CA ASN A 45 -4.65 11.36 4.21
C ASN A 45 -5.83 10.53 3.69
N ARG A 46 -5.73 9.21 3.84
CA ARG A 46 -6.43 8.15 3.11
C ARG A 46 -6.18 8.23 1.62
N PHE A 47 -6.46 7.13 0.94
CA PHE A 47 -6.47 7.00 -0.50
C PHE A 47 -7.35 5.80 -0.84
N SER A 48 -7.78 5.72 -2.10
CA SER A 48 -8.66 4.67 -2.59
C SER A 48 -8.70 4.72 -4.11
N GLY A 49 -8.74 3.59 -4.82
CA GLY A 49 -8.73 3.61 -6.27
C GLY A 49 -9.00 2.23 -6.82
N GLU A 50 -9.23 2.21 -8.13
CA GLU A 50 -9.46 1.00 -8.89
C GLU A 50 -8.10 0.41 -9.20
N GLY A 51 -7.73 -0.61 -8.45
CA GLY A 51 -6.62 -1.47 -8.82
C GLY A 51 -6.87 -2.23 -10.12
N LYS A 52 -5.79 -2.81 -10.65
CA LYS A 52 -5.79 -3.85 -11.69
C LYS A 52 -4.52 -4.64 -11.47
N LEU A 53 -4.57 -5.97 -11.61
CA LEU A 53 -3.42 -6.86 -11.46
C LEU A 53 -3.51 -7.96 -12.49
N SER A 54 -2.39 -8.23 -13.18
CA SER A 54 -2.24 -9.26 -14.17
C SER A 54 -0.79 -9.78 -14.18
N ASN A 55 0.21 -8.89 -14.02
CA ASN A 55 1.57 -9.14 -14.49
C ASN A 55 2.68 -9.03 -13.42
N GLY A 56 2.32 -8.86 -12.14
CA GLY A 56 3.28 -8.43 -11.12
C GLY A 56 3.35 -6.92 -10.98
N GLU A 57 2.39 -6.21 -11.56
CA GLU A 57 2.29 -4.77 -11.52
C GLU A 57 0.87 -4.39 -11.11
N LEU A 58 0.77 -3.31 -10.35
CA LEU A 58 -0.46 -2.72 -9.85
C LEU A 58 -0.47 -1.24 -10.20
N THR A 59 -1.66 -0.65 -10.22
CA THR A 59 -1.89 0.78 -10.35
C THR A 59 -3.07 1.13 -9.42
N ALA A 60 -3.42 2.41 -9.28
CA ALA A 60 -4.71 2.85 -8.80
C ALA A 60 -5.20 3.96 -9.71
N LYS A 61 -6.09 3.61 -10.64
CA LYS A 61 -6.77 4.60 -11.47
C LYS A 61 -7.45 5.59 -10.52
N GLY A 62 -7.11 6.87 -10.67
CA GLY A 62 -7.83 8.00 -10.09
C GLY A 62 -7.19 8.46 -8.78
N LEU A 63 -7.15 7.54 -7.82
CA LEU A 63 -6.65 7.66 -6.46
C LEU A 63 -7.14 8.90 -5.71
N ALA A 64 -8.27 8.75 -5.01
CA ALA A 64 -8.91 9.83 -4.26
C ALA A 64 -8.37 9.90 -2.84
N MET A 65 -7.52 10.89 -2.53
CA MET A 65 -7.04 11.17 -1.18
C MET A 65 -7.87 12.31 -0.56
N THR A 66 -7.63 12.66 0.71
CA THR A 66 -8.32 13.76 1.41
C THR A 66 -7.32 14.91 1.73
N ARG A 67 -7.63 15.86 2.62
CA ARG A 67 -6.83 17.10 2.85
C ARG A 67 -6.64 17.47 4.34
N MET A 68 -6.60 16.50 5.23
CA MET A 68 -6.36 16.68 6.66
C MET A 68 -4.87 16.91 6.95
N MET A 69 -4.53 17.17 8.21
CA MET A 69 -3.20 17.15 8.81
C MET A 69 -2.89 15.71 9.26
N CYS A 70 -1.63 15.49 9.65
CA CYS A 70 -1.08 14.21 10.06
C CYS A 70 -0.76 14.17 11.56
N ALA A 71 -0.20 13.05 12.05
CA ALA A 71 0.43 12.98 13.36
C ALA A 71 1.95 12.98 13.28
N ASN A 72 2.54 12.77 12.09
CA ASN A 72 3.99 12.64 11.91
C ASN A 72 4.31 13.03 10.46
N PRO A 73 5.44 13.69 10.17
CA PRO A 73 5.65 14.31 8.86
C PRO A 73 5.98 13.27 7.81
N GLN A 74 6.69 12.22 8.22
CA GLN A 74 7.07 11.10 7.39
C GLN A 74 5.86 10.40 6.76
N LEU A 75 4.72 10.37 7.45
CA LEU A 75 3.46 9.88 6.87
C LEU A 75 2.95 10.85 5.82
N ASN A 76 3.01 12.16 6.12
CA ASN A 76 2.56 13.25 5.28
C ASN A 76 3.43 13.40 4.03
N GLU A 77 4.53 12.68 3.96
CA GLU A 77 5.50 12.63 2.87
C GLU A 77 5.27 11.35 2.06
N LEU A 78 5.15 10.20 2.72
CA LEU A 78 4.74 8.93 2.10
C LEU A 78 3.38 9.01 1.44
N ASP A 79 2.56 9.94 1.89
CA ASP A 79 1.34 10.40 1.27
C ASP A 79 1.55 10.65 -0.22
N ASN A 80 2.52 11.50 -0.55
CA ASN A 80 2.73 11.91 -1.93
C ASN A 80 3.44 10.81 -2.69
N THR A 81 4.35 10.08 -2.03
CA THR A 81 4.97 8.89 -2.57
C THR A 81 3.91 7.92 -3.12
N ILE A 82 2.95 7.46 -2.31
CA ILE A 82 2.00 6.46 -2.79
C ILE A 82 1.14 7.01 -3.94
N SER A 83 0.80 8.30 -3.86
CA SER A 83 0.02 9.08 -4.82
C SER A 83 0.71 9.27 -6.17
N GLU A 84 2.00 8.96 -6.23
CA GLU A 84 2.82 9.08 -7.41
C GLU A 84 3.31 7.70 -7.89
N MET A 85 3.35 6.69 -7.02
CA MET A 85 3.76 5.33 -7.35
C MET A 85 2.66 4.68 -8.17
N LEU A 86 1.46 4.68 -7.59
CA LEU A 86 0.31 3.91 -8.04
C LEU A 86 -0.30 4.50 -9.31
N LYS A 87 0.01 5.75 -9.62
CA LYS A 87 -0.44 6.43 -10.81
C LYS A 87 0.28 5.87 -12.02
N GLU A 88 1.61 5.77 -11.90
CA GLU A 88 2.46 5.28 -12.95
C GLU A 88 2.22 3.78 -13.12
N GLY A 89 2.50 3.00 -12.08
CA GLY A 89 2.41 1.54 -12.07
C GLY A 89 3.53 0.98 -11.21
N ALA A 90 3.17 0.42 -10.06
CA ALA A 90 4.10 -0.15 -9.10
C ALA A 90 4.29 -1.63 -9.40
N GLN A 91 5.49 -2.18 -9.25
CA GLN A 91 5.65 -3.61 -9.13
C GLN A 91 5.18 -3.96 -7.71
N VAL A 92 4.52 -5.10 -7.58
CA VAL A 92 3.83 -5.52 -6.38
C VAL A 92 4.15 -7.00 -6.23
N ASP A 93 5.00 -7.30 -5.25
CA ASP A 93 5.79 -8.51 -5.24
C ASP A 93 5.54 -9.23 -3.92
N LEU A 94 4.65 -10.22 -3.90
CA LEU A 94 4.28 -10.88 -2.66
C LEU A 94 5.06 -12.17 -2.52
N THR A 95 6.05 -12.09 -1.65
CA THR A 95 6.79 -13.23 -1.14
C THR A 95 5.86 -14.13 -0.30
N ALA A 96 6.32 -15.28 0.16
CA ALA A 96 5.51 -16.30 0.82
C ALA A 96 4.61 -15.74 1.94
N ASN A 97 5.07 -14.70 2.66
CA ASN A 97 4.27 -13.95 3.65
C ASN A 97 4.72 -12.48 3.80
N GLN A 98 5.46 -11.92 2.85
CA GLN A 98 5.86 -10.51 2.89
C GLN A 98 5.71 -9.86 1.53
N LEU A 99 4.90 -8.81 1.47
CA LEU A 99 4.76 -7.90 0.36
C LEU A 99 6.03 -7.07 0.22
N THR A 100 6.45 -6.82 -1.00
CA THR A 100 7.48 -5.85 -1.37
C THR A 100 6.94 -5.06 -2.56
N LEU A 101 7.00 -3.73 -2.51
CA LEU A 101 6.63 -2.84 -3.60
C LEU A 101 7.85 -2.20 -4.20
N ALA A 102 7.74 -1.72 -5.44
CA ALA A 102 8.68 -0.80 -6.05
C ALA A 102 7.92 0.02 -7.09
N THR A 103 8.43 1.19 -7.47
CA THR A 103 8.03 1.99 -8.60
C THR A 103 9.25 2.88 -8.93
N ALA A 104 9.14 3.86 -9.84
CA ALA A 104 10.20 4.84 -9.97
C ALA A 104 10.38 5.65 -8.67
N LYS A 105 9.30 5.95 -7.96
CA LYS A 105 9.33 6.74 -6.73
C LYS A 105 10.21 6.09 -5.69
N GLN A 106 9.70 5.08 -4.99
CA GLN A 106 10.28 4.46 -3.81
C GLN A 106 9.80 3.00 -3.76
N THR A 107 10.18 2.27 -2.73
CA THR A 107 9.88 0.86 -2.52
C THR A 107 9.52 0.70 -1.04
N LEU A 108 8.46 -0.02 -0.69
CA LEU A 108 8.03 -0.25 0.68
C LEU A 108 7.91 -1.76 0.90
N THR A 109 7.96 -2.21 2.15
CA THR A 109 7.80 -3.61 2.53
C THR A 109 6.64 -3.71 3.50
N TYR A 110 5.76 -4.71 3.35
CA TYR A 110 4.59 -4.91 4.19
C TYR A 110 4.42 -6.39 4.59
N LYS A 111 3.93 -6.69 5.79
CA LYS A 111 3.76 -8.08 6.25
C LYS A 111 2.38 -8.60 5.88
N LEU A 112 2.25 -9.91 5.67
CA LEU A 112 0.98 -10.65 5.74
C LEU A 112 0.58 -10.83 7.22
N ALA A 113 0.66 -9.78 8.02
CA ALA A 113 -0.02 -9.71 9.28
C ALA A 113 -1.43 -9.25 8.93
N ASP A 114 -2.38 -10.18 8.91
CA ASP A 114 -3.80 -9.85 8.81
C ASP A 114 -4.54 -10.38 10.02
N LEU A 115 -4.18 -9.81 11.17
CA LEU A 115 -4.69 -10.08 12.51
C LEU A 115 -4.58 -11.53 12.97
N MET A 116 -3.95 -12.38 12.15
CA MET A 116 -4.11 -13.84 12.19
C MET A 116 -5.59 -14.17 12.02
N ASN A 117 -6.09 -14.06 10.79
CA ASN A 117 -7.48 -14.30 10.43
C ASN A 117 -7.59 -14.65 8.95
N MET A 1 4.01 -15.70 -10.35
CA MET A 1 3.55 -14.33 -10.29
C MET A 1 2.53 -14.24 -9.15
N VAL A 2 2.53 -13.14 -8.39
CA VAL A 2 1.47 -12.89 -7.43
C VAL A 2 0.15 -12.82 -8.18
N THR A 3 -0.91 -13.31 -7.53
CA THR A 3 -2.26 -13.18 -8.03
C THR A 3 -3.08 -12.22 -7.15
N PRO A 4 -4.11 -11.57 -7.71
CA PRO A 4 -4.95 -10.62 -6.99
C PRO A 4 -5.75 -11.30 -5.87
N GLU A 5 -6.13 -12.54 -6.10
CA GLU A 5 -6.69 -13.43 -5.08
C GLU A 5 -5.83 -13.45 -3.80
N GLN A 6 -4.49 -13.36 -3.91
CA GLN A 6 -3.57 -13.29 -2.77
C GLN A 6 -3.62 -11.93 -2.04
N LEU A 7 -4.53 -11.02 -2.42
CA LEU A 7 -4.59 -9.64 -1.97
C LEU A 7 -6.02 -9.29 -1.54
N GLN A 8 -7.02 -9.48 -2.41
CA GLN A 8 -8.44 -9.08 -2.25
C GLN A 8 -9.14 -9.59 -0.97
N HIS A 9 -8.50 -10.45 -0.19
CA HIS A 9 -9.01 -11.00 1.06
C HIS A 9 -7.92 -11.08 2.13
N HIS A 10 -6.94 -10.17 2.10
CA HIS A 10 -5.86 -10.06 3.09
C HIS A 10 -5.54 -8.60 3.40
N ARG A 11 -5.25 -8.31 4.67
CA ARG A 11 -4.68 -7.03 5.12
C ARG A 11 -3.16 -7.13 5.04
N PHE A 12 -2.52 -5.99 4.78
CA PHE A 12 -1.08 -5.82 4.88
C PHE A 12 -0.79 -4.48 5.47
N VAL A 13 0.37 -4.41 6.09
CA VAL A 13 0.82 -3.28 6.85
C VAL A 13 2.19 -2.91 6.31
N LEU A 14 2.47 -1.62 6.17
CA LEU A 14 3.79 -1.13 5.79
C LEU A 14 4.69 -1.31 7.00
N GLU A 15 5.45 -2.41 6.98
CA GLU A 15 6.43 -2.74 8.01
C GLU A 15 7.52 -1.67 7.99
N SER A 16 8.13 -1.45 6.82
CA SER A 16 9.27 -0.57 6.70
C SER A 16 9.41 -0.05 5.27
N VAL A 17 10.01 1.13 5.16
CA VAL A 17 10.12 1.93 3.96
C VAL A 17 11.60 1.92 3.54
N ASN A 18 11.92 2.41 2.34
CA ASN A 18 13.27 2.47 1.79
C ASN A 18 14.31 3.25 2.61
N GLY A 19 13.96 3.86 3.75
CA GLY A 19 14.90 4.65 4.55
C GLY A 19 14.67 4.61 6.06
N LYS A 20 13.62 3.95 6.56
CA LYS A 20 13.33 3.75 7.99
C LYS A 20 12.05 2.94 8.16
N PRO A 21 11.81 2.35 9.35
CA PRO A 21 10.54 1.72 9.71
C PRO A 21 9.44 2.76 9.84
N VAL A 22 8.23 2.31 10.15
CA VAL A 22 7.13 3.20 10.53
C VAL A 22 6.81 3.03 12.03
N THR A 23 6.26 4.08 12.64
CA THR A 23 5.77 4.12 14.01
C THR A 23 4.35 4.72 13.97
N SER A 24 3.32 3.89 14.14
CA SER A 24 1.94 4.34 14.36
C SER A 24 1.13 3.17 14.91
N ASP A 25 1.03 3.08 16.24
CA ASP A 25 0.41 1.93 16.90
C ASP A 25 -1.12 2.02 16.85
N LYS A 26 -1.70 3.13 16.37
CA LYS A 26 -3.16 3.32 16.31
C LYS A 26 -3.68 3.47 14.90
N ASN A 27 -2.90 4.07 14.01
CA ASN A 27 -3.23 4.19 12.59
C ASN A 27 -1.99 3.93 11.75
N PRO A 28 -1.59 2.66 11.57
CA PRO A 28 -0.50 2.32 10.67
C PRO A 28 -0.86 2.69 9.22
N PRO A 29 0.12 2.92 8.34
CA PRO A 29 -0.06 2.85 6.90
C PRO A 29 -0.27 1.39 6.52
N GLU A 30 -1.46 0.87 6.81
CA GLU A 30 -1.87 -0.41 6.28
C GLU A 30 -2.53 -0.18 4.91
N ILE A 31 -2.65 -1.27 4.16
CA ILE A 31 -3.35 -1.38 2.92
C ILE A 31 -4.25 -2.62 3.06
N SER A 32 -5.44 -2.54 2.50
CA SER A 32 -6.34 -3.66 2.38
C SER A 32 -6.96 -3.55 1.00
N PHE A 33 -7.56 -4.65 0.56
CA PHE A 33 -7.97 -4.84 -0.80
C PHE A 33 -9.26 -5.64 -0.74
N GLY A 34 -10.21 -5.36 -1.63
CA GLY A 34 -11.31 -6.25 -1.98
C GLY A 34 -11.99 -5.76 -3.24
N GLU A 35 -12.57 -6.70 -3.98
CA GLU A 35 -13.19 -6.74 -5.31
C GLU A 35 -12.38 -6.02 -6.39
N LYS A 36 -12.38 -6.49 -7.64
CA LYS A 36 -11.80 -5.77 -8.79
C LYS A 36 -10.35 -5.27 -8.59
N MET A 37 -9.59 -5.78 -7.61
CA MET A 37 -8.32 -5.23 -7.16
C MET A 37 -8.43 -3.80 -6.57
N MET A 38 -9.59 -3.40 -6.01
CA MET A 38 -9.72 -2.13 -5.31
C MET A 38 -8.82 -2.09 -4.10
N ILE A 39 -8.52 -0.89 -3.64
CA ILE A 39 -7.48 -0.60 -2.67
C ILE A 39 -8.07 0.36 -1.65
N SER A 40 -7.94 0.05 -0.36
CA SER A 40 -8.36 0.88 0.75
C SER A 40 -7.21 0.97 1.75
N GLY A 41 -6.63 2.15 1.92
CA GLY A 41 -5.51 2.38 2.83
C GLY A 41 -5.48 3.83 3.30
N SER A 42 -4.53 4.18 4.15
CA SER A 42 -4.46 5.51 4.74
C SER A 42 -3.05 5.73 5.28
N MET A 43 -2.16 6.32 4.46
CA MET A 43 -0.82 6.67 4.93
C MET A 43 -0.94 7.82 5.92
N CYS A 44 -1.61 8.90 5.51
CA CYS A 44 -1.89 10.06 6.34
C CYS A 44 -3.16 10.71 5.81
N ASN A 45 -3.13 11.18 4.57
CA ASN A 45 -4.21 11.93 3.93
C ASN A 45 -5.40 11.06 3.52
N ARG A 46 -5.50 9.82 4.03
CA ARG A 46 -6.24 8.70 3.47
C ARG A 46 -5.88 8.42 2.01
N PHE A 47 -6.33 7.28 1.47
CA PHE A 47 -6.38 7.02 0.04
C PHE A 47 -7.33 5.86 -0.26
N SER A 48 -7.54 5.63 -1.55
CA SER A 48 -8.37 4.59 -2.13
C SER A 48 -8.33 4.71 -3.64
N GLY A 49 -8.46 3.59 -4.37
CA GLY A 49 -8.60 3.61 -5.82
C GLY A 49 -8.73 2.19 -6.36
N GLU A 50 -9.16 2.06 -7.61
CA GLU A 50 -9.26 0.78 -8.31
C GLU A 50 -7.87 0.35 -8.80
N GLY A 51 -7.20 -0.50 -8.03
CA GLY A 51 -6.05 -1.27 -8.50
C GLY A 51 -6.40 -2.23 -9.62
N LYS A 52 -5.40 -2.95 -10.14
CA LYS A 52 -5.56 -4.11 -11.01
C LYS A 52 -4.29 -4.96 -10.90
N LEU A 53 -4.32 -6.26 -11.25
CA LEU A 53 -3.16 -7.15 -11.29
C LEU A 53 -3.44 -8.30 -12.25
N SER A 54 -3.08 -8.11 -13.52
CA SER A 54 -3.30 -9.07 -14.60
C SER A 54 -2.05 -9.09 -15.50
N ASN A 55 -0.89 -8.93 -14.87
CA ASN A 55 0.40 -8.65 -15.47
C ASN A 55 1.42 -8.93 -14.38
N GLY A 56 1.61 -7.97 -13.48
CA GLY A 56 2.59 -7.88 -12.41
C GLY A 56 2.69 -6.44 -11.91
N GLU A 57 1.70 -5.59 -12.24
CA GLU A 57 1.78 -4.15 -12.07
C GLU A 57 0.47 -3.67 -11.46
N LEU A 58 0.55 -2.84 -10.40
CA LEU A 58 -0.57 -2.31 -9.64
C LEU A 58 -0.68 -0.80 -9.89
N THR A 59 -1.46 -0.42 -10.90
CA THR A 59 -1.81 0.97 -11.17
C THR A 59 -3.17 1.26 -10.52
N ALA A 60 -3.28 2.36 -9.77
CA ALA A 60 -4.57 2.88 -9.34
C ALA A 60 -5.24 3.58 -10.51
N LYS A 61 -6.54 3.36 -10.69
CA LYS A 61 -7.34 4.09 -11.67
C LYS A 61 -7.47 5.58 -11.31
N GLY A 62 -7.31 5.95 -10.04
CA GLY A 62 -7.43 7.32 -9.57
C GLY A 62 -7.44 7.29 -8.05
N LEU A 63 -6.39 7.82 -7.42
CA LEU A 63 -6.33 7.93 -5.97
C LEU A 63 -7.19 9.13 -5.56
N ALA A 64 -8.29 8.86 -4.87
CA ALA A 64 -9.11 9.86 -4.18
C ALA A 64 -8.64 10.08 -2.74
N MET A 65 -7.72 11.01 -2.49
CA MET A 65 -7.23 11.29 -1.14
C MET A 65 -8.04 12.45 -0.52
N THR A 66 -7.73 12.84 0.71
CA THR A 66 -8.51 13.81 1.49
C THR A 66 -7.62 15.01 1.86
N ARG A 67 -8.04 15.85 2.81
CA ARG A 67 -7.37 17.09 3.24
C ARG A 67 -7.18 17.08 4.77
N MET A 68 -6.62 16.00 5.32
CA MET A 68 -6.34 15.77 6.74
C MET A 68 -4.83 15.73 7.02
N MET A 69 -4.45 15.46 8.26
CA MET A 69 -3.08 15.38 8.75
C MET A 69 -2.97 14.22 9.75
N CYS A 70 -1.76 13.96 10.23
CA CYS A 70 -1.36 12.78 10.98
C CYS A 70 -0.41 13.18 12.10
N ALA A 71 -0.38 12.39 13.17
CA ALA A 71 0.43 12.63 14.36
C ALA A 71 1.90 12.22 14.20
N ASN A 72 2.35 11.83 13.01
CA ASN A 72 3.77 11.58 12.78
C ASN A 72 4.16 12.21 11.44
N PRO A 73 5.35 12.79 11.29
CA PRO A 73 5.68 13.59 10.11
C PRO A 73 5.96 12.74 8.88
N GLN A 74 6.58 11.58 9.08
CA GLN A 74 6.84 10.61 8.02
C GLN A 74 5.53 10.14 7.38
N LEU A 75 4.43 9.98 8.13
CA LEU A 75 3.13 9.62 7.56
C LEU A 75 2.70 10.69 6.55
N ASN A 76 2.92 11.96 6.88
CA ASN A 76 2.57 13.10 6.04
C ASN A 76 3.43 13.16 4.78
N GLU A 77 4.60 12.53 4.78
CA GLU A 77 5.45 12.38 3.60
C GLU A 77 4.95 11.22 2.74
N LEU A 78 4.55 10.11 3.37
CA LEU A 78 4.17 8.86 2.70
C LEU A 78 2.93 9.02 1.80
N ASP A 79 2.21 10.14 1.92
CA ASP A 79 1.25 10.62 0.95
C ASP A 79 1.81 10.53 -0.47
N ASN A 80 2.94 11.19 -0.72
CA ASN A 80 3.48 11.23 -2.07
C ASN A 80 3.97 9.86 -2.47
N THR A 81 4.57 9.12 -1.52
CA THR A 81 5.15 7.83 -1.80
C THR A 81 4.07 6.92 -2.37
N ILE A 82 2.93 6.76 -1.71
CA ILE A 82 1.91 5.85 -2.21
C ILE A 82 1.29 6.37 -3.50
N SER A 83 1.05 7.68 -3.59
CA SER A 83 0.36 8.27 -4.74
C SER A 83 1.19 7.99 -6.00
N GLU A 84 2.46 8.34 -5.98
CA GLU A 84 3.39 8.14 -7.08
C GLU A 84 3.53 6.67 -7.42
N MET A 85 3.68 5.79 -6.41
CA MET A 85 3.93 4.38 -6.65
C MET A 85 2.70 3.72 -7.29
N LEU A 86 1.53 4.34 -7.23
CA LEU A 86 0.29 3.79 -7.76
C LEU A 86 -0.14 4.48 -9.05
N LYS A 87 0.26 5.73 -9.28
CA LYS A 87 0.04 6.40 -10.55
C LYS A 87 0.97 5.79 -11.58
N GLU A 88 2.28 5.79 -11.32
CA GLU A 88 3.22 5.40 -12.38
C GLU A 88 3.18 3.90 -12.66
N GLY A 89 2.83 3.08 -11.67
CA GLY A 89 2.63 1.64 -11.83
C GLY A 89 3.58 0.87 -10.93
N ALA A 90 3.10 0.48 -9.76
CA ALA A 90 3.85 -0.31 -8.80
C ALA A 90 4.15 -1.66 -9.44
N GLN A 91 5.39 -2.17 -9.34
CA GLN A 91 5.59 -3.61 -9.42
C GLN A 91 5.08 -4.15 -8.10
N VAL A 92 4.42 -5.30 -8.13
CA VAL A 92 3.78 -5.89 -6.97
C VAL A 92 4.20 -7.34 -6.97
N ASP A 93 4.86 -7.79 -5.89
CA ASP A 93 5.49 -9.10 -5.83
C ASP A 93 5.27 -9.63 -4.41
N LEU A 94 4.17 -10.34 -4.18
CA LEU A 94 3.82 -10.91 -2.87
C LEU A 94 4.25 -12.36 -2.87
N THR A 95 5.28 -12.65 -2.07
CA THR A 95 5.82 -13.98 -1.83
C THR A 95 4.89 -14.74 -0.87
N ALA A 96 5.33 -15.85 -0.28
CA ALA A 96 4.53 -16.67 0.63
C ALA A 96 4.06 -15.96 1.91
N ASN A 97 4.51 -14.74 2.22
CA ASN A 97 4.01 -13.86 3.28
C ASN A 97 4.61 -12.44 3.30
N GLN A 98 5.46 -12.05 2.34
CA GLN A 98 6.12 -10.72 2.29
C GLN A 98 5.71 -10.03 0.98
N LEU A 99 5.30 -8.75 1.04
CA LEU A 99 4.97 -7.95 -0.13
C LEU A 99 6.15 -7.06 -0.50
N THR A 100 6.71 -7.29 -1.68
CA THR A 100 7.70 -6.43 -2.30
C THR A 100 6.96 -5.46 -3.22
N LEU A 101 7.05 -4.14 -2.96
CA LEU A 101 6.63 -3.09 -3.90
C LEU A 101 7.90 -2.39 -4.37
N ALA A 102 8.20 -2.38 -5.66
CA ALA A 102 9.25 -1.56 -6.27
C ALA A 102 8.65 -0.69 -7.38
N THR A 103 9.14 0.53 -7.58
CA THR A 103 8.70 1.44 -8.62
C THR A 103 9.85 2.35 -9.05
N ALA A 104 9.61 3.16 -10.08
CA ALA A 104 10.52 4.23 -10.53
C ALA A 104 10.97 5.16 -9.40
N LYS A 105 10.13 5.35 -8.36
CA LYS A 105 10.52 6.11 -7.19
C LYS A 105 11.36 5.26 -6.24
N GLN A 106 10.73 4.33 -5.54
CA GLN A 106 11.21 3.78 -4.28
C GLN A 106 10.84 2.30 -4.22
N THR A 107 11.25 1.60 -3.15
CA THR A 107 10.81 0.25 -2.84
C THR A 107 10.38 0.22 -1.37
N LEU A 108 9.31 -0.53 -1.07
CA LEU A 108 8.70 -0.72 0.22
C LEU A 108 8.61 -2.21 0.50
N THR A 109 8.42 -2.55 1.78
CA THR A 109 8.21 -3.92 2.21
C THR A 109 7.00 -3.94 3.14
N TYR A 110 5.88 -4.52 2.67
CA TYR A 110 4.70 -4.71 3.50
C TYR A 110 4.69 -6.15 4.02
N LYS A 111 3.86 -6.40 5.04
CA LYS A 111 3.78 -7.65 5.78
C LYS A 111 2.33 -8.09 5.88
N LEU A 112 2.05 -9.38 5.69
CA LEU A 112 0.81 -10.08 5.95
C LEU A 112 0.54 -10.15 7.47
N ALA A 113 0.35 -9.02 8.14
CA ALA A 113 -0.21 -8.99 9.48
C ALA A 113 -1.73 -8.90 9.30
N ASP A 114 -2.35 -10.04 9.01
CA ASP A 114 -3.72 -10.16 8.55
C ASP A 114 -4.74 -10.12 9.71
N LEU A 115 -4.29 -9.60 10.86
CA LEU A 115 -4.94 -9.58 12.17
C LEU A 115 -5.21 -10.98 12.71
N MET A 116 -4.55 -11.99 12.14
CA MET A 116 -4.49 -13.34 12.63
C MET A 116 -3.13 -13.90 12.19
N ASN A 117 -2.50 -14.72 13.02
CA ASN A 117 -1.16 -15.22 12.75
C ASN A 117 -1.17 -16.13 11.52
N MET A 1 4.06 -16.83 -9.07
CA MET A 1 3.71 -15.48 -9.49
C MET A 1 2.62 -14.93 -8.57
N VAL A 2 2.67 -13.64 -8.23
CA VAL A 2 1.65 -13.02 -7.40
C VAL A 2 0.32 -12.96 -8.16
N THR A 3 -0.82 -13.09 -7.47
CA THR A 3 -2.13 -13.19 -8.12
C THR A 3 -3.15 -12.30 -7.40
N PRO A 4 -4.28 -11.97 -8.04
CA PRO A 4 -5.35 -11.23 -7.39
C PRO A 4 -5.90 -11.93 -6.15
N GLU A 5 -6.27 -13.20 -6.28
CA GLU A 5 -7.00 -13.93 -5.24
C GLU A 5 -6.25 -14.00 -3.90
N GLN A 6 -4.91 -13.96 -3.92
CA GLN A 6 -4.10 -13.93 -2.70
C GLN A 6 -4.01 -12.53 -2.06
N LEU A 7 -4.78 -11.55 -2.53
CA LEU A 7 -4.61 -10.16 -2.11
C LEU A 7 -5.92 -9.59 -1.61
N GLN A 8 -7.00 -9.75 -2.38
CA GLN A 8 -8.34 -9.20 -2.09
C GLN A 8 -8.91 -9.58 -0.72
N HIS A 9 -8.36 -10.61 -0.10
CA HIS A 9 -8.88 -11.19 1.13
C HIS A 9 -7.79 -11.22 2.22
N HIS A 10 -6.63 -10.57 2.00
CA HIS A 10 -5.44 -10.69 2.81
C HIS A 10 -4.90 -9.28 3.12
N ARG A 11 -5.03 -8.86 4.38
CA ARG A 11 -4.50 -7.57 4.84
C ARG A 11 -2.98 -7.55 4.79
N PHE A 12 -2.42 -6.36 4.67
CA PHE A 12 -1.00 -6.09 4.85
C PHE A 12 -0.82 -4.89 5.76
N VAL A 13 0.35 -4.77 6.38
CA VAL A 13 0.75 -3.59 7.13
C VAL A 13 2.14 -3.16 6.67
N LEU A 14 2.32 -1.85 6.47
CA LEU A 14 3.59 -1.22 6.10
C LEU A 14 4.49 -1.31 7.32
N GLU A 15 5.18 -2.43 7.45
CA GLU A 15 6.12 -2.68 8.53
C GLU A 15 7.32 -1.76 8.38
N SER A 16 7.90 -1.65 7.18
CA SER A 16 9.10 -0.85 6.99
C SER A 16 9.22 -0.34 5.56
N VAL A 17 9.68 0.90 5.44
CA VAL A 17 9.77 1.65 4.19
C VAL A 17 11.23 1.58 3.69
N ASN A 18 11.45 2.06 2.47
CA ASN A 18 12.74 2.06 1.79
C ASN A 18 13.88 2.51 2.71
N GLY A 19 13.69 3.63 3.38
CA GLY A 19 14.65 4.16 4.34
C GLY A 19 14.54 3.45 5.68
N LYS A 20 13.44 3.67 6.39
CA LYS A 20 13.25 3.37 7.82
C LYS A 20 11.89 2.73 8.07
N PRO A 21 11.66 2.13 9.25
CA PRO A 21 10.31 1.84 9.70
C PRO A 21 9.57 3.14 10.00
N VAL A 22 8.29 3.02 10.36
CA VAL A 22 7.42 4.14 10.74
C VAL A 22 6.71 3.77 12.05
N THR A 23 6.15 4.73 12.78
CA THR A 23 5.31 4.47 13.96
C THR A 23 4.15 5.48 13.97
N SER A 24 2.97 5.03 14.39
CA SER A 24 1.72 5.80 14.40
C SER A 24 0.85 5.39 15.59
N ASP A 25 1.45 5.08 16.74
CA ASP A 25 0.77 4.66 17.97
C ASP A 25 -0.17 3.51 17.70
N LYS A 26 0.36 2.46 17.08
CA LYS A 26 -0.35 1.24 16.75
C LYS A 26 -1.48 1.48 15.74
N ASN A 27 -1.58 2.66 15.13
CA ASN A 27 -2.51 2.96 14.03
C ASN A 27 -1.74 3.24 12.74
N PRO A 28 -0.92 2.30 12.24
CA PRO A 28 0.07 2.52 11.19
C PRO A 28 -0.55 2.60 9.78
N PRO A 29 0.24 2.97 8.73
CA PRO A 29 -0.14 2.91 7.33
C PRO A 29 -0.35 1.47 6.85
N GLU A 30 -1.34 0.76 7.39
CA GLU A 30 -1.72 -0.54 6.89
C GLU A 30 -2.38 -0.39 5.52
N ILE A 31 -2.50 -1.48 4.77
CA ILE A 31 -3.16 -1.48 3.48
C ILE A 31 -3.99 -2.76 3.36
N SER A 32 -5.11 -2.66 2.66
CA SER A 32 -6.02 -3.75 2.45
C SER A 32 -6.47 -3.68 1.00
N PHE A 33 -6.86 -4.82 0.47
CA PHE A 33 -7.36 -4.98 -0.88
C PHE A 33 -8.72 -5.67 -0.77
N GLY A 34 -9.49 -5.71 -1.86
CA GLY A 34 -10.81 -6.31 -1.90
C GLY A 34 -11.60 -5.72 -3.05
N GLU A 35 -12.77 -6.28 -3.37
CA GLU A 35 -13.83 -5.71 -4.19
C GLU A 35 -13.31 -5.03 -5.47
N LYS A 36 -13.16 -5.79 -6.56
CA LYS A 36 -12.62 -5.33 -7.85
C LYS A 36 -11.12 -5.02 -7.78
N MET A 37 -10.36 -5.61 -6.86
CA MET A 37 -8.92 -5.33 -6.70
C MET A 37 -8.70 -3.87 -6.27
N MET A 38 -9.73 -3.24 -5.68
CA MET A 38 -9.59 -1.92 -5.07
C MET A 38 -8.61 -1.99 -3.91
N ILE A 39 -8.06 -0.83 -3.60
CA ILE A 39 -7.07 -0.62 -2.56
C ILE A 39 -7.66 0.34 -1.54
N SER A 40 -7.57 -0.02 -0.27
CA SER A 40 -8.05 0.75 0.87
C SER A 40 -6.89 0.84 1.86
N GLY A 41 -6.40 2.05 2.13
CA GLY A 41 -5.29 2.32 3.03
C GLY A 41 -5.21 3.81 3.30
N SER A 42 -4.24 4.22 4.13
CA SER A 42 -4.09 5.61 4.53
C SER A 42 -2.64 5.87 4.91
N MET A 43 -1.89 6.52 4.02
CA MET A 43 -0.52 6.92 4.32
C MET A 43 -0.53 8.05 5.34
N CYS A 44 -1.43 9.01 5.14
CA CYS A 44 -1.72 10.11 6.05
C CYS A 44 -3.16 10.50 5.73
N ASN A 45 -3.32 11.19 4.62
CA ASN A 45 -4.51 11.97 4.24
C ASN A 45 -5.65 11.09 3.73
N ARG A 46 -5.61 9.79 4.01
CA ARG A 46 -6.33 8.69 3.35
C ARG A 46 -6.09 8.65 1.84
N PHE A 47 -6.34 7.48 1.26
CA PHE A 47 -6.47 7.27 -0.16
C PHE A 47 -7.38 6.06 -0.38
N SER A 48 -7.72 5.85 -1.64
CA SER A 48 -8.51 4.73 -2.11
C SER A 48 -8.32 4.66 -3.63
N GLY A 49 -8.57 3.52 -4.28
CA GLY A 49 -8.71 3.53 -5.73
C GLY A 49 -8.83 2.13 -6.31
N GLU A 50 -9.19 2.06 -7.59
CA GLU A 50 -9.20 0.85 -8.39
C GLU A 50 -7.76 0.46 -8.72
N GLY A 51 -7.23 -0.47 -7.92
CA GLY A 51 -6.12 -1.31 -8.31
C GLY A 51 -6.54 -2.36 -9.32
N LYS A 52 -5.57 -3.15 -9.81
CA LYS A 52 -5.74 -4.22 -10.79
C LYS A 52 -4.45 -5.05 -10.79
N LEU A 53 -4.53 -6.35 -11.09
CA LEU A 53 -3.36 -7.21 -11.19
C LEU A 53 -3.68 -8.40 -12.11
N SER A 54 -2.93 -8.54 -13.19
CA SER A 54 -3.03 -9.69 -14.09
C SER A 54 -1.75 -9.77 -14.94
N ASN A 55 -0.60 -9.51 -14.33
CA ASN A 55 0.66 -9.16 -15.01
C ASN A 55 1.82 -9.06 -14.03
N GLY A 56 1.63 -8.29 -12.96
CA GLY A 56 2.64 -8.02 -11.93
C GLY A 56 2.77 -6.53 -11.60
N GLU A 57 1.85 -5.69 -12.09
CA GLU A 57 1.92 -4.25 -11.92
C GLU A 57 0.57 -3.72 -11.43
N LEU A 58 0.58 -2.84 -10.43
CA LEU A 58 -0.58 -2.34 -9.70
C LEU A 58 -0.75 -0.83 -9.94
N THR A 59 -1.37 -0.46 -11.06
CA THR A 59 -1.67 0.93 -11.40
C THR A 59 -2.95 1.40 -10.71
N ALA A 60 -2.98 2.65 -10.23
CA ALA A 60 -4.15 3.31 -9.66
C ALA A 60 -4.94 4.03 -10.75
N LYS A 61 -6.17 3.60 -10.98
CA LYS A 61 -7.08 4.24 -11.93
C LYS A 61 -7.51 5.65 -11.49
N GLY A 62 -7.21 6.09 -10.26
CA GLY A 62 -7.57 7.40 -9.75
C GLY A 62 -7.55 7.36 -8.22
N LEU A 63 -6.65 8.11 -7.59
CA LEU A 63 -6.41 8.06 -6.15
C LEU A 63 -7.17 9.17 -5.45
N ALA A 64 -8.22 8.78 -4.73
CA ALA A 64 -9.10 9.73 -4.04
C ALA A 64 -8.66 9.88 -2.59
N MET A 65 -8.10 11.02 -2.25
CA MET A 65 -7.50 11.35 -0.95
C MET A 65 -8.36 12.41 -0.23
N THR A 66 -7.95 12.86 0.96
CA THR A 66 -8.67 13.88 1.73
C THR A 66 -7.79 15.09 2.06
N ARG A 67 -8.35 16.04 2.85
CA ARG A 67 -7.76 17.31 3.22
C ARG A 67 -7.72 17.46 4.74
N MET A 68 -6.81 16.74 5.37
CA MET A 68 -6.50 16.84 6.79
C MET A 68 -5.01 16.67 7.06
N MET A 69 -4.56 17.18 8.21
CA MET A 69 -3.20 17.16 8.71
C MET A 69 -3.09 16.12 9.83
N CYS A 70 -2.03 15.32 9.77
CA CYS A 70 -1.79 14.16 10.64
C CYS A 70 -0.81 14.43 11.78
N ALA A 71 -0.17 15.60 11.83
CA ALA A 71 0.96 15.97 12.69
C ALA A 71 2.25 15.22 12.35
N ASN A 72 2.20 13.91 12.14
CA ASN A 72 3.43 13.17 11.87
C ASN A 72 3.98 13.59 10.50
N PRO A 73 5.31 13.70 10.32
CA PRO A 73 5.87 14.08 9.03
C PRO A 73 5.90 12.88 8.09
N GLN A 74 6.26 11.72 8.60
CA GLN A 74 6.55 10.54 7.79
C GLN A 74 5.31 10.12 6.98
N LEU A 75 4.14 10.09 7.62
CA LEU A 75 2.85 9.93 6.97
C LEU A 75 2.67 10.96 5.84
N ASN A 76 2.88 12.24 6.17
CA ASN A 76 2.67 13.40 5.30
C ASN A 76 3.72 13.50 4.17
N GLU A 77 4.67 12.59 4.12
CA GLU A 77 5.63 12.41 3.03
C GLU A 77 5.20 11.23 2.15
N LEU A 78 4.71 10.16 2.78
CA LEU A 78 4.28 8.92 2.15
C LEU A 78 3.02 9.13 1.31
N ASP A 79 2.22 10.15 1.60
CA ASP A 79 1.04 10.51 0.82
C ASP A 79 1.41 10.81 -0.63
N ASN A 80 2.59 11.40 -0.88
CA ASN A 80 3.02 11.67 -2.24
C ASN A 80 3.73 10.46 -2.80
N THR A 81 4.51 9.73 -1.99
CA THR A 81 5.14 8.50 -2.42
C THR A 81 4.09 7.56 -3.02
N ILE A 82 3.02 7.23 -2.28
CA ILE A 82 2.07 6.25 -2.77
C ILE A 82 1.33 6.77 -4.01
N SER A 83 1.01 8.05 -4.03
CA SER A 83 0.32 8.66 -5.15
C SER A 83 1.17 8.49 -6.41
N GLU A 84 2.45 8.83 -6.34
CA GLU A 84 3.40 8.81 -7.44
C GLU A 84 3.65 7.38 -7.92
N MET A 85 3.90 6.44 -6.98
CA MET A 85 4.21 5.05 -7.27
C MET A 85 3.06 4.44 -8.08
N LEU A 86 1.85 4.58 -7.56
CA LEU A 86 0.69 3.89 -8.11
C LEU A 86 0.23 4.55 -9.41
N LYS A 87 0.56 5.82 -9.64
CA LYS A 87 0.13 6.52 -10.84
C LYS A 87 0.84 5.90 -12.03
N GLU A 88 2.15 5.69 -11.91
CA GLU A 88 2.93 5.05 -12.96
C GLU A 88 2.59 3.57 -13.03
N GLY A 89 2.65 2.84 -11.91
CA GLY A 89 2.56 1.40 -11.91
C GLY A 89 3.64 0.84 -11.02
N ALA A 90 3.25 0.53 -9.78
CA ALA A 90 4.15 -0.16 -8.88
C ALA A 90 4.23 -1.61 -9.35
N GLN A 91 5.43 -2.15 -9.49
CA GLN A 91 5.63 -3.58 -9.49
C GLN A 91 5.19 -4.07 -8.12
N VAL A 92 4.36 -5.09 -8.14
CA VAL A 92 3.78 -5.71 -6.97
C VAL A 92 4.30 -7.13 -7.01
N ASP A 93 4.95 -7.57 -5.94
CA ASP A 93 5.37 -8.94 -5.80
C ASP A 93 5.09 -9.32 -4.36
N LEU A 94 4.58 -10.54 -4.18
CA LEU A 94 4.22 -11.07 -2.88
C LEU A 94 4.80 -12.47 -2.81
N THR A 95 5.73 -12.64 -1.89
CA THR A 95 6.30 -13.92 -1.55
C THR A 95 5.39 -14.66 -0.56
N ALA A 96 5.90 -15.70 0.10
CA ALA A 96 5.16 -16.54 1.03
C ALA A 96 4.38 -15.72 2.08
N ASN A 97 4.95 -14.64 2.63
CA ASN A 97 4.30 -13.81 3.65
C ASN A 97 4.85 -12.38 3.72
N GLN A 98 5.44 -11.86 2.63
CA GLN A 98 6.05 -10.53 2.58
C GLN A 98 5.67 -9.87 1.24
N LEU A 99 5.04 -8.70 1.29
CA LEU A 99 4.77 -7.86 0.14
C LEU A 99 6.04 -7.05 -0.16
N THR A 100 6.49 -7.04 -1.40
CA THR A 100 7.55 -6.21 -1.93
C THR A 100 6.94 -5.32 -3.00
N LEU A 101 6.92 -4.02 -2.74
CA LEU A 101 6.37 -3.00 -3.61
C LEU A 101 7.50 -2.13 -4.05
N ALA A 102 7.71 -1.99 -5.35
CA ALA A 102 8.75 -1.15 -5.92
C ALA A 102 8.19 -0.41 -7.13
N THR A 103 8.81 0.70 -7.53
CA THR A 103 8.47 1.50 -8.67
C THR A 103 9.76 2.23 -9.09
N ALA A 104 9.75 3.05 -10.14
CA ALA A 104 10.92 3.85 -10.48
C ALA A 104 11.32 4.81 -9.35
N LYS A 105 10.38 5.21 -8.50
CA LYS A 105 10.65 6.12 -7.40
C LYS A 105 11.31 5.39 -6.25
N GLN A 106 10.57 4.55 -5.54
CA GLN A 106 11.01 4.02 -4.26
C GLN A 106 10.33 2.67 -4.01
N THR A 107 10.46 2.15 -2.79
CA THR A 107 9.99 0.83 -2.42
C THR A 107 9.44 0.82 -0.99
N LEU A 108 8.69 -0.22 -0.66
CA LEU A 108 7.89 -0.42 0.54
C LEU A 108 7.87 -1.94 0.80
N THR A 109 8.09 -2.38 2.03
CA THR A 109 7.99 -3.79 2.43
C THR A 109 6.84 -3.88 3.42
N TYR A 110 5.80 -4.62 3.05
CA TYR A 110 4.66 -4.86 3.92
C TYR A 110 4.69 -6.32 4.42
N LYS A 111 3.85 -6.62 5.40
CA LYS A 111 3.82 -7.86 6.17
C LYS A 111 2.40 -8.38 6.19
N LEU A 112 2.22 -9.70 6.12
CA LEU A 112 0.97 -10.42 6.30
C LEU A 112 0.50 -10.38 7.77
N ALA A 113 0.26 -9.19 8.32
CA ALA A 113 -0.51 -9.01 9.53
C ALA A 113 -1.96 -8.91 9.09
N ASP A 114 -2.72 -9.99 9.27
CA ASP A 114 -4.15 -10.02 9.00
C ASP A 114 -4.87 -10.70 10.18
N LEU A 115 -4.48 -10.28 11.38
CA LEU A 115 -4.96 -10.72 12.68
C LEU A 115 -4.86 -12.22 12.97
N MET A 116 -4.25 -12.98 12.05
CA MET A 116 -4.37 -14.42 11.90
C MET A 116 -5.86 -14.77 11.76
N ASN A 117 -6.40 -14.62 10.56
CA ASN A 117 -7.82 -14.82 10.26
C ASN A 117 -8.09 -14.96 8.76
N MET A 1 4.29 -16.63 -8.59
CA MET A 1 4.10 -15.19 -8.76
C MET A 1 2.87 -14.78 -7.94
N VAL A 2 2.84 -13.50 -7.56
CA VAL A 2 1.70 -12.91 -6.90
C VAL A 2 0.45 -13.05 -7.79
N THR A 3 -0.72 -13.30 -7.19
CA THR A 3 -2.00 -13.30 -7.90
C THR A 3 -2.96 -12.31 -7.25
N PRO A 4 -4.05 -11.91 -7.93
CA PRO A 4 -5.07 -11.06 -7.34
C PRO A 4 -5.78 -11.74 -6.16
N GLU A 5 -5.99 -13.05 -6.29
CA GLU A 5 -6.78 -13.83 -5.35
C GLU A 5 -6.22 -13.71 -3.93
N GLN A 6 -4.94 -14.06 -3.75
CA GLN A 6 -4.15 -14.02 -2.51
C GLN A 6 -3.95 -12.61 -1.93
N LEU A 7 -4.76 -11.64 -2.35
CA LEU A 7 -4.69 -10.24 -1.97
C LEU A 7 -6.09 -9.72 -1.63
N GLN A 8 -7.09 -9.95 -2.48
CA GLN A 8 -8.46 -9.44 -2.27
C GLN A 8 -9.11 -9.90 -0.96
N HIS A 9 -8.62 -10.98 -0.37
CA HIS A 9 -9.15 -11.52 0.88
C HIS A 9 -8.14 -11.34 2.02
N HIS A 10 -7.07 -10.56 1.85
CA HIS A 10 -5.91 -10.52 2.73
C HIS A 10 -5.50 -9.07 2.98
N ARG A 11 -5.66 -8.58 4.22
CA ARG A 11 -5.14 -7.27 4.62
C ARG A 11 -3.61 -7.31 4.65
N PHE A 12 -2.98 -6.16 4.43
CA PHE A 12 -1.55 -6.00 4.54
C PHE A 12 -1.27 -4.67 5.22
N VAL A 13 -0.11 -4.57 5.83
CA VAL A 13 0.30 -3.38 6.53
C VAL A 13 1.76 -3.03 6.33
N LEU A 14 2.02 -1.78 5.93
CA LEU A 14 3.35 -1.25 5.74
C LEU A 14 4.11 -1.42 7.03
N GLU A 15 5.20 -2.17 6.94
CA GLU A 15 5.97 -2.55 8.10
C GLU A 15 7.25 -1.74 8.13
N SER A 16 7.93 -1.63 7.00
CA SER A 16 9.09 -0.79 6.89
C SER A 16 9.17 -0.10 5.53
N VAL A 17 9.80 1.07 5.51
CA VAL A 17 10.12 1.83 4.31
C VAL A 17 11.34 1.14 3.66
N ASN A 18 11.77 1.62 2.49
CA ASN A 18 13.01 1.27 1.81
C ASN A 18 14.22 1.24 2.75
N GLY A 19 14.26 2.13 3.75
CA GLY A 19 15.43 2.40 4.56
C GLY A 19 15.25 2.01 6.03
N LYS A 20 14.21 2.50 6.70
CA LYS A 20 13.92 2.15 8.10
C LYS A 20 12.44 1.81 8.31
N PRO A 21 12.08 1.11 9.40
CA PRO A 21 10.71 1.07 9.86
C PRO A 21 10.27 2.45 10.36
N VAL A 22 8.96 2.64 10.44
CA VAL A 22 8.33 3.88 10.88
C VAL A 22 7.13 3.55 11.75
N THR A 23 6.61 4.55 12.48
CA THR A 23 5.48 4.38 13.38
C THR A 23 4.40 5.45 13.13
N SER A 24 3.19 5.11 13.55
CA SER A 24 1.99 5.92 13.41
C SER A 24 1.07 5.55 14.59
N ASP A 25 1.64 5.52 15.81
CA ASP A 25 0.98 5.13 17.05
C ASP A 25 0.13 3.85 16.90
N LYS A 26 0.73 2.76 16.40
CA LYS A 26 0.05 1.46 16.28
C LYS A 26 -1.03 1.47 15.18
N ASN A 27 -1.29 2.59 14.51
CA ASN A 27 -2.22 2.72 13.39
C ASN A 27 -1.39 3.05 12.14
N PRO A 28 -0.61 2.08 11.61
CA PRO A 28 0.34 2.29 10.51
C PRO A 28 -0.35 2.61 9.17
N PRO A 29 0.44 3.00 8.14
CA PRO A 29 0.03 3.04 6.74
C PRO A 29 -0.32 1.63 6.20
N GLU A 30 -1.43 1.06 6.66
CA GLU A 30 -1.95 -0.22 6.24
C GLU A 30 -3.00 -0.05 5.13
N ILE A 31 -3.38 -1.17 4.52
CA ILE A 31 -4.18 -1.22 3.30
C ILE A 31 -5.03 -2.48 3.35
N SER A 32 -6.04 -2.56 2.49
CA SER A 32 -6.73 -3.79 2.21
C SER A 32 -7.14 -3.77 0.74
N PHE A 33 -7.44 -4.96 0.24
CA PHE A 33 -7.95 -5.18 -1.09
C PHE A 33 -9.22 -6.01 -0.94
N GLY A 34 -9.97 -6.10 -2.03
CA GLY A 34 -11.24 -6.77 -2.14
C GLY A 34 -11.86 -6.28 -3.44
N GLU A 35 -13.14 -6.55 -3.66
CA GLU A 35 -14.00 -5.86 -4.63
C GLU A 35 -13.30 -5.66 -5.97
N LYS A 36 -13.16 -6.76 -6.70
CA LYS A 36 -12.62 -6.75 -8.06
C LYS A 36 -11.19 -6.20 -8.11
N MET A 37 -10.41 -6.34 -7.03
CA MET A 37 -9.04 -5.83 -6.82
C MET A 37 -9.02 -4.31 -6.54
N MET A 38 -10.15 -3.69 -6.20
CA MET A 38 -10.13 -2.32 -5.67
C MET A 38 -9.24 -2.24 -4.44
N ILE A 39 -8.61 -1.08 -4.29
CA ILE A 39 -7.68 -0.76 -3.23
C ILE A 39 -8.37 0.21 -2.29
N SER A 40 -8.23 -0.02 -0.98
CA SER A 40 -8.68 0.89 0.05
C SER A 40 -7.56 0.96 1.10
N GLY A 41 -7.21 2.15 1.59
CA GLY A 41 -6.14 2.29 2.57
C GLY A 41 -5.97 3.74 3.00
N SER A 42 -4.96 3.97 3.81
CA SER A 42 -4.44 5.30 4.09
C SER A 42 -2.93 5.20 4.24
N MET A 43 -2.29 6.35 4.24
CA MET A 43 -0.94 6.52 4.73
C MET A 43 -0.95 7.66 5.76
N CYS A 44 -1.62 8.75 5.42
CA CYS A 44 -1.99 9.84 6.31
C CYS A 44 -3.32 10.45 5.79
N ASN A 45 -3.40 10.79 4.51
CA ASN A 45 -4.53 11.49 3.89
C ASN A 45 -5.63 10.60 3.34
N ARG A 46 -5.64 9.30 3.61
CA ARG A 46 -6.52 8.28 3.00
C ARG A 46 -6.29 8.19 1.49
N PHE A 47 -6.76 7.11 0.86
CA PHE A 47 -6.86 6.96 -0.58
C PHE A 47 -7.84 5.82 -0.90
N SER A 48 -8.22 5.70 -2.16
CA SER A 48 -8.88 4.51 -2.73
C SER A 48 -8.64 4.49 -4.25
N GLY A 49 -8.82 3.36 -4.94
CA GLY A 49 -8.79 3.36 -6.41
C GLY A 49 -9.04 1.97 -7.02
N GLU A 50 -9.27 1.92 -8.32
CA GLU A 50 -9.33 0.69 -9.12
C GLU A 50 -7.94 0.06 -9.23
N GLY A 51 -7.63 -0.90 -8.36
CA GLY A 51 -6.54 -1.84 -8.59
C GLY A 51 -6.96 -2.90 -9.60
N LYS A 52 -5.98 -3.63 -10.13
CA LYS A 52 -6.13 -4.77 -11.03
C LYS A 52 -4.75 -5.41 -11.12
N LEU A 53 -4.69 -6.75 -11.07
CA LEU A 53 -3.41 -7.47 -11.09
C LEU A 53 -3.45 -8.57 -12.13
N SER A 54 -2.42 -8.57 -12.97
CA SER A 54 -2.16 -9.56 -13.97
C SER A 54 -0.64 -9.76 -14.12
N ASN A 55 0.17 -8.71 -14.02
CA ASN A 55 1.58 -8.69 -14.45
C ASN A 55 2.56 -8.35 -13.33
N GLY A 56 2.20 -8.54 -12.07
CA GLY A 56 3.02 -8.18 -10.91
C GLY A 56 2.98 -6.69 -10.59
N GLU A 57 2.15 -5.90 -11.28
CA GLU A 57 2.10 -4.45 -11.14
C GLU A 57 0.68 -4.04 -10.77
N LEU A 58 0.51 -2.96 -10.03
CA LEU A 58 -0.77 -2.40 -9.60
C LEU A 58 -0.80 -0.89 -9.84
N THR A 59 -1.93 -0.38 -10.32
CA THR A 59 -2.15 1.03 -10.67
C THR A 59 -3.38 1.60 -9.96
N ALA A 60 -3.54 2.92 -9.98
CA ALA A 60 -4.74 3.63 -9.58
C ALA A 60 -5.04 4.79 -10.53
N LYS A 61 -6.09 4.63 -11.35
CA LYS A 61 -6.55 5.65 -12.30
C LYS A 61 -7.24 6.81 -11.56
N GLY A 62 -6.50 7.72 -10.94
CA GLY A 62 -6.98 8.96 -10.32
C GLY A 62 -6.59 9.04 -8.85
N LEU A 63 -7.12 8.14 -8.05
CA LEU A 63 -6.84 7.89 -6.64
C LEU A 63 -7.25 9.04 -5.71
N ALA A 64 -8.37 8.83 -5.02
CA ALA A 64 -9.10 9.81 -4.23
C ALA A 64 -8.55 9.96 -2.81
N MET A 65 -7.71 10.96 -2.56
CA MET A 65 -7.15 11.29 -1.25
C MET A 65 -7.95 12.43 -0.58
N THR A 66 -7.55 12.83 0.64
CA THR A 66 -8.17 13.90 1.44
C THR A 66 -7.19 15.07 1.70
N ARG A 67 -7.47 15.96 2.67
CA ARG A 67 -6.58 17.04 3.16
C ARG A 67 -6.53 17.08 4.71
N MET A 68 -6.29 15.94 5.36
CA MET A 68 -5.95 15.75 6.78
C MET A 68 -4.44 15.93 7.01
N MET A 69 -3.93 15.69 8.22
CA MET A 69 -2.50 15.63 8.57
C MET A 69 -2.27 14.69 9.77
N CYS A 70 -1.00 14.44 10.11
CA CYS A 70 -0.60 13.42 11.07
C CYS A 70 0.56 13.88 11.96
N ALA A 71 0.53 13.37 13.19
CA ALA A 71 1.51 13.54 14.26
C ALA A 71 2.80 12.74 13.98
N ASN A 72 3.14 12.50 12.72
CA ASN A 72 4.50 12.24 12.24
C ASN A 72 4.51 12.85 10.83
N PRO A 73 5.59 13.50 10.37
CA PRO A 73 5.63 14.15 9.06
C PRO A 73 5.96 13.17 7.95
N GLN A 74 6.69 12.09 8.26
CA GLN A 74 7.05 11.09 7.27
C GLN A 74 5.80 10.40 6.69
N LEU A 75 4.70 10.35 7.45
CA LEU A 75 3.41 9.86 6.97
C LEU A 75 2.79 10.80 5.94
N ASN A 76 3.03 12.10 6.07
CA ASN A 76 2.46 13.14 5.20
C ASN A 76 3.23 13.23 3.88
N GLU A 77 4.47 12.74 3.85
CA GLU A 77 5.25 12.56 2.63
C GLU A 77 4.80 11.28 1.91
N LEU A 78 4.39 10.23 2.64
CA LEU A 78 3.87 9.02 2.01
C LEU A 78 2.67 9.31 1.11
N ASP A 79 1.95 10.39 1.37
CA ASP A 79 0.75 10.74 0.61
C ASP A 79 1.06 11.02 -0.85
N ASN A 80 2.26 11.49 -1.18
CA ASN A 80 2.66 11.69 -2.56
C ASN A 80 3.57 10.57 -3.05
N THR A 81 4.35 9.92 -2.17
CA THR A 81 4.94 8.61 -2.42
C THR A 81 3.88 7.69 -3.04
N ILE A 82 2.92 7.20 -2.25
CA ILE A 82 2.06 6.12 -2.71
C ILE A 82 1.16 6.58 -3.85
N SER A 83 0.72 7.84 -3.83
CA SER A 83 -0.18 8.35 -4.83
C SER A 83 0.48 8.31 -6.21
N GLU A 84 1.74 8.73 -6.30
CA GLU A 84 2.45 8.77 -7.55
C GLU A 84 2.92 7.37 -7.93
N MET A 85 3.30 6.51 -6.96
CA MET A 85 3.65 5.12 -7.21
C MET A 85 2.52 4.45 -7.96
N LEU A 86 1.30 4.63 -7.46
CA LEU A 86 0.11 4.01 -8.01
C LEU A 86 -0.34 4.69 -9.30
N LYS A 87 -0.06 5.99 -9.50
CA LYS A 87 -0.45 6.65 -10.73
C LYS A 87 0.41 6.11 -11.88
N GLU A 88 1.70 5.87 -11.62
CA GLU A 88 2.65 5.24 -12.52
C GLU A 88 2.24 3.77 -12.75
N GLY A 89 2.25 2.95 -11.69
CA GLY A 89 2.27 1.51 -11.76
C GLY A 89 3.30 1.01 -10.76
N ALA A 90 2.85 0.58 -9.59
CA ALA A 90 3.74 0.10 -8.54
C ALA A 90 3.92 -1.40 -8.71
N GLN A 91 5.14 -1.89 -8.51
CA GLN A 91 5.45 -3.30 -8.52
C GLN A 91 5.00 -3.84 -7.16
N VAL A 92 4.33 -4.98 -7.17
CA VAL A 92 3.58 -5.57 -6.09
C VAL A 92 4.04 -7.02 -6.00
N ASP A 93 4.97 -7.28 -5.08
CA ASP A 93 5.57 -8.61 -4.93
C ASP A 93 5.24 -9.20 -3.57
N LEU A 94 4.17 -10.01 -3.53
CA LEU A 94 3.77 -10.74 -2.35
C LEU A 94 4.39 -12.13 -2.40
N THR A 95 5.41 -12.33 -1.56
CA THR A 95 6.06 -13.61 -1.28
C THR A 95 5.26 -14.34 -0.18
N ALA A 96 5.83 -15.37 0.44
CA ALA A 96 5.15 -16.24 1.39
C ALA A 96 4.49 -15.53 2.59
N ASN A 97 4.92 -14.32 2.98
CA ASN A 97 4.30 -13.53 4.06
C ASN A 97 4.47 -12.01 3.92
N GLN A 98 5.09 -11.51 2.85
CA GLN A 98 5.60 -10.13 2.80
C GLN A 98 5.32 -9.54 1.41
N LEU A 99 4.86 -8.29 1.35
CA LEU A 99 4.40 -7.58 0.16
C LEU A 99 5.35 -6.43 -0.12
N THR A 100 6.08 -6.41 -1.24
CA THR A 100 6.95 -5.27 -1.53
C THR A 100 6.07 -4.30 -2.34
N LEU A 101 6.32 -3.00 -2.23
CA LEU A 101 5.87 -1.94 -3.12
C LEU A 101 7.12 -1.26 -3.66
N ALA A 102 7.38 -1.29 -4.96
CA ALA A 102 8.49 -0.57 -5.59
C ALA A 102 7.97 0.26 -6.76
N THR A 103 8.47 1.47 -6.95
CA THR A 103 8.24 2.33 -8.10
C THR A 103 9.36 3.37 -8.15
N ALA A 104 9.38 4.20 -9.20
CA ALA A 104 10.28 5.32 -9.33
C ALA A 104 10.34 6.19 -8.06
N LYS A 105 9.23 6.38 -7.32
CA LYS A 105 9.26 7.18 -6.10
C LYS A 105 10.27 6.65 -5.10
N GLN A 106 10.00 5.46 -4.55
CA GLN A 106 10.75 4.79 -3.50
C GLN A 106 10.07 3.44 -3.29
N THR A 107 10.41 2.79 -2.18
CA THR A 107 10.16 1.39 -1.94
C THR A 107 9.59 1.24 -0.54
N LEU A 108 8.59 0.39 -0.32
CA LEU A 108 8.03 0.05 0.98
C LEU A 108 7.90 -1.48 1.03
N THR A 109 7.74 -2.05 2.22
CA THR A 109 7.49 -3.48 2.40
C THR A 109 6.46 -3.64 3.51
N TYR A 110 5.30 -4.20 3.15
CA TYR A 110 4.18 -4.50 4.03
C TYR A 110 4.28 -5.97 4.48
N LYS A 111 3.65 -6.28 5.60
CA LYS A 111 3.53 -7.60 6.20
C LYS A 111 2.15 -8.16 5.89
N LEU A 112 2.02 -9.48 5.80
CA LEU A 112 0.75 -10.22 5.96
C LEU A 112 0.37 -10.22 7.44
N ALA A 113 0.19 -9.03 8.02
CA ALA A 113 -0.46 -8.80 9.29
C ALA A 113 -1.90 -8.43 8.96
N ASP A 114 -2.71 -9.47 8.77
CA ASP A 114 -4.12 -9.38 8.39
C ASP A 114 -5.05 -9.67 9.57
N LEU A 115 -4.53 -9.51 10.79
CA LEU A 115 -5.23 -9.67 12.07
C LEU A 115 -5.59 -11.14 12.39
N MET A 116 -5.01 -12.09 11.64
CA MET A 116 -5.14 -13.53 11.83
C MET A 116 -4.72 -14.04 13.20
N ASN A 117 -4.96 -15.33 13.42
CA ASN A 117 -4.44 -16.11 14.55
C ASN A 117 -3.37 -17.05 14.03
N MET A 1 3.26 -16.75 -9.98
CA MET A 1 3.57 -15.40 -9.56
C MET A 1 2.42 -14.86 -8.69
N VAL A 2 2.56 -13.65 -8.18
CA VAL A 2 1.49 -13.02 -7.42
C VAL A 2 0.22 -12.88 -8.27
N THR A 3 -0.95 -13.01 -7.64
CA THR A 3 -2.24 -12.96 -8.28
C THR A 3 -3.19 -12.04 -7.49
N PRO A 4 -4.31 -11.61 -8.08
CA PRO A 4 -5.29 -10.76 -7.39
C PRO A 4 -5.98 -11.48 -6.24
N GLU A 5 -6.30 -12.76 -6.42
CA GLU A 5 -7.06 -13.55 -5.47
C GLU A 5 -6.36 -13.60 -4.10
N GLN A 6 -5.05 -13.87 -4.09
CA GLN A 6 -4.20 -13.87 -2.89
C GLN A 6 -3.96 -12.46 -2.30
N LEU A 7 -4.75 -11.46 -2.69
CA LEU A 7 -4.62 -10.07 -2.25
C LEU A 7 -5.97 -9.52 -1.79
N GLN A 8 -7.06 -9.73 -2.53
CA GLN A 8 -8.41 -9.17 -2.26
C GLN A 8 -9.03 -9.62 -0.93
N HIS A 9 -8.38 -10.53 -0.22
CA HIS A 9 -8.87 -11.12 1.02
C HIS A 9 -7.83 -11.00 2.15
N HIS A 10 -6.80 -10.18 1.97
CA HIS A 10 -5.55 -10.23 2.75
C HIS A 10 -5.08 -8.82 3.12
N ARG A 11 -5.22 -8.41 4.39
CA ARG A 11 -4.69 -7.14 4.91
C ARG A 11 -3.17 -7.19 4.96
N PHE A 12 -2.52 -6.05 4.68
CA PHE A 12 -1.09 -5.87 4.73
C PHE A 12 -0.80 -4.58 5.47
N VAL A 13 -0.11 -4.63 6.61
CA VAL A 13 0.35 -3.40 7.28
C VAL A 13 1.72 -3.02 6.76
N LEU A 14 1.99 -1.71 6.66
CA LEU A 14 3.30 -1.19 6.33
C LEU A 14 4.22 -1.44 7.53
N GLU A 15 4.95 -2.55 7.50
CA GLU A 15 6.03 -2.80 8.44
C GLU A 15 7.07 -1.70 8.24
N SER A 16 7.61 -1.55 7.02
CA SER A 16 8.75 -0.68 6.83
C SER A 16 8.74 0.07 5.50
N VAL A 17 9.05 1.37 5.58
CA VAL A 17 9.32 2.23 4.45
C VAL A 17 10.70 1.83 3.91
N ASN A 18 11.02 2.29 2.69
CA ASN A 18 12.32 2.12 2.06
C ASN A 18 13.47 2.42 3.02
N GLY A 19 13.32 3.46 3.84
CA GLY A 19 14.27 3.87 4.85
C GLY A 19 14.16 2.98 6.09
N LYS A 20 13.20 3.26 6.97
CA LYS A 20 12.99 2.64 8.27
C LYS A 20 11.48 2.47 8.53
N PRO A 21 11.07 1.67 9.53
CA PRO A 21 9.67 1.59 9.93
C PRO A 21 9.08 2.94 10.34
N VAL A 22 7.77 2.95 10.48
CA VAL A 22 6.93 4.08 10.84
C VAL A 22 6.24 3.74 12.18
N THR A 23 5.63 4.71 12.86
CA THR A 23 4.98 4.51 14.17
C THR A 23 3.58 5.11 14.15
N SER A 24 2.69 4.63 15.03
CA SER A 24 1.27 4.78 14.96
C SER A 24 0.69 4.65 16.36
N ASP A 25 -0.23 5.54 16.68
CA ASP A 25 -1.12 5.42 17.84
C ASP A 25 -2.13 4.32 17.55
N LYS A 26 -1.65 3.08 17.41
CA LYS A 26 -2.46 1.90 17.12
C LYS A 26 -3.19 1.98 15.76
N ASN A 27 -2.96 3.02 14.94
CA ASN A 27 -3.61 3.24 13.65
C ASN A 27 -2.51 3.46 12.61
N PRO A 28 -1.84 2.39 12.15
CA PRO A 28 -0.73 2.45 11.21
C PRO A 28 -1.20 2.68 9.77
N PRO A 29 -0.30 3.04 8.85
CA PRO A 29 -0.53 2.92 7.42
C PRO A 29 -0.61 1.44 7.08
N GLU A 30 -1.78 0.83 7.26
CA GLU A 30 -2.09 -0.44 6.65
C GLU A 30 -2.78 -0.20 5.30
N ILE A 31 -2.82 -1.24 4.48
CA ILE A 31 -3.55 -1.30 3.24
C ILE A 31 -4.36 -2.60 3.29
N SER A 32 -5.47 -2.64 2.56
CA SER A 32 -6.20 -3.86 2.28
C SER A 32 -6.77 -3.72 0.87
N PHE A 33 -7.35 -4.81 0.39
CA PHE A 33 -7.94 -4.91 -0.93
C PHE A 33 -9.27 -5.63 -0.77
N GLY A 34 -10.16 -5.57 -1.75
CA GLY A 34 -11.35 -6.40 -1.66
C GLY A 34 -12.44 -6.05 -2.64
N GLU A 35 -12.67 -7.00 -3.54
CA GLU A 35 -13.43 -7.07 -4.75
C GLU A 35 -12.61 -6.35 -5.83
N LYS A 36 -12.60 -6.90 -7.05
CA LYS A 36 -11.96 -6.33 -8.25
C LYS A 36 -10.50 -5.85 -8.06
N MET A 37 -9.78 -6.29 -7.04
CA MET A 37 -8.50 -5.76 -6.59
C MET A 37 -8.54 -4.26 -6.31
N MET A 38 -9.68 -3.76 -5.84
CA MET A 38 -9.79 -2.42 -5.31
C MET A 38 -8.89 -2.29 -4.08
N ILE A 39 -8.64 -1.07 -3.63
CA ILE A 39 -7.62 -0.77 -2.64
C ILE A 39 -8.24 0.19 -1.62
N SER A 40 -8.12 -0.15 -0.34
CA SER A 40 -8.40 0.74 0.78
C SER A 40 -7.12 0.88 1.61
N GLY A 41 -6.88 2.03 2.23
CA GLY A 41 -5.69 2.31 3.00
C GLY A 41 -5.67 3.76 3.43
N SER A 42 -4.65 4.18 4.17
CA SER A 42 -4.58 5.54 4.71
C SER A 42 -3.15 5.87 5.16
N MET A 43 -2.33 6.53 4.30
CA MET A 43 -1.01 7.01 4.69
C MET A 43 -1.11 8.19 5.65
N CYS A 44 -1.60 9.32 5.14
CA CYS A 44 -1.94 10.51 5.92
C CYS A 44 -3.28 11.00 5.38
N ASN A 45 -3.30 11.32 4.09
CA ASN A 45 -4.41 11.91 3.34
C ASN A 45 -5.50 10.92 2.96
N ARG A 46 -5.60 9.81 3.68
CA ARG A 46 -6.34 8.62 3.26
C ARG A 46 -5.85 8.19 1.87
N PHE A 47 -6.50 7.20 1.26
CA PHE A 47 -6.54 6.95 -0.18
C PHE A 47 -7.44 5.74 -0.41
N SER A 48 -8.17 5.72 -1.51
CA SER A 48 -9.02 4.62 -1.90
C SER A 48 -9.15 4.63 -3.42
N GLY A 49 -9.26 3.47 -4.07
CA GLY A 49 -9.40 3.44 -5.50
C GLY A 49 -9.52 2.03 -6.05
N GLU A 50 -9.98 1.94 -7.29
CA GLU A 50 -9.94 0.74 -8.10
C GLU A 50 -8.48 0.48 -8.48
N GLY A 51 -7.84 -0.39 -7.72
CA GLY A 51 -6.67 -1.15 -8.17
C GLY A 51 -7.09 -2.22 -9.18
N LYS A 52 -6.10 -2.92 -9.74
CA LYS A 52 -6.26 -4.13 -10.52
C LYS A 52 -4.88 -4.78 -10.60
N LEU A 53 -4.81 -6.10 -10.77
CA LEU A 53 -3.59 -6.84 -11.05
C LEU A 53 -3.83 -7.79 -12.22
N SER A 54 -2.93 -7.76 -13.20
CA SER A 54 -2.96 -8.61 -14.39
C SER A 54 -1.55 -9.09 -14.76
N ASN A 55 -0.52 -8.32 -14.40
CA ASN A 55 0.77 -8.28 -15.09
C ASN A 55 1.95 -8.02 -14.16
N GLY A 56 1.80 -8.22 -12.85
CA GLY A 56 2.86 -7.95 -11.88
C GLY A 56 2.95 -6.47 -11.50
N GLU A 57 1.86 -5.71 -11.68
CA GLU A 57 1.83 -4.26 -11.49
C GLU A 57 0.45 -3.86 -10.96
N LEU A 58 0.43 -2.89 -10.06
CA LEU A 58 -0.75 -2.27 -9.45
C LEU A 58 -0.76 -0.76 -9.70
N THR A 59 -1.58 -0.32 -10.66
CA THR A 59 -1.97 1.07 -10.84
C THR A 59 -3.23 1.37 -9.99
N ALA A 60 -3.59 2.65 -9.83
CA ALA A 60 -4.90 3.09 -9.37
C ALA A 60 -5.41 4.21 -10.28
N LYS A 61 -6.40 3.88 -11.12
CA LYS A 61 -6.93 4.75 -12.17
C LYS A 61 -7.68 6.00 -11.68
N GLY A 62 -7.70 6.32 -10.39
CA GLY A 62 -8.38 7.48 -9.83
C GLY A 62 -7.64 7.94 -8.58
N LEU A 63 -7.73 7.15 -7.51
CA LEU A 63 -7.15 7.29 -6.20
C LEU A 63 -7.59 8.57 -5.47
N ALA A 64 -8.69 8.46 -4.73
CA ALA A 64 -9.31 9.55 -3.99
C ALA A 64 -8.52 9.86 -2.71
N MET A 65 -7.73 10.95 -2.70
CA MET A 65 -7.06 11.45 -1.49
C MET A 65 -7.68 12.75 -0.97
N THR A 66 -7.27 13.14 0.24
CA THR A 66 -7.77 14.28 1.00
C THR A 66 -6.72 15.42 1.03
N ARG A 67 -6.86 16.40 1.93
CA ARG A 67 -5.87 17.45 2.18
C ARG A 67 -5.79 17.73 3.68
N MET A 68 -5.00 16.93 4.37
CA MET A 68 -4.72 16.91 5.79
C MET A 68 -3.21 16.75 5.99
N MET A 69 -2.78 16.78 7.25
CA MET A 69 -1.44 16.46 7.72
C MET A 69 -1.51 15.55 8.95
N CYS A 70 -0.35 15.14 9.44
CA CYS A 70 -0.16 14.12 10.47
C CYS A 70 1.00 14.53 11.36
N ALA A 71 0.95 14.13 12.63
CA ALA A 71 1.86 14.62 13.67
C ALA A 71 3.26 13.98 13.63
N ASN A 72 3.66 13.42 12.49
CA ASN A 72 5.06 13.10 12.18
C ASN A 72 5.20 13.27 10.65
N PRO A 73 6.32 13.80 10.14
CA PRO A 73 6.45 14.14 8.72
C PRO A 73 6.52 12.91 7.83
N GLN A 74 6.91 11.76 8.37
CA GLN A 74 7.05 10.52 7.64
C GLN A 74 5.77 10.17 6.88
N LEU A 75 4.60 10.43 7.46
CA LEU A 75 3.30 10.14 6.86
C LEU A 75 2.94 11.15 5.76
N ASN A 76 3.38 12.40 5.91
CA ASN A 76 3.14 13.51 4.97
C ASN A 76 4.09 13.43 3.77
N GLU A 77 5.14 12.60 3.88
CA GLU A 77 5.96 12.11 2.78
C GLU A 77 5.27 10.91 2.11
N LEU A 78 4.74 9.99 2.92
CA LEU A 78 4.19 8.73 2.43
C LEU A 78 2.98 8.92 1.56
N ASP A 79 2.13 9.88 1.89
CA ASP A 79 0.97 10.19 1.06
C ASP A 79 1.38 10.63 -0.34
N ASN A 80 2.50 11.35 -0.47
CA ASN A 80 2.93 11.79 -1.78
C ASN A 80 3.53 10.60 -2.51
N THR A 81 4.43 9.89 -1.82
CA THR A 81 5.09 8.69 -2.28
C THR A 81 4.03 7.75 -2.90
N ILE A 82 3.03 7.32 -2.12
CA ILE A 82 2.09 6.31 -2.58
C ILE A 82 1.19 6.84 -3.70
N SER A 83 0.81 8.13 -3.65
CA SER A 83 -0.05 8.70 -4.67
C SER A 83 0.63 8.57 -6.03
N GLU A 84 1.92 8.94 -6.08
CA GLU A 84 2.73 8.91 -7.28
C GLU A 84 2.97 7.45 -7.74
N MET A 85 3.26 6.52 -6.82
CA MET A 85 3.61 5.15 -7.18
C MET A 85 2.46 4.49 -7.94
N LEU A 86 1.25 4.64 -7.41
CA LEU A 86 0.07 4.00 -7.97
C LEU A 86 -0.44 4.72 -9.22
N LYS A 87 -0.06 5.99 -9.42
CA LYS A 87 -0.41 6.67 -10.65
C LYS A 87 0.43 6.10 -11.80
N GLU A 88 1.69 5.78 -11.52
CA GLU A 88 2.64 5.36 -12.55
C GLU A 88 2.62 3.85 -12.79
N GLY A 89 2.28 3.05 -11.79
CA GLY A 89 2.29 1.59 -11.85
C GLY A 89 3.37 1.04 -10.93
N ALA A 90 2.98 0.66 -9.72
CA ALA A 90 3.89 0.01 -8.79
C ALA A 90 4.03 -1.43 -9.21
N GLN A 91 5.26 -1.91 -9.34
CA GLN A 91 5.58 -3.32 -9.51
C GLN A 91 5.14 -4.03 -8.24
N VAL A 92 4.60 -5.22 -8.41
CA VAL A 92 3.96 -6.02 -7.39
C VAL A 92 4.61 -7.39 -7.40
N ASP A 93 5.28 -7.71 -6.30
CA ASP A 93 6.01 -8.94 -6.04
C ASP A 93 5.70 -9.34 -4.59
N LEU A 94 4.46 -9.80 -4.34
CA LEU A 94 4.11 -10.45 -3.07
C LEU A 94 4.73 -11.84 -3.11
N THR A 95 5.78 -12.01 -2.31
CA THR A 95 6.42 -13.29 -2.05
C THR A 95 5.49 -14.14 -1.16
N ALA A 96 6.00 -15.21 -0.53
CA ALA A 96 5.20 -16.11 0.29
C ALA A 96 4.24 -15.36 1.24
N ASN A 97 4.74 -14.36 1.99
CA ASN A 97 4.02 -13.62 3.03
C ASN A 97 4.62 -12.24 3.32
N GLN A 98 5.28 -11.60 2.34
CA GLN A 98 5.80 -10.24 2.41
C GLN A 98 5.49 -9.53 1.09
N LEU A 99 4.77 -8.44 1.16
CA LEU A 99 4.52 -7.56 0.03
C LEU A 99 5.85 -6.90 -0.29
N THR A 100 6.34 -7.03 -1.52
CA THR A 100 7.52 -6.31 -1.98
C THR A 100 7.07 -5.51 -3.18
N LEU A 101 7.08 -4.17 -3.06
CA LEU A 101 6.62 -3.27 -4.12
C LEU A 101 7.79 -2.37 -4.48
N ALA A 102 7.84 -1.92 -5.73
CA ALA A 102 8.78 -0.92 -6.23
C ALA A 102 8.08 -0.05 -7.26
N THR A 103 8.61 1.12 -7.57
CA THR A 103 8.23 2.01 -8.65
C THR A 103 9.48 2.86 -8.95
N ALA A 104 9.39 3.94 -9.72
CA ALA A 104 10.44 4.94 -9.69
C ALA A 104 10.62 5.50 -8.27
N LYS A 105 9.52 5.85 -7.58
CA LYS A 105 9.52 6.57 -6.31
C LYS A 105 10.47 5.96 -5.27
N GLN A 106 10.17 4.74 -4.85
CA GLN A 106 10.88 3.99 -3.81
C GLN A 106 10.42 2.52 -3.87
N THR A 107 10.77 1.74 -2.85
CA THR A 107 10.23 0.40 -2.61
C THR A 107 9.63 0.39 -1.20
N LEU A 108 8.58 -0.43 -1.01
CA LEU A 108 7.87 -0.63 0.25
C LEU A 108 7.97 -2.10 0.64
N THR A 109 7.79 -2.36 1.94
CA THR A 109 7.78 -3.72 2.46
C THR A 109 6.63 -3.84 3.48
N TYR A 110 5.45 -4.28 3.03
CA TYR A 110 4.34 -4.59 3.94
C TYR A 110 4.41 -6.05 4.36
N LYS A 111 3.82 -6.38 5.51
CA LYS A 111 3.74 -7.72 6.07
C LYS A 111 2.30 -8.20 5.96
N LEU A 112 2.12 -9.50 5.69
CA LEU A 112 0.84 -10.19 5.79
C LEU A 112 0.44 -10.34 7.27
N ALA A 113 0.10 -9.24 7.94
CA ALA A 113 -0.30 -9.23 9.36
C ALA A 113 -1.81 -9.13 9.37
N ASP A 114 -2.48 -10.24 9.07
CA ASP A 114 -3.87 -10.23 8.64
C ASP A 114 -4.79 -10.76 9.74
N LEU A 115 -4.42 -10.49 10.99
CA LEU A 115 -5.19 -10.77 12.21
C LEU A 115 -5.42 -12.27 12.44
N MET A 116 -4.72 -13.12 11.70
CA MET A 116 -4.87 -14.58 11.72
C MET A 116 -3.86 -15.28 12.63
N ASN A 117 -3.03 -14.54 13.38
CA ASN A 117 -1.94 -15.08 14.18
C ASN A 117 -2.13 -14.68 15.64
N MET A 1 3.46 -15.95 -9.32
CA MET A 1 3.46 -14.53 -9.01
C MET A 1 2.29 -14.20 -8.06
N VAL A 2 2.05 -12.93 -7.78
CA VAL A 2 0.88 -12.51 -7.00
C VAL A 2 -0.38 -12.67 -7.84
N THR A 3 -1.53 -12.87 -7.18
CA THR A 3 -2.84 -12.87 -7.80
C THR A 3 -3.81 -12.01 -6.99
N PRO A 4 -4.91 -11.54 -7.60
CA PRO A 4 -5.87 -10.64 -6.94
C PRO A 4 -6.55 -11.33 -5.77
N GLU A 5 -6.78 -12.63 -5.92
CA GLU A 5 -7.33 -13.52 -4.92
C GLU A 5 -6.53 -13.39 -3.61
N GLN A 6 -5.22 -13.59 -3.64
CA GLN A 6 -4.32 -13.42 -2.48
C GLN A 6 -4.14 -11.95 -2.04
N LEU A 7 -5.04 -11.03 -2.39
CA LEU A 7 -4.99 -9.63 -2.01
C LEU A 7 -6.32 -9.17 -1.42
N GLN A 8 -7.42 -9.33 -2.16
CA GLN A 8 -8.81 -8.96 -1.84
C GLN A 8 -9.35 -9.27 -0.43
N HIS A 9 -8.61 -10.02 0.37
CA HIS A 9 -8.98 -10.34 1.74
C HIS A 9 -7.76 -10.51 2.64
N HIS A 10 -6.70 -9.71 2.43
CA HIS A 10 -5.54 -9.71 3.29
C HIS A 10 -5.17 -8.29 3.68
N ARG A 11 -4.31 -8.17 4.70
CA ARG A 11 -3.90 -6.92 5.34
C ARG A 11 -2.38 -6.92 5.38
N PHE A 12 -1.81 -5.76 5.11
CA PHE A 12 -0.42 -5.57 4.79
C PHE A 12 0.07 -4.35 5.54
N VAL A 13 0.95 -4.54 6.50
CA VAL A 13 1.40 -3.46 7.38
C VAL A 13 2.79 -3.06 6.91
N LEU A 14 3.11 -1.77 6.98
CA LEU A 14 4.31 -1.25 6.37
C LEU A 14 5.52 -1.56 7.25
N GLU A 15 6.23 -2.64 6.96
CA GLU A 15 7.27 -3.12 7.86
C GLU A 15 8.53 -2.26 7.75
N SER A 16 8.93 -1.81 6.55
CA SER A 16 9.85 -0.69 6.44
C SER A 16 9.71 0.00 5.08
N VAL A 17 10.12 1.28 5.05
CA VAL A 17 10.23 2.11 3.86
C VAL A 17 11.61 1.85 3.24
N ASN A 18 11.85 2.39 2.05
CA ASN A 18 13.17 2.50 1.45
C ASN A 18 14.18 3.18 2.36
N GLY A 19 13.73 4.17 3.14
CA GLY A 19 14.60 5.05 3.92
C GLY A 19 14.80 4.56 5.35
N LYS A 20 13.71 4.32 6.09
CA LYS A 20 13.71 3.97 7.50
C LYS A 20 12.36 3.31 7.84
N PRO A 21 12.20 2.60 8.97
CA PRO A 21 10.89 2.14 9.39
C PRO A 21 10.03 3.32 9.86
N VAL A 22 8.76 3.05 10.11
CA VAL A 22 7.73 3.99 10.53
C VAL A 22 6.93 3.32 11.65
N THR A 23 6.65 4.08 12.69
CA THR A 23 6.00 3.61 13.91
C THR A 23 5.11 4.76 14.40
N SER A 24 3.82 4.49 14.57
CA SER A 24 2.76 5.48 14.70
C SER A 24 2.00 5.26 16.02
N ASP A 25 2.73 4.96 17.08
CA ASP A 25 2.28 4.46 18.37
C ASP A 25 1.60 3.11 18.16
N LYS A 26 0.35 3.09 17.68
CA LYS A 26 -0.40 1.88 17.41
C LYS A 26 -1.10 1.83 16.04
N ASN A 27 -1.13 2.91 15.27
CA ASN A 27 -1.85 2.97 14.00
C ASN A 27 -0.89 3.18 12.82
N PRO A 28 -0.17 2.12 12.41
CA PRO A 28 0.81 2.20 11.34
C PRO A 28 0.18 2.47 9.96
N PRO A 29 0.99 2.92 8.98
CA PRO A 29 0.63 3.06 7.57
C PRO A 29 0.33 1.71 6.88
N GLU A 30 -0.71 1.00 7.30
CA GLU A 30 -1.09 -0.26 6.68
C GLU A 30 -1.81 -0.02 5.33
N ILE A 31 -2.00 -1.10 4.59
CA ILE A 31 -2.81 -1.21 3.38
C ILE A 31 -3.57 -2.54 3.46
N SER A 32 -4.64 -2.65 2.70
CA SER A 32 -5.35 -3.88 2.42
C SER A 32 -5.95 -3.75 1.02
N PHE A 33 -6.60 -4.81 0.55
CA PHE A 33 -7.30 -4.80 -0.72
C PHE A 33 -8.64 -5.45 -0.47
N GLY A 34 -9.65 -5.02 -1.21
CA GLY A 34 -11.00 -5.52 -1.17
C GLY A 34 -11.71 -5.05 -2.44
N GLU A 35 -13.01 -5.35 -2.54
CA GLU A 35 -13.80 -5.14 -3.75
C GLU A 35 -13.06 -5.67 -4.98
N LYS A 36 -13.42 -5.31 -6.21
CA LYS A 36 -12.85 -5.85 -7.44
C LYS A 36 -11.39 -5.42 -7.65
N MET A 37 -10.47 -5.67 -6.71
CA MET A 37 -9.20 -4.94 -6.51
C MET A 37 -9.45 -3.43 -6.56
N MET A 38 -9.79 -2.81 -5.43
CA MET A 38 -10.14 -1.38 -5.36
C MET A 38 -9.29 -0.57 -4.38
N ILE A 39 -8.30 -1.25 -3.79
CA ILE A 39 -7.29 -0.87 -2.82
C ILE A 39 -7.87 -0.08 -1.64
N SER A 40 -7.51 -0.44 -0.41
CA SER A 40 -8.01 0.28 0.76
C SER A 40 -6.85 0.41 1.74
N GLY A 41 -6.20 1.57 1.83
CA GLY A 41 -5.09 1.77 2.77
C GLY A 41 -5.05 3.18 3.33
N SER A 42 -4.14 3.40 4.27
CA SER A 42 -3.99 4.68 4.93
C SER A 42 -2.53 4.90 5.35
N MET A 43 -1.70 5.42 4.44
CA MET A 43 -0.37 5.93 4.77
C MET A 43 -0.51 7.05 5.79
N CYS A 44 -1.45 7.95 5.49
CA CYS A 44 -2.05 8.87 6.42
C CYS A 44 -3.48 9.11 5.95
N ASN A 45 -3.59 9.77 4.80
CA ASN A 45 -4.76 10.54 4.40
C ASN A 45 -5.82 9.67 3.72
N ARG A 46 -5.80 8.37 3.96
CA ARG A 46 -6.45 7.31 3.18
C ARG A 46 -6.13 7.38 1.69
N PHE A 47 -6.38 6.27 1.01
CA PHE A 47 -6.36 6.15 -0.43
C PHE A 47 -7.07 4.89 -0.85
N SER A 48 -7.40 4.86 -2.13
CA SER A 48 -7.95 3.74 -2.86
C SER A 48 -7.69 3.96 -4.34
N GLY A 49 -7.85 2.94 -5.18
CA GLY A 49 -7.89 3.14 -6.62
C GLY A 49 -8.12 1.82 -7.34
N GLU A 50 -8.42 1.86 -8.63
CA GLU A 50 -8.60 0.68 -9.45
C GLU A 50 -7.29 -0.11 -9.48
N GLY A 51 -7.21 -1.14 -8.64
CA GLY A 51 -6.03 -1.98 -8.47
C GLY A 51 -5.65 -2.65 -9.77
N LYS A 52 -6.53 -3.58 -10.18
CA LYS A 52 -6.30 -4.55 -11.24
C LYS A 52 -5.18 -5.49 -10.80
N LEU A 53 -5.04 -6.62 -11.47
CA LEU A 53 -3.86 -7.45 -11.41
C LEU A 53 -3.91 -8.42 -12.57
N SER A 54 -3.02 -8.27 -13.56
CA SER A 54 -2.98 -9.17 -14.70
C SER A 54 -1.57 -9.34 -15.27
N ASN A 55 -0.59 -8.52 -14.88
CA ASN A 55 0.74 -8.43 -15.49
C ASN A 55 1.73 -7.85 -14.49
N GLY A 56 1.73 -8.34 -13.24
CA GLY A 56 2.76 -8.01 -12.24
C GLY A 56 2.80 -6.56 -11.77
N GLU A 57 1.83 -5.73 -12.18
CA GLU A 57 1.93 -4.27 -12.07
C GLU A 57 0.62 -3.73 -11.48
N LEU A 58 0.68 -3.23 -10.25
CA LEU A 58 -0.42 -2.63 -9.51
C LEU A 58 -0.43 -1.13 -9.81
N THR A 59 -1.36 -0.69 -10.65
CA THR A 59 -1.63 0.73 -10.85
C THR A 59 -2.71 1.22 -9.87
N ALA A 60 -2.87 2.54 -9.79
CA ALA A 60 -4.15 3.16 -9.52
C ALA A 60 -4.44 4.12 -10.66
N LYS A 61 -5.65 4.04 -11.21
CA LYS A 61 -6.14 4.97 -12.22
C LYS A 61 -6.58 6.25 -11.51
N GLY A 62 -5.65 7.14 -11.19
CA GLY A 62 -5.94 8.46 -10.61
C GLY A 62 -5.62 8.54 -9.12
N LEU A 63 -6.11 7.57 -8.35
CA LEU A 63 -6.06 7.38 -6.92
C LEU A 63 -6.83 8.45 -6.12
N ALA A 64 -7.99 8.08 -5.57
CA ALA A 64 -8.72 8.94 -4.64
C ALA A 64 -8.05 8.87 -3.27
N MET A 65 -8.04 9.97 -2.52
CA MET A 65 -7.47 10.12 -1.17
C MET A 65 -8.42 11.00 -0.33
N THR A 66 -7.99 11.53 0.82
CA THR A 66 -8.72 12.57 1.57
C THR A 66 -7.75 13.72 1.93
N ARG A 67 -8.15 14.61 2.85
CA ARG A 67 -7.39 15.76 3.32
C ARG A 67 -7.52 15.85 4.84
N MET A 68 -6.78 15.01 5.56
CA MET A 68 -6.81 14.91 7.02
C MET A 68 -5.42 15.10 7.65
N MET A 69 -5.40 15.48 8.92
CA MET A 69 -4.17 15.53 9.72
C MET A 69 -3.75 14.11 10.09
N CYS A 70 -2.49 13.93 10.49
CA CYS A 70 -1.96 12.79 11.23
C CYS A 70 -1.42 13.27 12.58
N ALA A 71 -0.89 12.36 13.39
CA ALA A 71 -0.07 12.65 14.56
C ALA A 71 1.39 12.91 14.18
N ASN A 72 1.87 12.34 13.06
CA ASN A 72 3.29 12.38 12.67
C ASN A 72 3.46 13.07 11.32
N PRO A 73 4.62 13.68 11.04
CA PRO A 73 4.95 14.26 9.75
C PRO A 73 5.18 13.17 8.70
N GLN A 74 5.96 12.12 9.04
CA GLN A 74 6.36 11.07 8.10
C GLN A 74 5.14 10.51 7.37
N LEU A 75 4.00 10.41 8.04
CA LEU A 75 2.78 9.84 7.51
C LEU A 75 2.22 10.69 6.36
N ASN A 76 2.27 12.03 6.45
CA ASN A 76 1.85 12.94 5.36
C ASN A 76 2.93 13.05 4.28
N GLU A 77 4.18 12.73 4.59
CA GLU A 77 5.23 12.49 3.61
C GLU A 77 4.88 11.23 2.79
N LEU A 78 4.32 10.21 3.45
CA LEU A 78 4.04 8.92 2.85
C LEU A 78 2.75 8.90 2.03
N ASP A 79 1.86 9.89 2.23
CA ASP A 79 0.78 10.23 1.29
C ASP A 79 1.32 10.31 -0.12
N ASN A 80 2.32 11.17 -0.31
CA ASN A 80 2.82 11.47 -1.63
C ASN A 80 3.65 10.30 -2.12
N THR A 81 4.40 9.65 -1.22
CA THR A 81 5.21 8.48 -1.52
C THR A 81 4.33 7.39 -2.17
N ILE A 82 3.19 7.01 -1.59
CA ILE A 82 2.36 5.96 -2.19
C ILE A 82 1.63 6.48 -3.42
N SER A 83 1.25 7.77 -3.46
CA SER A 83 0.58 8.34 -4.61
C SER A 83 1.48 8.17 -5.84
N GLU A 84 2.73 8.64 -5.72
CA GLU A 84 3.70 8.68 -6.80
C GLU A 84 4.29 7.28 -7.11
N MET A 85 3.92 6.24 -6.35
CA MET A 85 4.31 4.86 -6.61
C MET A 85 3.16 4.00 -7.14
N LEU A 86 1.92 4.49 -7.23
CA LEU A 86 0.82 3.75 -7.86
C LEU A 86 0.47 4.30 -9.23
N LYS A 87 0.81 5.57 -9.48
CA LYS A 87 0.34 6.29 -10.64
C LYS A 87 0.96 5.70 -11.92
N GLU A 88 2.26 5.42 -11.90
CA GLU A 88 3.05 4.81 -12.99
C GLU A 88 2.92 3.29 -13.00
N GLY A 89 2.42 2.67 -11.93
CA GLY A 89 2.33 1.22 -11.79
C GLY A 89 3.49 0.70 -10.95
N ALA A 90 3.21 0.33 -9.70
CA ALA A 90 4.19 -0.35 -8.88
C ALA A 90 4.32 -1.79 -9.36
N GLN A 91 5.54 -2.29 -9.42
CA GLN A 91 5.83 -3.70 -9.47
C GLN A 91 5.35 -4.26 -8.14
N VAL A 92 4.55 -5.32 -8.19
CA VAL A 92 3.84 -5.85 -7.06
C VAL A 92 4.20 -7.33 -6.95
N ASP A 93 5.00 -7.67 -5.96
CA ASP A 93 5.47 -9.02 -5.73
C ASP A 93 5.03 -9.40 -4.32
N LEU A 94 3.77 -9.82 -4.18
CA LEU A 94 3.32 -10.47 -2.94
C LEU A 94 3.71 -11.92 -3.07
N THR A 95 4.83 -12.19 -2.45
CA THR A 95 5.43 -13.49 -2.22
C THR A 95 4.72 -14.08 -0.99
N ALA A 96 4.94 -15.35 -0.66
CA ALA A 96 4.06 -16.14 0.21
C ALA A 96 3.58 -15.45 1.50
N ASN A 97 4.35 -14.56 2.14
CA ASN A 97 3.88 -13.77 3.29
C ASN A 97 4.40 -12.33 3.28
N GLN A 98 5.02 -11.86 2.20
CA GLN A 98 5.71 -10.57 2.22
C GLN A 98 5.53 -9.88 0.87
N LEU A 99 5.11 -8.62 0.93
CA LEU A 99 4.88 -7.77 -0.21
C LEU A 99 6.16 -7.00 -0.52
N THR A 100 6.65 -7.14 -1.75
CA THR A 100 7.67 -6.30 -2.36
C THR A 100 6.93 -5.31 -3.26
N LEU A 101 7.02 -4.02 -2.93
CA LEU A 101 6.55 -2.92 -3.74
C LEU A 101 7.76 -2.19 -4.25
N ALA A 102 7.86 -2.01 -5.55
CA ALA A 102 8.93 -1.23 -6.17
C ALA A 102 8.34 -0.36 -7.29
N THR A 103 8.97 0.77 -7.59
CA THR A 103 8.61 1.69 -8.63
C THR A 103 9.83 2.56 -8.95
N ALA A 104 9.74 3.40 -9.98
CA ALA A 104 10.76 4.38 -10.33
C ALA A 104 11.15 5.27 -9.16
N LYS A 105 10.20 5.62 -8.27
CA LYS A 105 10.49 6.33 -7.04
C LYS A 105 11.40 5.50 -6.14
N GLN A 106 10.81 4.56 -5.40
CA GLN A 106 11.40 3.88 -4.26
C GLN A 106 10.80 2.47 -4.18
N THR A 107 11.11 1.76 -3.09
CA THR A 107 10.74 0.38 -2.87
C THR A 107 10.46 0.19 -1.38
N LEU A 108 9.50 -0.67 -1.05
CA LEU A 108 8.85 -0.83 0.23
C LEU A 108 8.78 -2.31 0.56
N THR A 109 8.54 -2.63 1.84
CA THR A 109 8.28 -3.99 2.27
C THR A 109 7.08 -3.94 3.21
N TYR A 110 5.95 -4.48 2.76
CA TYR A 110 4.82 -4.73 3.63
C TYR A 110 4.82 -6.21 4.02
N LYS A 111 4.11 -6.56 5.09
CA LYS A 111 4.09 -7.91 5.64
C LYS A 111 2.66 -8.40 5.67
N LEU A 112 2.41 -9.63 5.21
CA LEU A 112 1.16 -10.35 5.40
C LEU A 112 0.92 -10.46 6.90
N ALA A 113 0.03 -9.65 7.47
CA ALA A 113 -0.20 -9.61 8.89
C ALA A 113 -1.67 -9.29 9.12
N ASP A 114 -2.53 -10.30 8.93
CA ASP A 114 -3.98 -10.13 8.96
C ASP A 114 -4.58 -10.64 10.27
N LEU A 115 -4.07 -10.04 11.34
CA LEU A 115 -4.51 -10.12 12.72
C LEU A 115 -5.91 -9.55 12.98
N MET A 116 -6.57 -9.13 11.90
CA MET A 116 -7.91 -8.63 11.76
C MET A 116 -8.22 -8.66 10.26
N ASN A 117 -9.45 -8.96 9.88
CA ASN A 117 -9.89 -9.12 8.49
C ASN A 117 -9.58 -7.84 7.70
N MET A 1 4.18 -14.34 -8.20
CA MET A 1 3.43 -13.54 -9.15
C MET A 1 2.05 -13.10 -8.62
N VAL A 2 1.93 -13.00 -7.29
CA VAL A 2 1.12 -12.01 -6.61
C VAL A 2 -0.24 -11.85 -7.29
N THR A 3 -1.08 -12.88 -7.23
CA THR A 3 -2.25 -12.85 -8.09
C THR A 3 -3.32 -11.97 -7.44
N PRO A 4 -4.32 -11.50 -8.20
CA PRO A 4 -5.43 -10.73 -7.63
C PRO A 4 -6.13 -11.48 -6.49
N GLU A 5 -6.34 -12.77 -6.68
CA GLU A 5 -7.04 -13.68 -5.78
C GLU A 5 -6.52 -13.58 -4.35
N GLN A 6 -5.23 -13.88 -4.18
CA GLN A 6 -4.50 -13.91 -2.91
C GLN A 6 -4.33 -12.54 -2.24
N LEU A 7 -5.11 -11.52 -2.65
CA LEU A 7 -4.96 -10.13 -2.22
C LEU A 7 -6.32 -9.53 -1.86
N GLN A 8 -7.34 -9.70 -2.70
CA GLN A 8 -8.70 -9.17 -2.50
C GLN A 8 -9.40 -9.62 -1.21
N HIS A 9 -8.80 -10.50 -0.41
CA HIS A 9 -9.31 -10.92 0.91
C HIS A 9 -8.22 -10.91 1.99
N HIS A 10 -7.07 -10.25 1.75
CA HIS A 10 -5.87 -10.34 2.56
C HIS A 10 -5.36 -8.92 2.88
N ARG A 11 -5.47 -8.48 4.14
CA ARG A 11 -4.95 -7.20 4.65
C ARG A 11 -3.42 -7.21 4.66
N PHE A 12 -2.81 -6.03 4.50
CA PHE A 12 -1.40 -5.84 4.71
C PHE A 12 -1.18 -4.54 5.49
N VAL A 13 -0.04 -4.43 6.17
CA VAL A 13 0.37 -3.22 6.89
C VAL A 13 1.82 -2.87 6.56
N LEU A 14 2.16 -1.58 6.59
CA LEU A 14 3.53 -1.14 6.35
C LEU A 14 4.33 -1.34 7.62
N GLU A 15 5.05 -2.45 7.64
CA GLU A 15 6.01 -2.82 8.67
C GLU A 15 7.21 -1.88 8.59
N SER A 16 7.85 -1.80 7.42
CA SER A 16 9.05 -1.02 7.24
C SER A 16 9.12 -0.47 5.82
N VAL A 17 9.99 0.50 5.63
CA VAL A 17 10.12 1.27 4.42
C VAL A 17 11.46 0.83 3.80
N ASN A 18 11.96 1.60 2.84
CA ASN A 18 13.12 1.29 2.00
C ASN A 18 14.30 0.70 2.77
N GLY A 19 14.56 1.20 3.97
CA GLY A 19 15.50 0.64 4.94
C GLY A 19 14.95 0.76 6.35
N LYS A 20 14.40 1.92 6.70
CA LYS A 20 14.03 2.26 8.07
C LYS A 20 12.66 1.67 8.44
N PRO A 21 12.36 1.49 9.73
CA PRO A 21 11.08 0.96 10.19
C PRO A 21 9.98 2.04 10.15
N VAL A 22 8.74 1.63 10.40
CA VAL A 22 7.66 2.52 10.75
C VAL A 22 7.56 2.55 12.29
N THR A 23 6.98 3.62 12.84
CA THR A 23 6.54 3.71 14.22
C THR A 23 5.14 4.31 14.21
N SER A 24 4.14 3.46 14.09
CA SER A 24 2.74 3.80 14.23
C SER A 24 2.03 2.47 14.51
N ASP A 25 1.13 2.50 15.48
CA ASP A 25 0.40 1.35 16.03
C ASP A 25 -1.07 1.73 16.19
N LYS A 26 -1.28 2.96 16.70
CA LYS A 26 -2.57 3.57 16.92
C LYS A 26 -3.47 3.44 15.70
N ASN A 27 -2.89 3.74 14.54
CA ASN A 27 -3.40 3.62 13.19
C ASN A 27 -2.19 3.67 12.25
N PRO A 28 -1.53 2.53 11.94
CA PRO A 28 -0.42 2.48 11.00
C PRO A 28 -0.78 2.96 9.59
N PRO A 29 0.23 3.29 8.78
CA PRO A 29 0.14 3.19 7.34
C PRO A 29 -0.12 1.72 6.98
N GLU A 30 -1.36 1.40 6.65
CA GLU A 30 -1.82 0.07 6.27
C GLU A 30 -2.52 0.14 4.91
N ILE A 31 -2.83 -1.03 4.35
CA ILE A 31 -3.54 -1.17 3.09
C ILE A 31 -4.50 -2.36 3.22
N SER A 32 -5.55 -2.39 2.41
CA SER A 32 -6.37 -3.56 2.21
C SER A 32 -6.91 -3.47 0.79
N PHE A 33 -7.56 -4.54 0.35
CA PHE A 33 -8.03 -4.72 -1.00
C PHE A 33 -9.40 -5.39 -0.99
N GLY A 34 -10.08 -5.40 -2.13
CA GLY A 34 -11.26 -6.18 -2.42
C GLY A 34 -11.56 -6.13 -3.90
N GLU A 35 -12.79 -6.54 -4.23
CA GLU A 35 -13.29 -6.76 -5.58
C GLU A 35 -12.97 -5.62 -6.53
N LYS A 36 -12.95 -5.91 -7.84
CA LYS A 36 -12.36 -5.06 -8.86
C LYS A 36 -10.92 -4.68 -8.54
N MET A 37 -10.18 -5.51 -7.76
CA MET A 37 -8.79 -5.27 -7.38
C MET A 37 -8.65 -3.90 -6.69
N MET A 38 -9.72 -3.42 -6.05
CA MET A 38 -9.72 -2.19 -5.28
C MET A 38 -8.62 -2.22 -4.24
N ILE A 39 -8.13 -1.04 -3.90
CA ILE A 39 -7.03 -0.79 -2.99
C ILE A 39 -7.51 0.34 -2.09
N SER A 40 -7.66 0.10 -0.79
CA SER A 40 -8.26 1.05 0.14
C SER A 40 -7.49 0.98 1.46
N GLY A 41 -6.89 2.09 1.89
CA GLY A 41 -5.96 2.15 3.02
C GLY A 41 -5.89 3.54 3.62
N SER A 42 -4.88 3.79 4.45
CA SER A 42 -4.51 5.15 4.85
C SER A 42 -3.07 5.14 5.30
N MET A 43 -2.26 5.98 4.66
CA MET A 43 -0.99 6.42 5.20
C MET A 43 -1.17 7.65 6.10
N CYS A 44 -1.98 8.62 5.69
CA CYS A 44 -2.30 9.83 6.44
C CYS A 44 -3.64 10.35 5.93
N ASN A 45 -3.67 10.90 4.71
CA ASN A 45 -4.82 11.49 4.02
C ASN A 45 -5.77 10.45 3.42
N ARG A 46 -5.80 9.26 4.02
CA ARG A 46 -6.45 8.06 3.51
C ARG A 46 -5.96 7.79 2.09
N PHE A 47 -6.58 6.86 1.38
CA PHE A 47 -6.58 6.70 -0.08
C PHE A 47 -7.45 5.52 -0.44
N SER A 48 -8.01 5.54 -1.65
CA SER A 48 -8.85 4.46 -2.13
C SER A 48 -9.02 4.55 -3.64
N GLY A 49 -9.07 3.42 -4.37
CA GLY A 49 -9.28 3.45 -5.80
C GLY A 49 -9.35 2.03 -6.37
N GLU A 50 -9.86 1.89 -7.59
CA GLU A 50 -9.88 0.62 -8.30
C GLU A 50 -8.48 0.33 -8.83
N GLY A 51 -7.74 -0.53 -8.13
CA GLY A 51 -6.49 -1.05 -8.64
C GLY A 51 -6.68 -1.94 -9.87
N LYS A 52 -5.58 -2.25 -10.56
CA LYS A 52 -5.47 -3.28 -11.57
C LYS A 52 -4.20 -4.06 -11.26
N LEU A 53 -4.25 -5.37 -11.49
CA LEU A 53 -3.15 -6.32 -11.35
C LEU A 53 -3.46 -7.51 -12.22
N SER A 54 -2.42 -8.19 -12.71
CA SER A 54 -2.51 -9.43 -13.45
C SER A 54 -1.15 -10.18 -13.46
N ASN A 55 -0.04 -9.44 -13.28
CA ASN A 55 1.27 -9.71 -13.85
C ASN A 55 2.41 -9.12 -12.99
N GLY A 56 2.23 -8.99 -11.68
CA GLY A 56 3.26 -8.39 -10.83
C GLY A 56 3.39 -6.88 -11.04
N GLU A 57 2.31 -6.21 -11.46
CA GLU A 57 2.25 -4.76 -11.57
C GLU A 57 0.92 -4.29 -10.97
N LEU A 58 0.90 -3.14 -10.28
CA LEU A 58 -0.22 -2.62 -9.51
C LEU A 58 -0.41 -1.14 -9.82
N THR A 59 -1.38 -0.82 -10.66
CA THR A 59 -1.76 0.55 -10.99
C THR A 59 -3.08 0.91 -10.30
N ALA A 60 -3.26 2.16 -9.87
CA ALA A 60 -4.52 2.71 -9.39
C ALA A 60 -5.25 3.43 -10.53
N LYS A 61 -6.53 3.16 -10.78
CA LYS A 61 -7.29 3.86 -11.82
C LYS A 61 -7.79 5.25 -11.40
N GLY A 62 -7.79 5.59 -10.12
CA GLY A 62 -8.27 6.87 -9.62
C GLY A 62 -8.37 6.80 -8.10
N LEU A 63 -7.69 7.70 -7.41
CA LEU A 63 -7.18 7.50 -6.07
C LEU A 63 -7.62 8.64 -5.14
N ALA A 64 -8.73 8.43 -4.44
CA ALA A 64 -9.40 9.45 -3.64
C ALA A 64 -8.68 9.66 -2.31
N MET A 65 -8.02 10.79 -2.10
CA MET A 65 -7.35 11.16 -0.85
C MET A 65 -7.93 12.46 -0.29
N THR A 66 -7.76 12.72 1.00
CA THR A 66 -8.41 13.78 1.76
C THR A 66 -7.49 15.00 1.94
N ARG A 67 -7.82 15.93 2.88
CA ARG A 67 -7.07 17.16 3.16
C ARG A 67 -6.89 17.32 4.67
N MET A 68 -6.11 16.45 5.30
CA MET A 68 -5.87 16.36 6.73
C MET A 68 -4.37 16.22 7.02
N MET A 69 -4.01 15.96 8.28
CA MET A 69 -2.65 15.92 8.79
C MET A 69 -2.47 14.75 9.75
N CYS A 70 -1.26 14.54 10.24
CA CYS A 70 -0.91 13.41 11.10
C CYS A 70 0.00 13.77 12.29
N ALA A 71 0.33 15.04 12.53
CA ALA A 71 1.24 15.51 13.60
C ALA A 71 2.66 14.92 13.51
N ASN A 72 2.98 14.13 12.48
CA ASN A 72 4.34 13.66 12.24
C ASN A 72 4.53 13.65 10.71
N PRO A 73 5.72 14.01 10.18
CA PRO A 73 5.87 14.23 8.74
C PRO A 73 5.98 12.94 7.94
N GLN A 74 6.50 11.85 8.53
CA GLN A 74 6.69 10.58 7.81
C GLN A 74 5.41 10.15 7.08
N LEU A 75 4.29 10.21 7.79
CA LEU A 75 2.97 9.81 7.31
C LEU A 75 2.46 10.78 6.23
N ASN A 76 2.76 12.06 6.42
CA ASN A 76 2.43 13.19 5.54
C ASN A 76 3.38 13.28 4.33
N GLU A 77 4.33 12.34 4.23
CA GLU A 77 5.25 12.15 3.12
C GLU A 77 4.86 10.87 2.38
N LEU A 78 4.45 9.83 3.13
CA LEU A 78 3.82 8.65 2.55
C LEU A 78 2.56 9.04 1.77
N ASP A 79 1.93 10.15 2.12
CA ASP A 79 0.75 10.73 1.46
C ASP A 79 1.05 11.18 0.02
N ASN A 80 2.31 11.26 -0.38
CA ASN A 80 2.72 11.46 -1.77
C ASN A 80 3.27 10.16 -2.34
N THR A 81 4.12 9.46 -1.58
CA THR A 81 4.77 8.21 -1.94
C THR A 81 3.78 7.24 -2.60
N ILE A 82 2.83 6.69 -1.84
CA ILE A 82 2.05 5.55 -2.34
C ILE A 82 1.07 6.01 -3.43
N SER A 83 0.59 7.25 -3.35
CA SER A 83 -0.21 7.90 -4.40
C SER A 83 0.52 7.80 -5.73
N GLU A 84 1.73 8.37 -5.79
CA GLU A 84 2.49 8.50 -7.01
C GLU A 84 2.95 7.13 -7.51
N MET A 85 3.36 6.21 -6.62
CA MET A 85 3.89 4.90 -7.01
C MET A 85 2.82 4.14 -7.79
N LEU A 86 1.59 4.20 -7.31
CA LEU A 86 0.44 3.53 -7.89
C LEU A 86 -0.05 4.24 -9.15
N LYS A 87 0.23 5.53 -9.30
CA LYS A 87 -0.12 6.33 -10.45
C LYS A 87 0.82 5.99 -11.60
N GLU A 88 2.13 6.05 -11.36
CA GLU A 88 3.13 5.71 -12.36
C GLU A 88 3.04 4.22 -12.73
N GLY A 89 2.78 3.34 -11.75
CA GLY A 89 2.53 1.92 -11.91
C GLY A 89 3.58 1.14 -11.14
N ALA A 90 3.19 0.58 -10.00
CA ALA A 90 4.13 -0.10 -9.13
C ALA A 90 4.42 -1.49 -9.70
N GLN A 91 5.69 -1.91 -9.77
CA GLN A 91 6.02 -3.33 -9.73
C GLN A 91 5.60 -3.79 -8.33
N VAL A 92 5.01 -4.96 -8.23
CA VAL A 92 4.50 -5.48 -6.97
C VAL A 92 4.94 -6.94 -6.90
N ASP A 93 5.45 -7.36 -5.75
CA ASP A 93 6.09 -8.66 -5.60
C ASP A 93 5.72 -9.19 -4.23
N LEU A 94 4.64 -9.97 -4.17
CA LEU A 94 4.20 -10.67 -2.95
C LEU A 94 4.73 -12.09 -3.05
N THR A 95 5.73 -12.38 -2.21
CA THR A 95 6.18 -13.75 -1.93
C THR A 95 5.08 -14.47 -1.13
N ALA A 96 5.35 -15.59 -0.46
CA ALA A 96 4.31 -16.29 0.29
C ALA A 96 3.63 -15.41 1.35
N ASN A 97 4.34 -14.41 1.90
CA ASN A 97 3.91 -13.65 3.06
C ASN A 97 4.74 -12.38 3.29
N GLN A 98 5.46 -11.86 2.28
CA GLN A 98 6.12 -10.55 2.31
C GLN A 98 5.76 -9.81 1.02
N LEU A 99 5.18 -8.61 1.09
CA LEU A 99 4.97 -7.72 -0.04
C LEU A 99 6.24 -6.88 -0.28
N THR A 100 6.59 -6.69 -1.54
CA THR A 100 7.64 -5.80 -2.01
C THR A 100 6.98 -4.83 -3.00
N LEU A 101 7.16 -3.53 -2.77
CA LEU A 101 6.86 -2.42 -3.68
C LEU A 101 8.21 -1.78 -4.01
N ALA A 102 8.50 -1.46 -5.27
CA ALA A 102 9.74 -0.81 -5.68
C ALA A 102 9.57 -0.07 -7.02
N THR A 103 9.06 1.16 -6.94
CA THR A 103 8.82 2.05 -8.07
C THR A 103 9.95 3.07 -8.19
N ALA A 104 9.95 3.84 -9.29
CA ALA A 104 10.92 4.90 -9.53
C ALA A 104 10.93 5.93 -8.39
N LYS A 105 9.82 6.14 -7.68
CA LYS A 105 9.87 6.85 -6.41
C LYS A 105 10.79 6.16 -5.43
N GLN A 106 10.33 5.09 -4.75
CA GLN A 106 11.05 4.41 -3.66
C GLN A 106 10.54 2.97 -3.54
N THR A 107 10.94 2.27 -2.47
CA THR A 107 10.66 0.87 -2.21
C THR A 107 10.12 0.75 -0.77
N LEU A 108 9.13 -0.11 -0.56
CA LEU A 108 8.32 -0.34 0.63
C LEU A 108 8.21 -1.86 0.86
N THR A 109 8.03 -2.28 2.10
CA THR A 109 7.99 -3.69 2.48
C THR A 109 6.87 -3.93 3.50
N TYR A 110 5.70 -4.38 3.01
CA TYR A 110 4.49 -4.57 3.81
C TYR A 110 4.33 -6.03 4.22
N LYS A 111 3.61 -6.27 5.31
CA LYS A 111 3.47 -7.57 5.98
C LYS A 111 2.02 -8.03 5.86
N LEU A 112 1.83 -9.34 5.73
CA LEU A 112 0.55 -10.04 5.69
C LEU A 112 -0.02 -10.12 7.11
N ALA A 113 -0.27 -8.96 7.71
CA ALA A 113 -0.85 -8.84 9.02
C ALA A 113 -2.35 -8.71 8.82
N ASP A 114 -3.05 -9.84 8.89
CA ASP A 114 -4.50 -9.90 8.69
C ASP A 114 -5.17 -10.62 9.84
N LEU A 115 -4.77 -10.26 11.06
CA LEU A 115 -5.45 -10.63 12.30
C LEU A 115 -5.53 -12.15 12.51
N MET A 116 -4.79 -12.91 11.72
CA MET A 116 -4.86 -14.37 11.67
C MET A 116 -3.53 -14.92 12.19
N ASN A 117 -3.57 -15.57 13.35
CA ASN A 117 -2.39 -15.98 14.10
C ASN A 117 -1.43 -16.75 13.21
N MET A 1 4.52 -16.76 -10.42
CA MET A 1 4.46 -15.38 -9.99
C MET A 1 3.21 -15.12 -9.15
N VAL A 2 3.12 -13.89 -8.65
CA VAL A 2 2.00 -13.37 -7.89
C VAL A 2 0.71 -13.35 -8.74
N THR A 3 -0.45 -13.39 -8.10
CA THR A 3 -1.74 -13.24 -8.73
C THR A 3 -2.50 -12.09 -8.06
N PRO A 4 -3.57 -11.55 -8.66
CA PRO A 4 -4.44 -10.61 -7.97
C PRO A 4 -5.21 -11.31 -6.85
N GLU A 5 -5.56 -12.56 -7.07
CA GLU A 5 -6.39 -13.37 -6.18
C GLU A 5 -5.76 -13.42 -4.79
N GLN A 6 -4.49 -13.83 -4.69
CA GLN A 6 -3.73 -13.95 -3.44
C GLN A 6 -3.50 -12.61 -2.70
N LEU A 7 -4.10 -11.52 -3.18
CA LEU A 7 -3.97 -10.18 -2.66
C LEU A 7 -5.34 -9.62 -2.31
N GLN A 8 -6.31 -9.68 -3.22
CA GLN A 8 -7.60 -8.99 -3.10
C GLN A 8 -8.42 -9.43 -1.90
N HIS A 9 -7.98 -10.45 -1.17
CA HIS A 9 -8.68 -11.15 -0.13
C HIS A 9 -7.85 -11.14 1.17
N HIS A 10 -6.75 -10.37 1.25
CA HIS A 10 -5.84 -10.35 2.40
C HIS A 10 -5.50 -8.93 2.82
N ARG A 11 -5.14 -8.78 4.10
CA ARG A 11 -4.65 -7.54 4.69
C ARG A 11 -3.14 -7.58 4.70
N PHE A 12 -2.53 -6.40 4.53
CA PHE A 12 -1.13 -6.19 4.81
C PHE A 12 -1.00 -5.00 5.77
N VAL A 13 0.16 -4.90 6.43
CA VAL A 13 0.61 -3.71 7.18
C VAL A 13 2.04 -3.32 6.75
N LEU A 14 2.43 -2.05 6.91
CA LEU A 14 3.72 -1.49 6.49
C LEU A 14 4.75 -1.74 7.57
N GLU A 15 5.59 -2.75 7.39
CA GLU A 15 6.54 -3.18 8.41
C GLU A 15 7.85 -2.39 8.25
N SER A 16 8.27 -2.09 7.02
CA SER A 16 9.51 -1.39 6.75
C SER A 16 9.39 -0.61 5.44
N VAL A 17 10.07 0.53 5.41
CA VAL A 17 10.25 1.39 4.24
C VAL A 17 11.38 0.76 3.39
N ASN A 18 11.93 1.53 2.46
CA ASN A 18 13.13 1.26 1.65
C ASN A 18 14.38 0.87 2.46
N GLY A 19 14.37 1.00 3.78
CA GLY A 19 15.51 0.68 4.64
C GLY A 19 15.46 1.40 5.97
N LYS A 20 14.26 1.65 6.50
CA LYS A 20 13.98 2.25 7.80
C LYS A 20 12.65 1.71 8.30
N PRO A 21 12.41 1.72 9.62
CA PRO A 21 11.18 1.20 10.18
C PRO A 21 10.08 2.28 10.20
N VAL A 22 8.87 1.86 10.56
CA VAL A 22 7.64 2.62 10.38
C VAL A 22 7.04 2.96 11.76
N THR A 23 6.76 4.24 11.99
CA THR A 23 6.44 4.80 13.30
C THR A 23 4.95 5.11 13.44
N SER A 24 4.18 4.18 14.02
CA SER A 24 2.78 4.38 14.36
C SER A 24 2.37 3.31 15.36
N ASP A 25 1.66 3.69 16.41
CA ASP A 25 0.93 2.78 17.31
C ASP A 25 -0.59 2.84 17.11
N LYS A 26 -1.12 3.71 16.23
CA LYS A 26 -2.55 3.89 16.01
C LYS A 26 -2.83 4.15 14.55
N ASN A 27 -3.77 3.38 13.99
CA ASN A 27 -4.22 3.46 12.59
C ASN A 27 -2.99 3.53 11.68
N PRO A 28 -2.17 2.46 11.56
CA PRO A 28 -0.91 2.48 10.84
C PRO A 28 -1.11 2.74 9.34
N PRO A 29 -0.02 2.94 8.56
CA PRO A 29 -0.12 2.89 7.11
C PRO A 29 -0.28 1.45 6.63
N GLU A 30 -1.38 0.80 7.01
CA GLU A 30 -1.74 -0.53 6.56
C GLU A 30 -2.40 -0.42 5.18
N ILE A 31 -2.61 -1.55 4.51
CA ILE A 31 -3.43 -1.61 3.30
C ILE A 31 -4.11 -2.96 3.34
N SER A 32 -5.40 -2.95 3.64
CA SER A 32 -6.25 -4.07 3.30
C SER A 32 -6.62 -3.91 1.83
N PHE A 33 -6.46 -4.97 1.05
CA PHE A 33 -7.17 -5.10 -0.22
C PHE A 33 -8.44 -5.89 0.08
N GLY A 34 -9.47 -5.76 -0.75
CA GLY A 34 -10.76 -6.42 -0.53
C GLY A 34 -11.61 -6.32 -1.77
N GLU A 35 -12.06 -7.42 -2.37
CA GLU A 35 -12.91 -7.44 -3.56
C GLU A 35 -12.14 -6.99 -4.82
N LYS A 36 -11.93 -7.90 -5.79
CA LYS A 36 -11.30 -7.75 -7.11
C LYS A 36 -9.82 -7.39 -7.12
N MET A 37 -9.45 -6.35 -6.38
CA MET A 37 -8.15 -5.75 -6.09
C MET A 37 -8.31 -4.42 -5.34
N MET A 38 -9.50 -4.03 -4.86
CA MET A 38 -9.74 -2.67 -4.34
C MET A 38 -8.78 -2.34 -3.19
N ILE A 39 -8.58 -1.05 -2.96
CA ILE A 39 -7.54 -0.46 -2.13
C ILE A 39 -8.25 0.41 -1.11
N SER A 40 -7.99 0.18 0.18
CA SER A 40 -8.53 0.95 1.30
C SER A 40 -7.39 1.16 2.32
N GLY A 41 -7.05 2.39 2.70
CA GLY A 41 -5.90 2.65 3.57
C GLY A 41 -5.81 4.10 4.02
N SER A 42 -4.80 4.41 4.85
CA SER A 42 -4.44 5.78 5.19
C SER A 42 -2.97 5.85 5.58
N MET A 43 -2.14 6.47 4.73
CA MET A 43 -0.85 6.99 5.16
C MET A 43 -1.12 8.11 6.15
N CYS A 44 -1.74 9.20 5.68
CA CYS A 44 -2.03 10.36 6.52
C CYS A 44 -3.35 10.98 6.06
N ASN A 45 -3.40 11.43 4.81
CA ASN A 45 -4.51 12.15 4.20
C ASN A 45 -5.67 11.21 3.79
N ARG A 46 -5.73 9.97 4.29
CA ARG A 46 -6.43 8.82 3.68
C ARG A 46 -5.95 8.50 2.26
N PHE A 47 -6.28 7.32 1.74
CA PHE A 47 -6.41 7.06 0.31
C PHE A 47 -7.24 5.79 0.07
N SER A 48 -7.67 5.61 -1.17
CA SER A 48 -8.37 4.42 -1.63
C SER A 48 -8.45 4.43 -3.15
N GLY A 49 -8.72 3.29 -3.82
CA GLY A 49 -8.91 3.26 -5.27
C GLY A 49 -9.29 1.87 -5.80
N GLU A 50 -9.60 1.80 -7.09
CA GLU A 50 -9.72 0.56 -7.85
C GLU A 50 -8.33 0.07 -8.19
N GLY A 51 -7.78 -0.81 -7.36
CA GLY A 51 -6.56 -1.54 -7.69
C GLY A 51 -6.82 -2.56 -8.78
N LYS A 52 -5.74 -3.06 -9.39
CA LYS A 52 -5.80 -4.20 -10.31
C LYS A 52 -4.41 -4.80 -10.49
N LEU A 53 -4.33 -6.10 -10.79
CA LEU A 53 -3.11 -6.82 -11.09
C LEU A 53 -3.47 -7.93 -12.06
N SER A 54 -2.70 -8.13 -13.12
CA SER A 54 -2.83 -9.30 -14.00
C SER A 54 -1.54 -9.58 -14.78
N ASN A 55 -0.41 -8.96 -14.43
CA ASN A 55 0.85 -9.03 -15.20
C ASN A 55 2.12 -8.85 -14.35
N GLY A 56 1.98 -8.60 -13.04
CA GLY A 56 3.09 -8.30 -12.13
C GLY A 56 3.14 -6.83 -11.69
N GLU A 57 2.24 -5.98 -12.20
CA GLU A 57 2.21 -4.55 -11.92
C GLU A 57 0.88 -4.18 -11.24
N LEU A 58 0.90 -3.26 -10.28
CA LEU A 58 -0.28 -2.72 -9.59
C LEU A 58 -0.39 -1.22 -9.86
N THR A 59 -1.52 -0.78 -10.42
CA THR A 59 -1.93 0.63 -10.45
C THR A 59 -3.11 0.88 -9.50
N ALA A 60 -3.39 2.15 -9.22
CA ALA A 60 -4.73 2.64 -8.90
C ALA A 60 -5.04 3.85 -9.78
N LYS A 61 -5.53 3.57 -10.99
CA LYS A 61 -6.12 4.58 -11.86
C LYS A 61 -7.49 4.94 -11.29
N GLY A 62 -7.62 6.05 -10.57
CA GLY A 62 -8.86 6.47 -9.93
C GLY A 62 -8.76 6.40 -8.41
N LEU A 63 -7.68 6.95 -7.83
CA LEU A 63 -7.49 7.10 -6.40
C LEU A 63 -8.50 8.12 -5.83
N ALA A 64 -8.63 8.23 -4.51
CA ALA A 64 -9.19 9.38 -3.81
C ALA A 64 -8.39 9.55 -2.52
N MET A 65 -8.46 10.73 -1.90
CA MET A 65 -7.79 11.10 -0.66
C MET A 65 -8.63 12.22 0.00
N THR A 66 -8.13 12.85 1.06
CA THR A 66 -8.64 14.10 1.60
C THR A 66 -7.46 15.08 1.83
N ARG A 67 -7.68 16.16 2.60
CA ARG A 67 -6.66 17.13 2.98
C ARG A 67 -6.59 17.30 4.50
N MET A 68 -6.44 16.19 5.24
CA MET A 68 -6.09 16.25 6.66
C MET A 68 -4.61 15.91 6.82
N MET A 69 -4.09 16.27 7.98
CA MET A 69 -2.68 16.25 8.34
C MET A 69 -2.51 15.40 9.59
N CYS A 70 -1.32 14.86 9.77
CA CYS A 70 -0.96 13.95 10.83
C CYS A 70 0.09 14.56 11.72
N ALA A 71 0.20 14.02 12.93
CA ALA A 71 1.20 14.40 13.91
C ALA A 71 2.58 13.80 13.62
N ASN A 72 2.85 13.30 12.40
CA ASN A 72 4.09 12.59 12.07
C ASN A 72 4.59 13.11 10.71
N PRO A 73 5.92 13.23 10.51
CA PRO A 73 6.48 13.70 9.25
C PRO A 73 6.34 12.66 8.14
N GLN A 74 6.78 11.43 8.40
CA GLN A 74 6.81 10.34 7.43
C GLN A 74 5.40 10.10 6.91
N LEU A 75 4.39 10.04 7.78
CA LEU A 75 3.02 9.75 7.34
C LEU A 75 2.53 10.81 6.35
N ASN A 76 2.84 12.09 6.58
CA ASN A 76 2.52 13.20 5.69
C ASN A 76 3.28 13.03 4.36
N GLU A 77 4.60 12.79 4.41
CA GLU A 77 5.47 12.50 3.27
C GLU A 77 4.93 11.31 2.45
N LEU A 78 4.32 10.34 3.11
CA LEU A 78 3.85 9.11 2.52
C LEU A 78 2.59 9.31 1.70
N ASP A 79 1.81 10.38 1.89
CA ASP A 79 0.63 10.65 1.06
C ASP A 79 1.01 10.68 -0.42
N ASN A 80 2.11 11.37 -0.70
CA ASN A 80 2.51 11.74 -2.04
C ASN A 80 3.57 10.76 -2.54
N THR A 81 4.30 10.11 -1.63
CA THR A 81 5.04 8.90 -1.95
C THR A 81 4.07 7.85 -2.52
N ILE A 82 3.01 7.45 -1.80
CA ILE A 82 2.17 6.34 -2.23
C ILE A 82 1.42 6.68 -3.51
N SER A 83 0.94 7.91 -3.68
CA SER A 83 0.15 8.28 -4.85
C SER A 83 0.93 7.98 -6.13
N GLU A 84 2.20 8.39 -6.20
CA GLU A 84 3.05 8.17 -7.36
C GLU A 84 3.66 6.77 -7.39
N MET A 85 3.47 5.92 -6.35
CA MET A 85 3.74 4.50 -6.45
C MET A 85 2.50 3.71 -6.90
N LEU A 86 1.35 4.36 -7.07
CA LEU A 86 0.11 3.74 -7.52
C LEU A 86 -0.30 4.26 -8.90
N LYS A 87 -0.03 5.50 -9.22
CA LYS A 87 -0.43 6.10 -10.49
C LYS A 87 0.40 5.53 -11.63
N GLU A 88 1.72 5.52 -11.48
CA GLU A 88 2.70 5.12 -12.49
C GLU A 88 2.86 3.59 -12.60
N GLY A 89 2.18 2.79 -11.76
CA GLY A 89 2.28 1.34 -11.78
C GLY A 89 3.48 0.85 -10.97
N ALA A 90 3.24 0.30 -9.79
CA ALA A 90 4.30 -0.37 -9.04
C ALA A 90 4.51 -1.76 -9.61
N GLN A 91 5.72 -2.29 -9.48
CA GLN A 91 5.93 -3.72 -9.51
C GLN A 91 5.42 -4.21 -8.16
N VAL A 92 4.79 -5.37 -8.18
CA VAL A 92 4.23 -5.99 -7.01
C VAL A 92 4.76 -7.42 -7.02
N ASP A 93 5.68 -7.72 -6.10
CA ASP A 93 6.49 -8.93 -6.12
C ASP A 93 6.28 -9.61 -4.77
N LEU A 94 5.11 -10.24 -4.64
CA LEU A 94 4.72 -10.91 -3.40
C LEU A 94 5.45 -12.23 -3.34
N THR A 95 6.22 -12.38 -2.28
CA THR A 95 6.84 -13.61 -1.83
C THR A 95 5.84 -14.37 -0.93
N ALA A 96 6.23 -15.40 -0.18
CA ALA A 96 5.30 -16.27 0.54
C ALA A 96 4.27 -15.50 1.40
N ASN A 97 4.72 -14.41 2.03
CA ASN A 97 3.96 -13.60 3.00
C ASN A 97 4.51 -12.18 3.10
N GLN A 98 5.28 -11.71 2.11
CA GLN A 98 5.89 -10.39 2.12
C GLN A 98 5.74 -9.73 0.74
N LEU A 99 5.01 -8.62 0.73
CA LEU A 99 4.74 -7.75 -0.40
C LEU A 99 5.99 -6.90 -0.67
N THR A 100 6.61 -7.04 -1.83
CA THR A 100 7.59 -6.11 -2.34
C THR A 100 6.85 -5.12 -3.25
N LEU A 101 6.65 -3.87 -2.82
CA LEU A 101 6.19 -2.77 -3.67
C LEU A 101 7.43 -2.02 -4.13
N ALA A 102 7.70 -2.00 -5.44
CA ALA A 102 8.82 -1.25 -6.01
C ALA A 102 8.30 -0.36 -7.14
N THR A 103 8.81 0.88 -7.23
CA THR A 103 8.47 1.86 -8.23
C THR A 103 9.65 2.82 -8.35
N ALA A 104 9.61 3.70 -9.35
CA ALA A 104 10.66 4.70 -9.55
C ALA A 104 10.74 5.71 -8.39
N LYS A 105 9.68 5.89 -7.60
CA LYS A 105 9.71 6.74 -6.40
C LYS A 105 10.60 6.10 -5.35
N GLN A 106 10.12 5.04 -4.69
CA GLN A 106 10.74 4.32 -3.61
C GLN A 106 10.31 2.85 -3.72
N THR A 107 10.81 1.99 -2.83
CA THR A 107 10.40 0.61 -2.64
C THR A 107 10.09 0.41 -1.14
N LEU A 108 9.29 -0.60 -0.79
CA LEU A 108 8.74 -0.84 0.55
C LEU A 108 8.63 -2.34 0.82
N THR A 109 8.49 -2.70 2.10
CA THR A 109 8.21 -4.06 2.57
C THR A 109 6.91 -4.03 3.38
N TYR A 110 5.87 -4.71 2.89
CA TYR A 110 4.65 -4.91 3.66
C TYR A 110 4.54 -6.38 4.08
N LYS A 111 4.01 -6.63 5.28
CA LYS A 111 3.87 -7.97 5.84
C LYS A 111 2.44 -8.45 5.63
N LEU A 112 2.24 -9.73 5.35
CA LEU A 112 0.95 -10.43 5.38
C LEU A 112 0.54 -10.64 6.84
N ALA A 113 0.40 -9.55 7.60
CA ALA A 113 -0.21 -9.55 8.91
C ALA A 113 -1.73 -9.51 8.68
N ASP A 114 -2.33 -10.63 8.27
CA ASP A 114 -3.75 -10.72 8.00
C ASP A 114 -4.54 -11.23 9.20
N LEU A 115 -4.36 -10.51 10.30
CA LEU A 115 -5.09 -10.65 11.57
C LEU A 115 -6.60 -10.32 11.47
N MET A 116 -7.07 -10.03 10.26
CA MET A 116 -8.40 -9.53 9.96
C MET A 116 -9.41 -10.62 10.30
N ASN A 117 -10.19 -10.45 11.37
CA ASN A 117 -11.14 -11.47 11.80
C ASN A 117 -12.35 -11.51 10.88
N MET A 1 4.67 -14.75 -9.12
CA MET A 1 3.71 -13.79 -9.61
C MET A 1 2.45 -13.77 -8.73
N VAL A 2 2.31 -12.69 -7.97
CA VAL A 2 1.15 -12.32 -7.15
C VAL A 2 -0.16 -12.31 -7.97
N THR A 3 -1.33 -12.43 -7.30
CA THR A 3 -2.64 -12.40 -7.97
C THR A 3 -3.61 -11.48 -7.22
N PRO A 4 -4.74 -11.09 -7.82
CA PRO A 4 -5.83 -10.39 -7.13
C PRO A 4 -6.47 -11.22 -6.01
N GLU A 5 -6.63 -12.52 -6.25
CA GLU A 5 -7.34 -13.40 -5.32
C GLU A 5 -6.61 -13.49 -3.99
N GLN A 6 -5.28 -13.66 -3.99
CA GLN A 6 -4.48 -13.75 -2.78
C GLN A 6 -4.34 -12.40 -2.04
N LEU A 7 -5.17 -11.41 -2.40
CA LEU A 7 -5.15 -10.06 -1.87
C LEU A 7 -6.54 -9.68 -1.36
N GLN A 8 -7.61 -9.84 -2.15
CA GLN A 8 -8.97 -9.37 -1.80
C GLN A 8 -9.50 -9.87 -0.45
N HIS A 9 -8.83 -10.84 0.14
CA HIS A 9 -9.27 -11.59 1.29
C HIS A 9 -8.21 -11.53 2.41
N HIS A 10 -7.22 -10.63 2.32
CA HIS A 10 -6.10 -10.53 3.25
C HIS A 10 -5.71 -9.08 3.55
N ARG A 11 -5.67 -8.70 4.83
CA ARG A 11 -5.03 -7.46 5.31
C ARG A 11 -3.53 -7.55 5.13
N PHE A 12 -2.88 -6.41 4.91
CA PHE A 12 -1.45 -6.23 5.05
C PHE A 12 -1.16 -4.99 5.91
N VAL A 13 0.07 -4.82 6.37
CA VAL A 13 0.52 -3.65 7.14
C VAL A 13 1.87 -3.16 6.62
N LEU A 14 2.09 -1.84 6.69
CA LEU A 14 3.39 -1.23 6.40
C LEU A 14 4.32 -1.54 7.56
N GLU A 15 5.14 -2.57 7.40
CA GLU A 15 6.18 -2.93 8.34
C GLU A 15 7.39 -2.01 8.12
N SER A 16 7.87 -1.87 6.88
CA SER A 16 9.05 -1.06 6.61
C SER A 16 9.01 -0.39 5.23
N VAL A 17 9.90 0.59 5.07
CA VAL A 17 9.90 1.60 4.01
C VAL A 17 11.33 1.66 3.44
N ASN A 18 11.53 2.23 2.25
CA ASN A 18 12.82 2.29 1.57
C ASN A 18 13.91 2.97 2.41
N GLY A 19 13.53 3.99 3.16
CA GLY A 19 14.48 4.89 3.80
C GLY A 19 14.83 4.50 5.23
N LYS A 20 13.89 3.90 5.96
CA LYS A 20 13.97 3.49 7.37
C LYS A 20 12.58 2.98 7.76
N PRO A 21 12.44 2.10 8.76
CA PRO A 21 11.13 1.60 9.14
C PRO A 21 10.30 2.67 9.85
N VAL A 22 9.05 2.36 10.21
CA VAL A 22 8.06 3.29 10.74
C VAL A 22 7.47 2.68 12.01
N THR A 23 6.77 3.47 12.83
CA THR A 23 6.05 3.03 14.02
C THR A 23 4.82 3.93 14.16
N SER A 24 3.64 3.32 14.33
CA SER A 24 2.39 4.00 14.65
C SER A 24 1.59 2.94 15.40
N ASP A 25 1.82 2.82 16.71
CA ASP A 25 1.06 1.93 17.58
C ASP A 25 -0.43 2.17 17.40
N LYS A 26 -0.81 3.44 17.27
CA LYS A 26 -2.16 3.91 17.05
C LYS A 26 -2.41 4.02 15.55
N ASN A 27 -3.21 3.08 15.03
CA ASN A 27 -3.72 3.00 13.66
C ASN A 27 -2.63 3.24 12.62
N PRO A 28 -1.72 2.27 12.39
CA PRO A 28 -0.60 2.43 11.47
C PRO A 28 -1.05 2.55 10.01
N PRO A 29 -0.11 2.88 9.10
CA PRO A 29 -0.35 2.91 7.66
C PRO A 29 -0.50 1.49 7.09
N GLU A 30 -1.53 0.77 7.51
CA GLU A 30 -1.89 -0.54 7.01
C GLU A 30 -2.69 -0.39 5.71
N ILE A 31 -2.86 -1.49 4.98
CA ILE A 31 -3.59 -1.53 3.72
C ILE A 31 -4.40 -2.82 3.70
N SER A 32 -5.65 -2.77 3.25
CA SER A 32 -6.52 -3.91 3.12
C SER A 32 -6.97 -3.94 1.66
N PHE A 33 -6.67 -5.05 0.98
CA PHE A 33 -7.17 -5.30 -0.36
C PHE A 33 -8.53 -5.97 -0.15
N GLY A 34 -9.56 -5.61 -0.92
CA GLY A 34 -10.89 -6.22 -0.82
C GLY A 34 -11.66 -6.04 -2.12
N GLU A 35 -12.74 -6.79 -2.33
CA GLU A 35 -13.59 -6.62 -3.50
C GLU A 35 -12.80 -6.93 -4.78
N LYS A 36 -13.27 -6.48 -5.95
CA LYS A 36 -12.72 -6.72 -7.28
C LYS A 36 -11.28 -6.18 -7.38
N MET A 37 -10.33 -6.86 -6.74
CA MET A 37 -8.96 -6.46 -6.50
C MET A 37 -8.77 -5.06 -5.92
N MET A 38 -9.80 -4.48 -5.32
CA MET A 38 -9.76 -3.12 -4.83
C MET A 38 -8.79 -2.99 -3.66
N ILE A 39 -8.45 -1.75 -3.33
CA ILE A 39 -7.39 -1.40 -2.41
C ILE A 39 -7.97 -0.31 -1.51
N SER A 40 -7.92 -0.47 -0.18
CA SER A 40 -8.22 0.58 0.79
C SER A 40 -7.08 0.63 1.80
N GLY A 41 -6.80 1.78 2.41
CA GLY A 41 -5.71 1.93 3.35
C GLY A 41 -5.64 3.36 3.83
N SER A 42 -4.77 3.64 4.80
CA SER A 42 -4.64 4.99 5.31
C SER A 42 -3.21 5.27 5.73
N MET A 43 -2.38 5.67 4.76
CA MET A 43 -1.05 6.20 5.00
C MET A 43 -1.13 7.27 6.06
N CYS A 44 -1.98 8.27 5.83
CA CYS A 44 -2.27 9.34 6.74
C CYS A 44 -3.57 10.06 6.34
N ASN A 45 -3.92 10.06 5.05
CA ASN A 45 -4.96 10.88 4.42
C ASN A 45 -6.05 10.05 3.76
N ARG A 46 -6.16 8.80 4.17
CA ARG A 46 -6.72 7.67 3.42
C ARG A 46 -6.13 7.59 2.01
N PHE A 47 -6.38 6.45 1.39
CA PHE A 47 -6.20 6.24 -0.03
C PHE A 47 -6.96 4.97 -0.36
N SER A 48 -7.47 4.92 -1.56
CA SER A 48 -8.22 3.79 -2.06
C SER A 48 -8.24 3.89 -3.58
N GLY A 49 -8.34 2.80 -4.33
CA GLY A 49 -8.66 2.87 -5.75
C GLY A 49 -8.87 1.44 -6.22
N GLU A 50 -9.50 1.26 -7.38
CA GLU A 50 -9.61 -0.04 -8.02
C GLU A 50 -8.21 -0.48 -8.40
N GLY A 51 -7.74 -1.57 -7.80
CA GLY A 51 -6.46 -2.15 -8.18
C GLY A 51 -6.41 -2.61 -9.64
N LYS A 52 -5.20 -2.79 -10.19
CA LYS A 52 -5.00 -3.50 -11.44
C LYS A 52 -3.85 -4.49 -11.28
N LEU A 53 -4.03 -5.72 -11.78
CA LEU A 53 -3.05 -6.79 -11.63
C LEU A 53 -3.31 -7.87 -12.68
N SER A 54 -2.61 -7.76 -13.81
CA SER A 54 -2.55 -8.81 -14.81
C SER A 54 -1.11 -8.99 -15.33
N ASN A 55 -0.21 -8.04 -15.01
CA ASN A 55 1.15 -7.92 -15.53
C ASN A 55 2.12 -7.57 -14.37
N GLY A 56 1.76 -7.94 -13.13
CA GLY A 56 2.53 -7.61 -11.92
C GLY A 56 2.44 -6.14 -11.49
N GLU A 57 1.77 -5.29 -12.25
CA GLU A 57 1.94 -3.85 -12.17
C GLU A 57 0.67 -3.20 -11.57
N LEU A 58 0.77 -2.79 -10.30
CA LEU A 58 -0.28 -2.09 -9.57
C LEU A 58 -0.41 -0.62 -9.99
N THR A 59 -1.30 -0.33 -10.94
CA THR A 59 -1.68 1.02 -11.36
C THR A 59 -3.08 1.36 -10.86
N ALA A 60 -3.27 2.49 -10.19
CA ALA A 60 -4.57 2.99 -9.76
C ALA A 60 -4.68 4.47 -10.13
N LYS A 61 -5.12 4.73 -11.35
CA LYS A 61 -5.56 6.03 -11.85
C LYS A 61 -6.44 6.72 -10.82
N GLY A 62 -7.59 6.09 -10.53
CA GLY A 62 -8.62 6.60 -9.64
C GLY A 62 -8.28 6.38 -8.17
N LEU A 63 -7.05 6.67 -7.75
CA LEU A 63 -6.71 6.77 -6.36
C LEU A 63 -7.51 7.94 -5.75
N ALA A 64 -7.97 7.78 -4.50
CA ALA A 64 -8.86 8.72 -3.83
C ALA A 64 -8.28 9.08 -2.46
N MET A 65 -7.52 10.16 -2.37
CA MET A 65 -6.84 10.61 -1.15
C MET A 65 -7.40 11.96 -0.71
N THR A 66 -7.27 12.29 0.58
CA THR A 66 -7.62 13.60 1.14
C THR A 66 -6.40 14.54 1.06
N ARG A 67 -6.48 15.73 1.67
CA ARG A 67 -5.35 16.65 1.85
C ARG A 67 -5.20 17.14 3.29
N MET A 68 -5.87 16.54 4.27
CA MET A 68 -5.73 16.97 5.66
C MET A 68 -4.28 16.82 6.16
N MET A 69 -3.99 17.43 7.30
CA MET A 69 -2.76 17.28 8.04
C MET A 69 -2.58 15.81 8.39
N CYS A 70 -1.59 15.14 7.79
CA CYS A 70 -1.18 13.80 8.16
C CYS A 70 -0.66 13.71 9.60
N ALA A 71 -0.37 14.86 10.24
CA ALA A 71 -0.18 15.03 11.67
C ALA A 71 0.97 14.22 12.28
N ASN A 72 1.76 13.50 11.48
CA ASN A 72 3.11 13.08 11.87
C ASN A 72 3.99 13.16 10.63
N PRO A 73 5.27 13.55 10.75
CA PRO A 73 6.10 13.94 9.61
C PRO A 73 6.33 12.77 8.67
N GLN A 74 6.69 11.60 9.22
CA GLN A 74 6.96 10.41 8.43
C GLN A 74 5.73 10.01 7.62
N LEU A 75 4.53 10.15 8.20
CA LEU A 75 3.28 9.76 7.54
C LEU A 75 2.96 10.77 6.44
N ASN A 76 3.15 12.07 6.70
CA ASN A 76 2.87 13.13 5.72
C ASN A 76 3.76 13.00 4.50
N GLU A 77 5.02 12.62 4.69
CA GLU A 77 5.96 12.36 3.61
C GLU A 77 5.52 11.22 2.67
N LEU A 78 4.67 10.31 3.15
CA LEU A 78 4.23 9.14 2.39
C LEU A 78 2.97 9.44 1.58
N ASP A 79 2.27 10.55 1.88
CA ASP A 79 1.10 11.03 1.14
C ASP A 79 1.41 11.23 -0.33
N ASN A 80 2.57 11.79 -0.62
CA ASN A 80 2.98 12.06 -1.99
C ASN A 80 3.44 10.75 -2.59
N THR A 81 4.41 10.11 -1.93
CA THR A 81 5.06 8.88 -2.33
C THR A 81 4.03 7.85 -2.81
N ILE A 82 3.01 7.51 -2.00
CA ILE A 82 2.06 6.48 -2.37
C ILE A 82 1.25 6.87 -3.60
N SER A 83 0.84 8.13 -3.67
CA SER A 83 -0.02 8.61 -4.75
C SER A 83 0.74 8.52 -6.06
N GLU A 84 2.04 8.83 -6.03
CA GLU A 84 2.95 8.87 -7.15
C GLU A 84 3.34 7.46 -7.60
N MET A 85 3.46 6.49 -6.68
CA MET A 85 3.83 5.11 -7.01
C MET A 85 2.71 4.49 -7.82
N LEU A 86 1.49 4.52 -7.26
CA LEU A 86 0.33 3.87 -7.83
C LEU A 86 -0.10 4.49 -9.14
N LYS A 87 0.29 5.73 -9.42
CA LYS A 87 -0.07 6.38 -10.68
C LYS A 87 0.67 5.76 -11.85
N GLU A 88 1.96 5.45 -11.68
CA GLU A 88 2.78 4.95 -12.78
C GLU A 88 2.63 3.45 -12.96
N GLY A 89 2.53 2.67 -11.87
CA GLY A 89 2.51 1.23 -11.94
C GLY A 89 3.63 0.67 -11.12
N ALA A 90 3.34 0.52 -9.83
CA ALA A 90 4.29 -0.11 -8.93
C ALA A 90 4.41 -1.58 -9.32
N GLN A 91 5.63 -2.11 -9.28
CA GLN A 91 5.84 -3.54 -9.30
C GLN A 91 5.29 -4.05 -7.97
N VAL A 92 4.66 -5.22 -8.00
CA VAL A 92 4.10 -5.85 -6.83
C VAL A 92 4.61 -7.29 -6.87
N ASP A 93 5.37 -7.64 -5.85
CA ASP A 93 6.12 -8.87 -5.70
C ASP A 93 5.73 -9.44 -4.34
N LEU A 94 4.61 -10.18 -4.30
CA LEU A 94 4.21 -10.89 -3.09
C LEU A 94 4.92 -12.23 -3.05
N THR A 95 5.85 -12.29 -2.13
CA THR A 95 6.56 -13.47 -1.68
C THR A 95 5.65 -14.28 -0.74
N ALA A 96 6.12 -15.43 -0.23
CA ALA A 96 5.31 -16.47 0.40
C ALA A 96 4.25 -15.94 1.37
N ASN A 97 4.60 -14.95 2.21
CA ASN A 97 3.67 -14.21 3.06
C ASN A 97 4.16 -12.77 3.32
N GLN A 98 4.86 -12.17 2.37
CA GLN A 98 5.40 -10.82 2.53
C GLN A 98 5.43 -10.11 1.18
N LEU A 99 4.81 -8.93 1.12
CA LEU A 99 4.65 -8.11 -0.06
C LEU A 99 5.83 -7.14 -0.20
N THR A 100 6.45 -7.08 -1.37
CA THR A 100 7.25 -5.94 -1.81
C THR A 100 6.48 -5.13 -2.84
N LEU A 101 6.39 -3.82 -2.61
CA LEU A 101 6.09 -2.80 -3.59
C LEU A 101 7.41 -2.19 -4.03
N ALA A 102 7.56 -1.86 -5.31
CA ALA A 102 8.69 -1.13 -5.86
C ALA A 102 8.17 -0.21 -6.96
N THR A 103 8.76 0.96 -7.18
CA THR A 103 8.49 1.89 -8.25
C THR A 103 9.69 2.85 -8.36
N ALA A 104 9.70 3.71 -9.39
CA ALA A 104 10.69 4.76 -9.55
C ALA A 104 10.84 5.62 -8.29
N LYS A 105 9.75 5.88 -7.57
CA LYS A 105 9.80 6.58 -6.30
C LYS A 105 10.58 5.79 -5.26
N GLN A 106 10.01 4.72 -4.71
CA GLN A 106 10.67 3.96 -3.66
C GLN A 106 10.22 2.49 -3.65
N THR A 107 10.62 1.74 -2.63
CA THR A 107 10.28 0.34 -2.40
C THR A 107 9.76 0.23 -0.95
N LEU A 108 8.66 -0.51 -0.75
CA LEU A 108 7.90 -0.67 0.48
C LEU A 108 7.84 -2.17 0.77
N THR A 109 7.77 -2.53 2.05
CA THR A 109 7.77 -3.92 2.47
C THR A 109 6.65 -4.17 3.47
N TYR A 110 5.56 -4.77 2.99
CA TYR A 110 4.33 -4.98 3.74
C TYR A 110 4.23 -6.43 4.20
N LYS A 111 3.66 -6.64 5.39
CA LYS A 111 3.54 -7.95 6.03
C LYS A 111 2.14 -8.50 5.80
N LEU A 112 1.98 -9.80 5.58
CA LEU A 112 0.69 -10.51 5.71
C LEU A 112 0.34 -10.66 7.20
N ALA A 113 0.27 -9.55 7.94
CA ALA A 113 -0.01 -9.54 9.37
C ALA A 113 -1.51 -9.39 9.58
N ASP A 114 -2.23 -10.41 9.11
CA ASP A 114 -3.64 -10.32 8.75
C ASP A 114 -4.58 -10.63 9.91
N LEU A 115 -4.03 -10.61 11.13
CA LEU A 115 -4.54 -11.03 12.43
C LEU A 115 -4.59 -12.54 12.64
N MET A 116 -3.95 -13.31 11.76
CA MET A 116 -3.96 -14.77 11.72
C MET A 116 -5.30 -15.27 11.17
N ASN A 117 -5.25 -16.41 10.49
CA ASN A 117 -6.21 -16.86 9.48
C ASN A 117 -7.67 -16.66 9.89
N MET A 1 5.70 -14.51 -8.97
CA MET A 1 4.57 -13.83 -9.58
C MET A 1 3.38 -13.93 -8.64
N VAL A 2 2.96 -12.79 -8.09
CA VAL A 2 1.77 -12.67 -7.25
C VAL A 2 0.49 -12.91 -8.07
N THR A 3 -0.60 -13.24 -7.38
CA THR A 3 -1.97 -13.19 -7.88
C THR A 3 -2.86 -12.31 -6.99
N PRO A 4 -3.98 -11.77 -7.51
CA PRO A 4 -4.84 -10.82 -6.79
C PRO A 4 -5.65 -11.52 -5.71
N GLU A 5 -6.01 -12.77 -5.98
CA GLU A 5 -6.60 -13.68 -5.00
C GLU A 5 -5.82 -13.57 -3.67
N GLN A 6 -4.49 -13.57 -3.77
CA GLN A 6 -3.58 -13.49 -2.62
C GLN A 6 -3.56 -12.13 -1.92
N LEU A 7 -4.41 -11.19 -2.31
CA LEU A 7 -4.45 -9.81 -1.83
C LEU A 7 -5.85 -9.48 -1.33
N GLN A 8 -6.88 -9.76 -2.13
CA GLN A 8 -8.28 -9.39 -1.95
C GLN A 8 -8.94 -9.86 -0.64
N HIS A 9 -8.23 -10.61 0.20
CA HIS A 9 -8.65 -11.03 1.53
C HIS A 9 -7.50 -11.00 2.55
N HIS A 10 -6.32 -10.48 2.19
CA HIS A 10 -5.11 -10.59 3.00
C HIS A 10 -4.57 -9.20 3.32
N ARG A 11 -4.47 -8.90 4.62
CA ARG A 11 -3.99 -7.62 5.12
C ARG A 11 -2.47 -7.57 5.14
N PHE A 12 -1.98 -6.36 4.99
CA PHE A 12 -0.58 -6.00 5.08
C PHE A 12 -0.46 -4.69 5.83
N VAL A 13 0.72 -4.49 6.34
CA VAL A 13 1.14 -3.45 7.26
C VAL A 13 2.48 -2.92 6.75
N LEU A 14 2.73 -1.60 6.81
CA LEU A 14 3.96 -0.99 6.31
C LEU A 14 5.11 -1.21 7.29
N GLU A 15 5.63 -2.43 7.25
CA GLU A 15 6.64 -2.97 8.13
C GLU A 15 7.97 -2.20 7.99
N SER A 16 8.35 -1.85 6.75
CA SER A 16 9.44 -0.90 6.52
C SER A 16 9.35 -0.17 5.18
N VAL A 17 9.82 1.09 5.14
CA VAL A 17 9.88 1.94 3.96
C VAL A 17 11.29 1.83 3.37
N ASN A 18 11.45 2.32 2.16
CA ASN A 18 12.70 2.57 1.42
C ASN A 18 13.80 3.25 2.25
N GLY A 19 13.45 3.97 3.32
CA GLY A 19 14.39 4.66 4.18
C GLY A 19 14.46 4.05 5.57
N LYS A 20 13.31 3.93 6.26
CA LYS A 20 13.23 3.62 7.68
C LYS A 20 11.89 2.95 7.96
N PRO A 21 11.69 2.26 9.09
CA PRO A 21 10.39 1.69 9.43
C PRO A 21 9.41 2.78 9.84
N VAL A 22 8.14 2.41 10.04
CA VAL A 22 7.09 3.30 10.52
C VAL A 22 6.58 2.73 11.83
N THR A 23 6.21 3.60 12.76
CA THR A 23 5.57 3.22 14.00
C THR A 23 4.57 4.32 14.37
N SER A 24 3.27 4.02 14.44
CA SER A 24 2.27 4.98 14.86
C SER A 24 1.54 4.56 16.14
N ASP A 25 1.97 3.45 16.75
CA ASP A 25 1.50 2.77 17.96
C ASP A 25 0.05 2.27 17.90
N LYS A 26 -0.82 3.04 17.26
CA LYS A 26 -2.18 2.74 16.89
C LYS A 26 -2.32 3.22 15.46
N ASN A 27 -3.28 2.61 14.77
CA ASN A 27 -3.67 2.90 13.39
C ASN A 27 -2.43 2.96 12.49
N PRO A 28 -1.77 1.80 12.26
CA PRO A 28 -0.61 1.73 11.38
C PRO A 28 -1.03 2.04 9.93
N PRO A 29 -0.09 2.52 9.08
CA PRO A 29 -0.29 2.57 7.64
C PRO A 29 -0.30 1.15 7.09
N GLU A 30 -1.43 0.49 7.26
CA GLU A 30 -1.74 -0.87 6.86
C GLU A 30 -2.66 -0.76 5.64
N ILE A 31 -2.61 -1.75 4.75
CA ILE A 31 -3.32 -1.76 3.49
C ILE A 31 -3.99 -3.12 3.37
N SER A 32 -5.17 -3.15 2.76
CA SER A 32 -5.88 -4.37 2.43
C SER A 32 -6.46 -4.19 1.04
N PHE A 33 -6.87 -5.29 0.44
CA PHE A 33 -7.51 -5.27 -0.85
C PHE A 33 -8.84 -6.00 -0.76
N GLY A 34 -9.71 -5.79 -1.74
CA GLY A 34 -10.96 -6.52 -1.88
C GLY A 34 -11.33 -6.58 -3.36
N GLU A 35 -12.54 -7.06 -3.64
CA GLU A 35 -13.08 -7.31 -4.98
C GLU A 35 -12.80 -6.13 -5.91
N LYS A 36 -12.68 -6.42 -7.21
CA LYS A 36 -12.19 -5.50 -8.22
C LYS A 36 -10.80 -4.98 -7.86
N MET A 37 -9.99 -5.74 -7.11
CA MET A 37 -8.64 -5.37 -6.66
C MET A 37 -8.63 -4.00 -5.97
N MET A 38 -9.75 -3.60 -5.36
CA MET A 38 -9.93 -2.34 -4.67
C MET A 38 -8.90 -2.20 -3.57
N ILE A 39 -8.40 -0.99 -3.42
CA ILE A 39 -7.25 -0.63 -2.59
C ILE A 39 -7.81 0.22 -1.44
N SER A 40 -7.52 -0.15 -0.19
CA SER A 40 -8.00 0.54 1.01
C SER A 40 -6.87 0.72 2.02
N GLY A 41 -6.74 1.90 2.62
CA GLY A 41 -5.65 2.25 3.52
C GLY A 41 -5.60 3.75 3.82
N SER A 42 -4.69 4.15 4.68
CA SER A 42 -4.30 5.52 4.97
C SER A 42 -2.82 5.52 5.33
N MET A 43 -2.00 6.08 4.43
CA MET A 43 -0.63 6.43 4.81
C MET A 43 -0.63 7.50 5.91
N CYS A 44 -1.47 8.52 5.76
CA CYS A 44 -1.51 9.71 6.60
C CYS A 44 -2.91 10.27 6.42
N ASN A 45 -3.21 10.62 5.17
CA ASN A 45 -4.34 11.46 4.79
C ASN A 45 -5.54 10.69 4.24
N ARG A 46 -5.58 9.37 4.39
CA ARG A 46 -6.43 8.40 3.71
C ARG A 46 -6.21 8.37 2.21
N PHE A 47 -6.47 7.21 1.60
CA PHE A 47 -6.52 7.03 0.16
C PHE A 47 -7.34 5.79 -0.12
N SER A 48 -7.66 5.58 -1.38
CA SER A 48 -8.41 4.46 -1.89
C SER A 48 -8.10 4.38 -3.38
N GLY A 49 -8.38 3.27 -4.08
CA GLY A 49 -8.60 3.35 -5.50
C GLY A 49 -9.00 2.01 -6.07
N GLU A 50 -9.41 1.99 -7.33
CA GLU A 50 -9.47 0.78 -8.10
C GLU A 50 -8.04 0.41 -8.48
N GLY A 51 -7.54 -0.68 -7.91
CA GLY A 51 -6.41 -1.43 -8.45
C GLY A 51 -6.83 -2.41 -9.56
N LYS A 52 -5.87 -3.16 -10.13
CA LYS A 52 -6.07 -4.31 -11.03
C LYS A 52 -4.76 -5.10 -11.08
N LEU A 53 -4.79 -6.40 -11.42
CA LEU A 53 -3.60 -7.22 -11.58
C LEU A 53 -3.60 -7.85 -12.97
N SER A 54 -2.62 -7.47 -13.80
CA SER A 54 -2.43 -8.03 -15.12
C SER A 54 -0.95 -8.37 -15.38
N ASN A 55 -0.03 -7.42 -15.22
CA ASN A 55 1.41 -7.64 -15.46
C ASN A 55 2.26 -7.64 -14.19
N GLY A 56 1.62 -7.72 -13.02
CA GLY A 56 2.26 -7.57 -11.71
C GLY A 56 2.25 -6.13 -11.22
N GLU A 57 1.60 -5.23 -11.95
CA GLU A 57 1.72 -3.79 -11.80
C GLU A 57 0.38 -3.23 -11.30
N LEU A 58 0.36 -2.80 -10.05
CA LEU A 58 -0.78 -2.12 -9.44
C LEU A 58 -0.76 -0.65 -9.85
N THR A 59 -1.52 -0.31 -10.88
CA THR A 59 -1.80 1.07 -11.26
C THR A 59 -3.13 1.50 -10.65
N ALA A 60 -3.22 2.78 -10.29
CA ALA A 60 -4.49 3.44 -10.02
C ALA A 60 -5.31 3.60 -11.31
N LYS A 61 -6.57 4.00 -11.14
CA LYS A 61 -7.57 4.24 -12.16
C LYS A 61 -8.64 5.24 -11.70
N GLY A 62 -8.66 5.61 -10.42
CA GLY A 62 -9.67 6.42 -9.79
C GLY A 62 -9.40 6.39 -8.31
N LEU A 63 -8.41 7.16 -7.87
CA LEU A 63 -7.87 7.15 -6.52
C LEU A 63 -8.15 8.49 -5.86
N ALA A 64 -8.35 8.43 -4.55
CA ALA A 64 -8.74 9.56 -3.72
C ALA A 64 -7.69 9.76 -2.63
N MET A 65 -7.75 10.90 -1.96
CA MET A 65 -6.97 11.24 -0.77
C MET A 65 -7.82 12.22 0.06
N THR A 66 -7.32 12.72 1.20
CA THR A 66 -7.90 13.89 1.87
C THR A 66 -6.79 14.90 2.19
N ARG A 67 -7.16 16.03 2.80
CA ARG A 67 -6.28 17.12 3.21
C ARG A 67 -6.53 17.43 4.68
N MET A 68 -5.94 16.62 5.55
CA MET A 68 -5.84 16.75 7.00
C MET A 68 -4.35 16.88 7.40
N MET A 69 -4.08 16.89 8.70
CA MET A 69 -2.77 16.76 9.35
C MET A 69 -2.64 15.35 9.93
N CYS A 70 -1.46 14.98 10.44
CA CYS A 70 -1.23 13.72 11.14
C CYS A 70 -0.26 13.93 12.29
N ALA A 71 -0.42 13.10 13.33
CA ALA A 71 0.41 13.13 14.52
C ALA A 71 1.70 12.32 14.33
N ASN A 72 2.29 12.35 13.13
CA ASN A 72 3.70 12.01 12.91
C ASN A 72 4.10 12.47 11.50
N PRO A 73 5.36 12.84 11.25
CA PRO A 73 5.76 13.46 9.98
C PRO A 73 6.04 12.46 8.87
N GLN A 74 6.58 11.28 9.21
CA GLN A 74 6.98 10.27 8.22
C GLN A 74 5.79 9.81 7.38
N LEU A 75 4.64 9.69 8.03
CA LEU A 75 3.36 9.39 7.42
C LEU A 75 3.11 10.42 6.30
N ASN A 76 3.40 11.69 6.57
CA ASN A 76 3.16 12.87 5.74
C ASN A 76 4.20 13.01 4.62
N GLU A 77 5.08 12.03 4.49
CA GLU A 77 6.00 11.83 3.38
C GLU A 77 5.42 10.73 2.48
N LEU A 78 4.95 9.63 3.10
CA LEU A 78 4.30 8.51 2.43
C LEU A 78 2.97 8.93 1.81
N ASP A 79 2.29 9.93 2.38
CA ASP A 79 1.14 10.63 1.81
C ASP A 79 1.41 11.36 0.49
N ASN A 80 2.67 11.40 0.06
CA ASN A 80 3.06 11.76 -1.31
C ASN A 80 3.54 10.52 -2.09
N THR A 81 4.30 9.59 -1.47
CA THR A 81 4.83 8.42 -2.19
C THR A 81 3.72 7.63 -2.87
N ILE A 82 2.80 7.02 -2.12
CA ILE A 82 1.88 6.05 -2.72
C ILE A 82 1.03 6.71 -3.80
N SER A 83 0.64 7.96 -3.60
CA SER A 83 -0.17 8.75 -4.50
C SER A 83 0.50 8.84 -5.87
N GLU A 84 1.79 9.15 -5.85
CA GLU A 84 2.63 9.36 -7.01
C GLU A 84 3.01 8.03 -7.64
N MET A 85 3.34 7.02 -6.82
CA MET A 85 3.79 5.71 -7.27
C MET A 85 2.65 5.02 -7.99
N LEU A 86 1.42 5.14 -7.48
CA LEU A 86 0.37 4.33 -8.03
C LEU A 86 -0.03 4.80 -9.43
N LYS A 87 0.10 6.12 -9.63
CA LYS A 87 -0.18 6.77 -10.89
C LYS A 87 0.67 6.11 -11.96
N GLU A 88 1.97 5.97 -11.67
CA GLU A 88 2.90 5.27 -12.51
C GLU A 88 2.66 3.77 -12.54
N GLY A 89 2.06 3.15 -11.50
CA GLY A 89 2.00 1.70 -11.46
C GLY A 89 3.16 1.17 -10.69
N ALA A 90 2.86 0.75 -9.47
CA ALA A 90 3.85 0.07 -8.66
C ALA A 90 3.94 -1.37 -9.10
N GLN A 91 5.15 -1.90 -9.24
CA GLN A 91 5.36 -3.33 -9.31
C GLN A 91 4.96 -3.89 -7.94
N VAL A 92 4.27 -5.01 -7.92
CA VAL A 92 3.78 -5.69 -6.75
C VAL A 92 4.18 -7.14 -6.91
N ASP A 93 4.97 -7.64 -5.98
CA ASP A 93 5.27 -9.06 -5.89
C ASP A 93 5.19 -9.49 -4.45
N LEU A 94 4.02 -10.00 -4.08
CA LEU A 94 3.84 -10.74 -2.85
C LEU A 94 4.64 -12.01 -2.98
N THR A 95 5.73 -12.04 -2.22
CA THR A 95 6.56 -13.21 -1.98
C THR A 95 5.76 -14.15 -1.06
N ALA A 96 6.30 -15.29 -0.64
CA ALA A 96 5.60 -16.26 0.22
C ALA A 96 4.85 -15.61 1.40
N ASN A 97 5.35 -14.53 2.00
CA ASN A 97 4.61 -13.75 3.00
C ASN A 97 5.00 -12.26 3.06
N GLN A 98 5.59 -11.68 2.01
CA GLN A 98 6.07 -10.30 2.04
C GLN A 98 5.79 -9.58 0.72
N LEU A 99 5.01 -8.51 0.77
CA LEU A 99 4.65 -7.63 -0.35
C LEU A 99 5.88 -6.83 -0.76
N THR A 100 6.47 -7.16 -1.90
CA THR A 100 7.56 -6.38 -2.47
C THR A 100 6.89 -5.32 -3.36
N LEU A 101 7.06 -4.04 -3.04
CA LEU A 101 6.63 -2.94 -3.92
C LEU A 101 7.85 -2.27 -4.49
N ALA A 102 7.76 -1.74 -5.72
CA ALA A 102 8.73 -0.83 -6.29
C ALA A 102 8.02 0.13 -7.25
N THR A 103 8.67 1.25 -7.56
CA THR A 103 8.48 2.12 -8.72
C THR A 103 9.84 2.71 -9.07
N ALA A 104 9.90 3.51 -10.15
CA ALA A 104 11.02 4.42 -10.38
C ALA A 104 11.22 5.39 -9.21
N LYS A 105 10.19 5.69 -8.42
CA LYS A 105 10.30 6.43 -7.17
C LYS A 105 11.00 5.56 -6.13
N GLN A 106 10.27 4.68 -5.45
CA GLN A 106 10.79 3.95 -4.30
C GLN A 106 10.04 2.64 -4.06
N THR A 107 10.52 1.88 -3.06
CA THR A 107 10.18 0.50 -2.74
C THR A 107 9.62 0.45 -1.32
N LEU A 108 8.52 -0.28 -1.10
CA LEU A 108 7.93 -0.46 0.23
C LEU A 108 7.99 -1.95 0.56
N THR A 109 8.07 -2.26 1.84
CA THR A 109 8.12 -3.61 2.36
C THR A 109 6.89 -3.72 3.23
N TYR A 110 5.88 -4.47 2.77
CA TYR A 110 4.73 -4.72 3.60
C TYR A 110 4.72 -6.19 3.98
N LYS A 111 4.49 -6.45 5.26
CA LYS A 111 4.49 -7.81 5.78
C LYS A 111 3.06 -8.32 5.76
N LEU A 112 2.88 -9.61 5.45
CA LEU A 112 1.61 -10.30 5.62
C LEU A 112 1.32 -10.37 7.11
N ALA A 113 0.38 -9.56 7.59
CA ALA A 113 -0.03 -9.56 8.99
C ALA A 113 -1.54 -9.46 9.01
N ASP A 114 -2.21 -10.58 9.16
CA ASP A 114 -3.64 -10.70 8.97
C ASP A 114 -4.38 -10.59 10.29
N LEU A 115 -3.91 -9.61 11.05
CA LEU A 115 -4.28 -9.23 12.39
C LEU A 115 -5.68 -8.61 12.43
N MET A 116 -6.40 -8.68 11.30
CA MET A 116 -7.50 -7.80 10.98
C MET A 116 -8.60 -7.77 12.05
N ASN A 117 -8.84 -8.90 12.72
CA ASN A 117 -9.94 -9.11 13.64
C ASN A 117 -9.72 -8.31 14.92
N MET A 1 3.85 -17.00 -8.63
CA MET A 1 3.71 -15.61 -9.01
C MET A 1 2.52 -14.99 -8.26
N VAL A 2 2.65 -13.71 -7.92
CA VAL A 2 1.58 -12.97 -7.28
C VAL A 2 0.31 -13.07 -8.13
N THR A 3 -0.80 -13.44 -7.52
CA THR A 3 -2.07 -13.60 -8.21
C THR A 3 -3.12 -12.70 -7.57
N PRO A 4 -4.22 -12.36 -8.27
CA PRO A 4 -5.21 -11.40 -7.77
C PRO A 4 -6.03 -11.94 -6.59
N GLU A 5 -6.34 -13.22 -6.66
CA GLU A 5 -7.12 -13.96 -5.66
C GLU A 5 -6.44 -13.86 -4.30
N GLN A 6 -5.15 -14.23 -4.21
CA GLN A 6 -4.30 -14.16 -3.01
C GLN A 6 -4.00 -12.73 -2.51
N LEU A 7 -4.86 -11.77 -2.82
CA LEU A 7 -4.76 -10.36 -2.50
C LEU A 7 -6.15 -9.82 -2.14
N GLN A 8 -7.15 -10.11 -2.98
CA GLN A 8 -8.58 -9.71 -2.93
C GLN A 8 -9.32 -9.87 -1.61
N HIS A 9 -8.73 -10.46 -0.59
CA HIS A 9 -9.34 -10.53 0.74
C HIS A 9 -8.33 -10.45 1.88
N HIS A 10 -7.07 -10.11 1.59
CA HIS A 10 -6.00 -10.08 2.58
C HIS A 10 -5.75 -8.62 3.02
N ARG A 11 -5.05 -8.45 4.14
CA ARG A 11 -4.58 -7.16 4.65
C ARG A 11 -3.09 -7.27 4.90
N PHE A 12 -2.40 -6.16 4.67
CA PHE A 12 -0.97 -6.02 4.84
C PHE A 12 -0.77 -4.69 5.54
N VAL A 13 0.27 -4.60 6.36
CA VAL A 13 0.66 -3.41 7.12
C VAL A 13 2.08 -3.04 6.73
N LEU A 14 2.38 -1.74 6.77
CA LEU A 14 3.68 -1.22 6.42
C LEU A 14 4.67 -1.46 7.56
N GLU A 15 5.20 -2.68 7.62
CA GLU A 15 6.17 -3.09 8.64
C GLU A 15 7.44 -2.23 8.55
N SER A 16 7.85 -1.83 7.34
CA SER A 16 9.00 -0.94 7.15
C SER A 16 9.03 -0.36 5.73
N VAL A 17 9.46 0.89 5.61
CA VAL A 17 9.53 1.67 4.37
C VAL A 17 10.97 1.59 3.84
N ASN A 18 11.20 1.89 2.54
CA ASN A 18 12.54 2.12 1.98
C ASN A 18 13.35 3.13 2.78
N GLY A 19 12.66 4.12 3.37
CA GLY A 19 13.27 5.17 4.14
C GLY A 19 13.65 4.71 5.53
N LYS A 20 12.69 4.17 6.29
CA LYS A 20 12.76 3.87 7.73
C LYS A 20 11.57 3.01 8.16
N PRO A 21 11.58 2.40 9.35
CA PRO A 21 10.37 1.87 9.95
C PRO A 21 9.31 2.98 10.13
N VAL A 22 8.05 2.58 10.31
CA VAL A 22 6.95 3.48 10.59
C VAL A 22 6.02 2.82 11.61
N THR A 23 5.71 3.53 12.69
CA THR A 23 4.72 3.13 13.67
C THR A 23 3.91 4.38 14.00
N SER A 24 2.59 4.29 13.98
CA SER A 24 1.67 5.38 14.29
C SER A 24 0.72 4.85 15.36
N ASP A 25 1.31 4.61 16.53
CA ASP A 25 0.70 4.25 17.80
C ASP A 25 0.02 2.88 17.79
N LYS A 26 -1.11 2.76 17.09
CA LYS A 26 -1.85 1.53 16.86
C LYS A 26 -2.51 1.53 15.47
N ASN A 27 -2.48 2.63 14.73
CA ASN A 27 -3.16 2.79 13.44
C ASN A 27 -2.13 3.18 12.39
N PRO A 28 -1.28 2.24 11.96
CA PRO A 28 -0.26 2.48 10.94
C PRO A 28 -0.86 2.70 9.54
N PRO A 29 0.00 3.08 8.58
CA PRO A 29 -0.30 3.07 7.14
C PRO A 29 -0.51 1.65 6.60
N GLU A 30 -1.57 0.96 7.05
CA GLU A 30 -1.94 -0.34 6.54
C GLU A 30 -2.71 -0.21 5.22
N ILE A 31 -2.94 -1.31 4.52
CA ILE A 31 -3.64 -1.33 3.24
C ILE A 31 -4.45 -2.64 3.20
N SER A 32 -5.64 -2.61 2.61
CA SER A 32 -6.44 -3.80 2.40
C SER A 32 -7.10 -3.71 1.04
N PHE A 33 -7.33 -4.89 0.45
CA PHE A 33 -7.75 -5.11 -0.93
C PHE A 33 -8.97 -6.00 -0.84
N GLY A 34 -10.06 -5.68 -1.56
CA GLY A 34 -11.32 -6.44 -1.56
C GLY A 34 -11.57 -7.11 -2.90
N GLU A 35 -12.78 -7.60 -3.11
CA GLU A 35 -13.21 -8.53 -4.14
C GLU A 35 -13.22 -7.98 -5.60
N LYS A 36 -12.30 -7.08 -5.92
CA LYS A 36 -12.27 -6.24 -7.10
C LYS A 36 -10.91 -5.69 -7.52
N MET A 37 -9.79 -6.17 -6.96
CA MET A 37 -8.49 -5.49 -6.99
C MET A 37 -8.59 -4.03 -6.46
N MET A 38 -9.61 -3.69 -5.67
CA MET A 38 -9.79 -2.37 -5.07
C MET A 38 -8.76 -2.12 -3.98
N ILE A 39 -8.62 -0.86 -3.56
CA ILE A 39 -7.61 -0.47 -2.58
C ILE A 39 -8.23 0.50 -1.56
N SER A 40 -7.89 0.31 -0.28
CA SER A 40 -8.22 1.20 0.82
C SER A 40 -7.06 1.23 1.82
N GLY A 41 -6.45 2.39 2.03
CA GLY A 41 -5.35 2.62 2.98
C GLY A 41 -5.26 4.09 3.39
N SER A 42 -4.23 4.46 4.15
CA SER A 42 -4.00 5.83 4.59
C SER A 42 -2.51 6.03 4.95
N MET A 43 -1.71 6.51 3.99
CA MET A 43 -0.30 6.80 4.25
C MET A 43 -0.16 7.97 5.23
N CYS A 44 -0.99 8.99 5.05
CA CYS A 44 -1.35 9.97 6.05
C CYS A 44 -2.76 10.42 5.68
N ASN A 45 -2.88 11.03 4.50
CA ASN A 45 -4.05 11.75 4.02
C ASN A 45 -5.11 10.86 3.37
N ARG A 46 -5.23 9.61 3.81
CA ARG A 46 -6.07 8.57 3.21
C ARG A 46 -5.67 8.30 1.76
N PHE A 47 -6.15 7.22 1.16
CA PHE A 47 -6.31 7.11 -0.27
C PHE A 47 -7.32 6.01 -0.57
N SER A 48 -7.78 5.97 -1.82
CA SER A 48 -8.71 4.97 -2.30
C SER A 48 -8.65 4.96 -3.83
N GLY A 49 -8.64 3.79 -4.48
CA GLY A 49 -8.75 3.70 -5.92
C GLY A 49 -8.93 2.26 -6.36
N GLU A 50 -9.41 2.06 -7.59
CA GLU A 50 -9.46 0.77 -8.26
C GLU A 50 -8.04 0.39 -8.68
N GLY A 51 -7.40 -0.49 -7.92
CA GLY A 51 -6.20 -1.21 -8.34
C GLY A 51 -6.48 -2.22 -9.45
N LYS A 52 -5.43 -2.94 -9.89
CA LYS A 52 -5.47 -4.01 -10.89
C LYS A 52 -4.26 -4.93 -10.68
N LEU A 53 -4.29 -6.15 -11.20
CA LEU A 53 -3.20 -7.13 -11.20
C LEU A 53 -3.34 -7.91 -12.50
N SER A 54 -2.27 -8.02 -13.28
CA SER A 54 -2.18 -9.02 -14.34
C SER A 54 -0.72 -9.44 -14.60
N ASN A 55 0.20 -8.48 -14.45
CA ASN A 55 1.59 -8.49 -14.92
C ASN A 55 2.56 -8.08 -13.80
N GLY A 56 2.21 -8.39 -12.54
CA GLY A 56 3.03 -7.98 -11.40
C GLY A 56 3.14 -6.47 -11.30
N GLU A 57 2.13 -5.71 -11.73
CA GLU A 57 2.09 -4.25 -11.66
C GLU A 57 0.71 -3.86 -11.11
N LEU A 58 0.68 -2.86 -10.23
CA LEU A 58 -0.48 -2.34 -9.51
C LEU A 58 -0.65 -0.86 -9.86
N THR A 59 -1.51 -0.57 -10.83
CA THR A 59 -1.90 0.78 -11.24
C THR A 59 -3.24 1.17 -10.59
N ALA A 60 -3.36 2.41 -10.10
CA ALA A 60 -4.61 2.99 -9.61
C ALA A 60 -4.93 4.30 -10.35
N LYS A 61 -5.60 4.16 -11.49
CA LYS A 61 -6.04 5.18 -12.43
C LYS A 61 -6.87 6.34 -11.87
N GLY A 62 -7.42 6.21 -10.66
CA GLY A 62 -8.33 7.18 -10.07
C GLY A 62 -8.18 7.21 -8.55
N LEU A 63 -6.94 7.23 -8.08
CA LEU A 63 -6.61 7.50 -6.70
C LEU A 63 -7.22 8.84 -6.30
N ALA A 64 -7.75 8.94 -5.09
CA ALA A 64 -8.12 10.18 -4.44
C ALA A 64 -7.46 10.21 -3.07
N MET A 65 -7.36 11.38 -2.46
CA MET A 65 -6.69 11.64 -1.18
C MET A 65 -7.38 12.83 -0.50
N THR A 66 -6.94 13.17 0.72
CA THR A 66 -7.48 14.26 1.54
C THR A 66 -6.43 15.34 1.81
N ARG A 67 -6.78 16.38 2.58
CA ARG A 67 -5.85 17.41 3.03
C ARG A 67 -5.91 17.55 4.56
N MET A 68 -5.13 16.73 5.25
CA MET A 68 -4.89 16.71 6.69
C MET A 68 -3.37 16.64 6.93
N MET A 69 -2.94 16.33 8.16
CA MET A 69 -1.55 16.11 8.53
C MET A 69 -1.48 15.02 9.61
N CYS A 70 -0.26 14.60 9.99
CA CYS A 70 -0.06 13.47 10.89
C CYS A 70 0.89 13.75 12.06
N ALA A 71 1.20 15.03 12.30
CA ALA A 71 2.05 15.49 13.38
C ALA A 71 3.48 14.94 13.29
N ASN A 72 3.83 14.32 12.17
CA ASN A 72 5.18 13.94 11.79
C ASN A 72 5.39 14.36 10.32
N PRO A 73 6.64 14.41 9.83
CA PRO A 73 6.95 14.70 8.43
C PRO A 73 6.81 13.45 7.55
N GLN A 74 7.36 12.32 8.00
CA GLN A 74 7.50 11.08 7.24
C GLN A 74 6.18 10.70 6.56
N LEU A 75 5.10 10.63 7.33
CA LEU A 75 3.75 10.26 6.87
C LEU A 75 3.25 11.24 5.81
N ASN A 76 3.58 12.53 5.95
CA ASN A 76 3.24 13.62 5.03
C ASN A 76 4.07 13.56 3.74
N GLU A 77 5.03 12.64 3.64
CA GLU A 77 5.78 12.32 2.43
C GLU A 77 5.46 10.90 1.95
N LEU A 78 5.02 10.00 2.84
CA LEU A 78 4.48 8.69 2.49
C LEU A 78 3.21 8.85 1.67
N ASP A 79 2.39 9.85 2.00
CA ASP A 79 1.21 10.22 1.24
C ASP A 79 1.55 10.53 -0.22
N ASN A 80 2.74 11.09 -0.46
CA ASN A 80 3.21 11.40 -1.80
C ASN A 80 3.99 10.23 -2.40
N THR A 81 4.63 9.40 -1.56
CA THR A 81 5.27 8.14 -1.95
C THR A 81 4.23 7.28 -2.67
N ILE A 82 3.17 6.84 -1.97
CA ILE A 82 2.25 5.87 -2.54
C ILE A 82 1.51 6.44 -3.76
N SER A 83 1.22 7.75 -3.70
CA SER A 83 0.38 8.41 -4.67
C SER A 83 0.98 8.39 -6.07
N GLU A 84 2.30 8.61 -6.20
CA GLU A 84 2.96 8.51 -7.49
C GLU A 84 3.20 7.06 -7.87
N MET A 85 3.57 6.19 -6.92
CA MET A 85 3.96 4.82 -7.23
C MET A 85 2.80 4.13 -7.95
N LEU A 86 1.61 4.25 -7.38
CA LEU A 86 0.41 3.62 -7.89
C LEU A 86 -0.10 4.26 -9.17
N LYS A 87 0.20 5.53 -9.42
CA LYS A 87 -0.29 6.18 -10.63
C LYS A 87 0.48 5.65 -11.81
N GLU A 88 1.81 5.66 -11.68
CA GLU A 88 2.72 5.25 -12.72
C GLU A 88 2.63 3.74 -12.93
N GLY A 89 2.49 2.95 -11.86
CA GLY A 89 2.41 1.50 -11.90
C GLY A 89 3.46 0.91 -10.99
N ALA A 90 3.06 0.66 -9.74
CA ALA A 90 3.97 0.07 -8.77
C ALA A 90 4.20 -1.37 -9.21
N GLN A 91 5.44 -1.85 -9.18
CA GLN A 91 5.71 -3.25 -9.32
C GLN A 91 5.16 -3.87 -8.04
N VAL A 92 4.46 -5.00 -8.15
CA VAL A 92 3.84 -5.67 -7.02
C VAL A 92 4.32 -7.10 -7.07
N ASP A 93 4.94 -7.55 -5.98
CA ASP A 93 5.44 -8.92 -5.88
C ASP A 93 5.15 -9.44 -4.48
N LEU A 94 3.99 -10.09 -4.31
CA LEU A 94 3.62 -10.75 -3.07
C LEU A 94 4.15 -12.18 -3.15
N THR A 95 5.20 -12.44 -2.38
CA THR A 95 5.75 -13.77 -2.11
C THR A 95 4.75 -14.57 -1.28
N ALA A 96 5.16 -15.67 -0.65
CA ALA A 96 4.29 -16.49 0.19
C ALA A 96 3.39 -15.65 1.12
N ASN A 97 3.94 -14.57 1.72
CA ASN A 97 3.32 -13.78 2.79
C ASN A 97 3.85 -12.34 2.93
N GLN A 98 4.76 -11.87 2.07
CA GLN A 98 5.36 -10.55 2.18
C GLN A 98 5.20 -9.79 0.86
N LEU A 99 4.70 -8.56 0.92
CA LEU A 99 4.57 -7.69 -0.23
C LEU A 99 5.92 -7.02 -0.50
N THR A 100 6.30 -7.02 -1.77
CA THR A 100 7.44 -6.30 -2.31
C THR A 100 6.86 -5.28 -3.27
N LEU A 101 7.22 -4.00 -3.12
CA LEU A 101 7.01 -3.02 -4.17
C LEU A 101 8.35 -2.57 -4.73
N ALA A 102 8.28 -1.93 -5.88
CA ALA A 102 9.27 -1.02 -6.43
C ALA A 102 8.51 -0.05 -7.34
N THR A 103 9.08 1.10 -7.65
CA THR A 103 8.75 2.03 -8.69
C THR A 103 9.95 2.98 -8.82
N ALA A 104 9.91 3.94 -9.76
CA ALA A 104 10.88 5.03 -9.83
C ALA A 104 11.12 5.65 -8.45
N LYS A 105 10.04 5.92 -7.68
CA LYS A 105 10.15 6.52 -6.36
C LYS A 105 11.00 5.67 -5.42
N GLN A 106 10.46 4.55 -4.94
CA GLN A 106 11.12 3.73 -3.94
C GLN A 106 10.48 2.34 -3.91
N THR A 107 10.90 1.51 -2.96
CA THR A 107 10.27 0.26 -2.61
C THR A 107 9.52 0.45 -1.29
N LEU A 108 8.65 -0.50 -0.94
CA LEU A 108 7.98 -0.65 0.35
C LEU A 108 7.98 -2.15 0.67
N THR A 109 8.00 -2.52 1.95
CA THR A 109 7.92 -3.91 2.41
C THR A 109 6.72 -4.02 3.36
N TYR A 110 5.66 -4.67 2.91
CA TYR A 110 4.47 -4.85 3.72
C TYR A 110 4.34 -6.33 4.10
N LYS A 111 3.63 -6.63 5.19
CA LYS A 111 3.57 -7.99 5.75
C LYS A 111 2.12 -8.37 5.93
N LEU A 112 1.76 -9.59 5.52
CA LEU A 112 0.44 -10.22 5.63
C LEU A 112 0.02 -10.35 7.10
N ALA A 113 -0.52 -9.29 7.71
CA ALA A 113 -1.10 -9.36 9.05
C ALA A 113 -2.59 -9.08 8.89
N ASP A 114 -3.34 -10.12 8.53
CA ASP A 114 -4.78 -10.02 8.25
C ASP A 114 -5.59 -10.45 9.47
N LEU A 115 -5.11 -10.05 10.66
CA LEU A 115 -5.69 -10.31 11.99
C LEU A 115 -5.93 -11.80 12.27
N MET A 116 -5.27 -12.67 11.49
CA MET A 116 -5.29 -14.12 11.54
C MET A 116 -4.80 -14.75 12.86
N ASN A 117 -4.52 -13.97 13.91
CA ASN A 117 -4.20 -14.48 15.25
C ASN A 117 -5.08 -13.81 16.30
N MET A 1 4.75 -15.84 -8.34
CA MET A 1 3.93 -14.68 -8.66
C MET A 1 2.83 -14.49 -7.62
N VAL A 2 2.57 -13.23 -7.26
CA VAL A 2 1.40 -12.74 -6.57
C VAL A 2 0.12 -13.11 -7.34
N THR A 3 -1.03 -13.26 -6.67
CA THR A 3 -2.30 -13.53 -7.35
C THR A 3 -3.38 -12.54 -6.89
N PRO A 4 -4.49 -12.38 -7.62
CA PRO A 4 -5.60 -11.53 -7.18
C PRO A 4 -6.30 -12.08 -5.93
N GLU A 5 -6.50 -13.39 -5.90
CA GLU A 5 -7.21 -14.10 -4.84
C GLU A 5 -6.56 -13.83 -3.48
N GLN A 6 -5.23 -14.00 -3.37
CA GLN A 6 -4.49 -13.96 -2.11
C GLN A 6 -4.36 -12.57 -1.47
N LEU A 7 -5.16 -11.60 -1.93
CA LEU A 7 -5.07 -10.19 -1.61
C LEU A 7 -6.40 -9.70 -1.10
N GLN A 8 -7.46 -9.96 -1.87
CA GLN A 8 -8.85 -9.55 -1.67
C GLN A 8 -9.42 -9.71 -0.25
N HIS A 9 -8.83 -10.56 0.59
CA HIS A 9 -9.24 -10.76 1.97
C HIS A 9 -8.06 -10.89 2.95
N HIS A 10 -6.86 -10.43 2.58
CA HIS A 10 -5.67 -10.48 3.42
C HIS A 10 -5.20 -9.04 3.67
N ARG A 11 -5.18 -8.60 4.93
CA ARG A 11 -4.66 -7.28 5.30
C ARG A 11 -3.14 -7.31 5.22
N PHE A 12 -2.57 -6.20 4.74
CA PHE A 12 -1.17 -5.88 4.87
C PHE A 12 -1.04 -4.55 5.58
N VAL A 13 0.17 -4.39 6.06
CA VAL A 13 0.72 -3.29 6.82
C VAL A 13 2.10 -3.01 6.24
N LEU A 14 2.51 -1.75 6.24
CA LEU A 14 3.89 -1.41 5.98
C LEU A 14 4.67 -1.87 7.19
N GLU A 15 5.86 -2.40 6.93
CA GLU A 15 6.73 -2.82 7.98
C GLU A 15 8.01 -1.99 7.93
N SER A 16 8.68 -2.00 6.78
CA SER A 16 9.98 -1.37 6.61
C SER A 16 9.99 -0.54 5.33
N VAL A 17 10.09 0.78 5.49
CA VAL A 17 10.13 1.75 4.41
C VAL A 17 11.53 1.67 3.76
N ASN A 18 11.66 2.16 2.52
CA ASN A 18 12.92 2.28 1.78
C ASN A 18 14.08 2.83 2.61
N GLY A 19 13.80 3.76 3.52
CA GLY A 19 14.83 4.48 4.28
C GLY A 19 14.93 4.08 5.76
N LYS A 20 14.00 3.29 6.31
CA LYS A 20 14.00 2.83 7.72
C LYS A 20 12.73 2.03 8.07
N PRO A 21 12.72 1.30 9.19
CA PRO A 21 11.50 0.78 9.80
C PRO A 21 10.56 1.92 10.24
N VAL A 22 9.35 1.54 10.69
CA VAL A 22 8.46 2.48 11.37
C VAL A 22 7.65 1.77 12.46
N THR A 23 7.27 2.50 13.51
CA THR A 23 6.39 2.10 14.58
C THR A 23 5.13 2.97 14.50
N SER A 24 4.03 2.44 13.99
CA SER A 24 2.77 3.17 13.84
C SER A 24 1.69 2.34 14.50
N ASP A 25 1.67 2.36 15.84
CA ASP A 25 0.84 1.46 16.66
C ASP A 25 -0.60 1.95 16.77
N LYS A 26 -1.00 2.90 15.93
CA LYS A 26 -2.32 3.50 15.88
C LYS A 26 -2.56 3.88 14.42
N ASN A 27 -3.53 3.24 13.78
CA ASN A 27 -3.86 3.30 12.36
C ASN A 27 -2.57 3.25 11.52
N PRO A 28 -1.88 2.08 11.38
CA PRO A 28 -0.61 2.04 10.66
C PRO A 28 -0.76 2.49 9.19
N PRO A 29 0.34 2.80 8.48
CA PRO A 29 0.32 2.84 7.02
C PRO A 29 0.04 1.42 6.56
N GLU A 30 -1.23 1.14 6.35
CA GLU A 30 -1.76 -0.19 6.13
C GLU A 30 -2.49 -0.20 4.78
N ILE A 31 -2.66 -1.39 4.18
CA ILE A 31 -3.36 -1.57 2.92
C ILE A 31 -4.12 -2.89 2.99
N SER A 32 -5.43 -2.78 3.05
CA SER A 32 -6.33 -3.86 2.69
C SER A 32 -6.61 -3.75 1.20
N PHE A 33 -7.27 -4.76 0.67
CA PHE A 33 -7.69 -4.88 -0.70
C PHE A 33 -9.15 -5.34 -0.69
N GLY A 34 -9.70 -5.71 -1.85
CA GLY A 34 -11.01 -6.31 -1.92
C GLY A 34 -11.44 -6.41 -3.35
N GLU A 35 -12.74 -6.61 -3.54
CA GLU A 35 -13.32 -7.10 -4.78
C GLU A 35 -12.94 -6.22 -5.98
N LYS A 36 -13.01 -6.78 -7.19
CA LYS A 36 -12.46 -6.17 -8.41
C LYS A 36 -10.99 -5.74 -8.27
N MET A 37 -10.25 -6.30 -7.31
CA MET A 37 -8.88 -5.95 -7.00
C MET A 37 -8.79 -4.48 -6.54
N MET A 38 -9.84 -3.92 -5.93
CA MET A 38 -9.80 -2.59 -5.32
C MET A 38 -8.74 -2.51 -4.22
N ILE A 39 -8.39 -1.28 -3.88
CA ILE A 39 -7.33 -0.93 -2.94
C ILE A 39 -7.95 -0.05 -1.85
N SER A 40 -7.64 -0.31 -0.58
CA SER A 40 -8.02 0.54 0.53
C SER A 40 -6.81 0.66 1.46
N GLY A 41 -6.21 1.84 1.62
CA GLY A 41 -5.10 1.99 2.55
C GLY A 41 -5.06 3.37 3.19
N SER A 42 -4.14 3.56 4.13
CA SER A 42 -4.07 4.75 4.97
C SER A 42 -2.63 5.03 5.39
N MET A 43 -1.78 5.46 4.43
CA MET A 43 -0.42 5.90 4.69
C MET A 43 -0.46 6.99 5.75
N CYS A 44 -1.11 8.12 5.44
CA CYS A 44 -1.49 9.13 6.40
C CYS A 44 -2.90 9.66 6.09
N ASN A 45 -3.20 10.07 4.86
CA ASN A 45 -4.45 10.77 4.50
C ASN A 45 -5.45 9.88 3.78
N ARG A 46 -5.30 8.55 3.89
CA ARG A 46 -6.14 7.55 3.23
C ARG A 46 -5.97 7.60 1.72
N PHE A 47 -6.19 6.47 1.09
CA PHE A 47 -6.26 6.38 -0.36
C PHE A 47 -7.09 5.18 -0.74
N SER A 48 -7.42 5.15 -2.01
CA SER A 48 -8.18 4.08 -2.62
C SER A 48 -7.79 3.99 -4.08
N GLY A 49 -8.25 2.97 -4.78
CA GLY A 49 -8.21 2.95 -6.23
C GLY A 49 -8.79 1.66 -6.73
N GLU A 50 -9.13 1.62 -8.01
CA GLU A 50 -9.40 0.40 -8.73
C GLU A 50 -8.04 -0.13 -9.16
N GLY A 51 -7.52 -1.03 -8.33
CA GLY A 51 -6.37 -1.84 -8.68
C GLY A 51 -6.75 -2.85 -9.75
N LYS A 52 -5.75 -3.51 -10.31
CA LYS A 52 -5.95 -4.65 -11.19
C LYS A 52 -4.71 -5.53 -11.10
N LEU A 53 -4.86 -6.85 -11.21
CA LEU A 53 -3.75 -7.81 -11.11
C LEU A 53 -3.75 -8.57 -12.42
N SER A 54 -3.15 -7.99 -13.44
CA SER A 54 -3.02 -8.58 -14.75
C SER A 54 -1.58 -9.08 -14.91
N ASN A 55 -0.59 -8.21 -14.69
CA ASN A 55 0.81 -8.38 -15.10
C ASN A 55 1.80 -8.06 -13.96
N GLY A 56 1.40 -8.27 -12.70
CA GLY A 56 2.27 -7.99 -11.56
C GLY A 56 2.50 -6.48 -11.38
N GLU A 57 1.52 -5.67 -11.77
CA GLU A 57 1.56 -4.23 -11.71
C GLU A 57 0.28 -3.76 -11.06
N LEU A 58 0.37 -2.95 -9.99
CA LEU A 58 -0.77 -2.31 -9.36
C LEU A 58 -0.82 -0.83 -9.79
N THR A 59 -1.72 -0.49 -10.69
CA THR A 59 -2.04 0.91 -11.00
C THR A 59 -3.22 1.39 -10.16
N ALA A 60 -3.29 2.70 -9.91
CA ALA A 60 -4.51 3.45 -9.64
C ALA A 60 -4.26 4.91 -10.01
N LYS A 61 -4.86 5.36 -11.13
CA LYS A 61 -4.93 6.78 -11.48
C LYS A 61 -6.05 7.48 -10.69
N GLY A 62 -7.07 6.73 -10.27
CA GLY A 62 -8.27 7.20 -9.58
C GLY A 62 -8.05 7.36 -8.08
N LEU A 63 -6.88 7.81 -7.67
CA LEU A 63 -6.43 7.70 -6.29
C LEU A 63 -7.02 8.80 -5.42
N ALA A 64 -8.26 8.59 -4.99
CA ALA A 64 -8.96 9.48 -4.09
C ALA A 64 -8.35 9.34 -2.68
N MET A 65 -8.04 10.46 -2.04
CA MET A 65 -7.47 10.60 -0.70
C MET A 65 -8.28 11.65 0.11
N THR A 66 -7.88 11.94 1.35
CA THR A 66 -8.55 12.89 2.26
C THR A 66 -7.65 14.07 2.60
N ARG A 67 -8.06 14.88 3.58
CA ARG A 67 -7.42 16.09 4.04
C ARG A 67 -7.50 16.08 5.58
N MET A 68 -6.61 15.34 6.21
CA MET A 68 -6.47 15.19 7.66
C MET A 68 -4.99 15.37 8.01
N MET A 69 -4.54 14.91 9.18
CA MET A 69 -3.15 14.63 9.48
C MET A 69 -3.04 13.40 10.37
N CYS A 70 -1.87 12.79 10.28
CA CYS A 70 -1.40 11.70 11.13
C CYS A 70 -0.62 12.21 12.36
N ALA A 71 -0.31 13.52 12.41
CA ALA A 71 0.62 14.16 13.34
C ALA A 71 2.07 13.63 13.25
N ASN A 72 2.36 12.75 12.29
CA ASN A 72 3.70 12.25 12.01
C ASN A 72 4.16 12.80 10.65
N PRO A 73 5.44 13.12 10.47
CA PRO A 73 5.95 13.68 9.21
C PRO A 73 6.10 12.61 8.14
N GLN A 74 6.72 11.48 8.49
CA GLN A 74 7.13 10.39 7.64
C GLN A 74 5.93 9.80 6.90
N LEU A 75 4.84 9.58 7.63
CA LEU A 75 3.58 9.08 7.14
C LEU A 75 2.94 10.08 6.16
N ASN A 76 2.97 11.38 6.49
CA ASN A 76 2.44 12.45 5.65
C ASN A 76 3.16 12.51 4.29
N GLU A 77 4.50 12.42 4.27
CA GLU A 77 5.29 12.37 3.04
C GLU A 77 4.97 11.09 2.24
N LEU A 78 4.69 9.96 2.92
CA LEU A 78 4.36 8.72 2.23
C LEU A 78 3.07 8.82 1.43
N ASP A 79 2.18 9.78 1.72
CA ASP A 79 0.99 10.05 0.90
C ASP A 79 1.39 10.56 -0.48
N ASN A 80 2.54 11.21 -0.61
CA ASN A 80 3.01 11.63 -1.92
C ASN A 80 3.54 10.42 -2.65
N THR A 81 4.46 9.69 -1.99
CA THR A 81 5.05 8.47 -2.52
C THR A 81 3.97 7.53 -3.05
N ILE A 82 2.99 7.13 -2.25
CA ILE A 82 2.01 6.11 -2.65
C ILE A 82 1.27 6.53 -3.91
N SER A 83 0.91 7.81 -4.01
CA SER A 83 0.15 8.36 -5.12
C SER A 83 0.94 8.15 -6.41
N GLU A 84 2.19 8.61 -6.42
CA GLU A 84 3.04 8.57 -7.60
C GLU A 84 3.60 7.18 -7.88
N MET A 85 3.58 6.23 -6.92
CA MET A 85 3.83 4.82 -7.21
C MET A 85 2.66 4.31 -8.07
N LEU A 86 1.47 4.38 -7.50
CA LEU A 86 0.26 3.81 -8.07
C LEU A 86 -0.13 4.47 -9.39
N LYS A 87 0.23 5.74 -9.60
CA LYS A 87 -0.09 6.43 -10.84
C LYS A 87 0.64 5.79 -12.02
N GLU A 88 1.86 5.30 -11.80
CA GLU A 88 2.79 4.89 -12.85
C GLU A 88 2.88 3.36 -12.95
N GLY A 89 2.12 2.63 -12.14
CA GLY A 89 2.17 1.18 -12.10
C GLY A 89 3.27 0.73 -11.17
N ALA A 90 2.88 0.43 -9.92
CA ALA A 90 3.81 -0.09 -8.94
C ALA A 90 4.04 -1.58 -9.23
N GLN A 91 5.30 -2.00 -9.18
CA GLN A 91 5.74 -3.38 -9.33
C GLN A 91 5.34 -4.08 -8.04
N VAL A 92 4.39 -4.99 -8.13
CA VAL A 92 3.87 -5.74 -6.99
C VAL A 92 4.47 -7.13 -7.07
N ASP A 93 5.44 -7.40 -6.20
CA ASP A 93 6.07 -8.70 -6.09
C ASP A 93 5.88 -9.22 -4.68
N LEU A 94 4.80 -9.97 -4.46
CA LEU A 94 4.65 -10.73 -3.25
C LEU A 94 5.53 -11.96 -3.35
N THR A 95 6.24 -12.22 -2.28
CA THR A 95 7.00 -13.44 -2.06
C THR A 95 6.35 -14.08 -0.81
N ALA A 96 6.84 -15.25 -0.39
CA ALA A 96 6.16 -16.26 0.43
C ALA A 96 5.38 -15.78 1.67
N ASN A 97 5.64 -14.60 2.23
CA ASN A 97 4.77 -13.87 3.15
C ASN A 97 5.12 -12.38 3.23
N GLN A 98 5.91 -11.84 2.29
CA GLN A 98 6.39 -10.46 2.28
C GLN A 98 6.13 -9.84 0.90
N LEU A 99 5.42 -8.71 0.85
CA LEU A 99 5.21 -7.90 -0.34
C LEU A 99 6.46 -7.06 -0.61
N THR A 100 6.75 -6.77 -1.88
CA THR A 100 7.48 -5.56 -2.23
C THR A 100 6.60 -4.77 -3.20
N LEU A 101 6.40 -3.49 -2.91
CA LEU A 101 5.94 -2.49 -3.88
C LEU A 101 7.17 -1.70 -4.26
N ALA A 102 7.77 -2.00 -5.41
CA ALA A 102 8.80 -1.14 -6.00
C ALA A 102 8.11 -0.20 -6.99
N THR A 103 8.64 1.00 -7.22
CA THR A 103 8.30 1.88 -8.31
C THR A 103 9.43 2.91 -8.46
N ALA A 104 9.31 3.79 -9.44
CA ALA A 104 10.22 4.90 -9.64
C ALA A 104 10.43 5.72 -8.37
N LYS A 105 9.38 5.93 -7.56
CA LYS A 105 9.47 6.68 -6.32
C LYS A 105 10.44 6.05 -5.32
N GLN A 106 10.03 4.92 -4.74
CA GLN A 106 10.67 4.20 -3.65
C GLN A 106 10.32 2.73 -3.84
N THR A 107 10.88 1.90 -2.97
CA THR A 107 10.40 0.55 -2.73
C THR A 107 9.88 0.52 -1.28
N LEU A 108 8.88 -0.29 -0.98
CA LEU A 108 8.21 -0.36 0.32
C LEU A 108 7.95 -1.83 0.60
N THR A 109 8.46 -2.32 1.73
CA THR A 109 8.24 -3.68 2.17
C THR A 109 6.97 -3.68 3.02
N TYR A 110 5.98 -4.49 2.61
CA TYR A 110 4.77 -4.70 3.37
C TYR A 110 4.73 -6.16 3.83
N LYS A 111 3.97 -6.43 4.89
CA LYS A 111 3.92 -7.72 5.55
C LYS A 111 2.49 -8.24 5.54
N LEU A 112 2.33 -9.54 5.33
CA LEU A 112 1.12 -10.34 5.42
C LEU A 112 0.77 -10.53 6.90
N ALA A 113 0.66 -9.44 7.64
CA ALA A 113 0.22 -9.47 9.02
C ALA A 113 -1.27 -9.22 8.98
N ASP A 114 -2.01 -10.29 8.66
CA ASP A 114 -3.43 -10.26 8.36
C ASP A 114 -4.23 -10.38 9.64
N LEU A 115 -4.05 -9.39 10.50
CA LEU A 115 -4.54 -9.37 11.86
C LEU A 115 -6.01 -8.92 11.91
N MET A 116 -6.68 -8.84 10.75
CA MET A 116 -7.96 -8.14 10.60
C MET A 116 -7.82 -6.70 11.15
N ASN A 117 -8.89 -6.00 11.51
CA ASN A 117 -8.84 -4.56 11.78
C ASN A 117 -7.95 -4.26 12.98
N MET A 1 5.05 -16.76 -9.99
CA MET A 1 4.58 -15.42 -10.34
C MET A 1 3.35 -15.12 -9.47
N VAL A 2 3.20 -13.86 -9.08
CA VAL A 2 2.10 -13.38 -8.26
C VAL A 2 0.77 -13.58 -9.00
N THR A 3 -0.35 -13.65 -8.27
CA THR A 3 -1.67 -13.63 -8.88
C THR A 3 -2.62 -12.69 -8.15
N PRO A 4 -3.77 -12.33 -8.75
CA PRO A 4 -4.83 -11.59 -8.08
C PRO A 4 -5.46 -12.34 -6.92
N GLU A 5 -5.58 -13.65 -7.06
CA GLU A 5 -6.30 -14.49 -6.12
C GLU A 5 -5.73 -14.36 -4.70
N GLN A 6 -4.41 -14.48 -4.59
CA GLN A 6 -3.62 -14.44 -3.36
C GLN A 6 -3.56 -13.05 -2.70
N LEU A 7 -4.43 -12.12 -3.09
CA LEU A 7 -4.39 -10.72 -2.69
C LEU A 7 -5.74 -10.19 -2.28
N GLN A 8 -6.78 -10.40 -3.10
CA GLN A 8 -8.14 -9.87 -3.01
C GLN A 8 -8.90 -10.07 -1.69
N HIS A 9 -8.33 -10.70 -0.68
CA HIS A 9 -8.93 -10.79 0.66
C HIS A 9 -7.86 -10.73 1.76
N HIS A 10 -6.60 -10.41 1.42
CA HIS A 10 -5.45 -10.55 2.28
C HIS A 10 -4.98 -9.16 2.72
N ARG A 11 -5.08 -8.89 4.02
CA ARG A 11 -4.47 -7.69 4.62
C ARG A 11 -2.97 -7.87 4.60
N PHE A 12 -2.27 -6.77 4.32
CA PHE A 12 -0.86 -6.57 4.59
C PHE A 12 -0.71 -5.31 5.44
N VAL A 13 0.46 -5.12 6.05
CA VAL A 13 0.76 -3.98 6.92
C VAL A 13 2.13 -3.46 6.53
N LEU A 14 2.36 -2.14 6.63
CA LEU A 14 3.60 -1.52 6.19
C LEU A 14 4.70 -1.84 7.20
N GLU A 15 5.42 -2.93 6.96
CA GLU A 15 6.46 -3.44 7.83
C GLU A 15 7.64 -2.46 7.83
N SER A 16 7.99 -1.94 6.65
CA SER A 16 9.15 -1.08 6.46
C SER A 16 9.05 -0.30 5.15
N VAL A 17 9.69 0.87 5.12
CA VAL A 17 9.71 1.76 3.97
C VAL A 17 11.16 1.85 3.49
N ASN A 18 11.38 2.30 2.25
CA ASN A 18 12.71 2.49 1.68
C ASN A 18 13.59 3.33 2.61
N GLY A 19 13.01 4.39 3.17
CA GLY A 19 13.65 5.23 4.16
C GLY A 19 13.97 4.42 5.41
N LYS A 20 12.95 4.07 6.19
CA LYS A 20 12.99 3.45 7.52
C LYS A 20 11.61 2.92 7.85
N PRO A 21 11.43 2.09 8.89
CA PRO A 21 10.09 1.71 9.32
C PRO A 21 9.28 2.95 9.72
N VAL A 22 7.99 2.75 9.91
CA VAL A 22 7.06 3.77 10.40
C VAL A 22 6.74 3.42 11.85
N THR A 23 6.20 4.36 12.63
CA THR A 23 5.99 4.23 14.06
C THR A 23 4.61 4.79 14.39
N SER A 24 3.59 3.97 14.16
CA SER A 24 2.19 4.31 14.31
C SER A 24 1.56 3.22 15.17
N ASP A 25 1.37 3.53 16.45
CA ASP A 25 0.91 2.60 17.49
C ASP A 25 -0.60 2.34 17.39
N LYS A 26 -1.31 3.18 16.63
CA LYS A 26 -2.75 3.20 16.48
C LYS A 26 -3.00 3.57 15.02
N ASN A 27 -3.93 2.89 14.37
CA ASN A 27 -4.33 3.11 12.98
C ASN A 27 -3.11 3.29 12.06
N PRO A 28 -2.27 2.25 11.87
CA PRO A 28 -1.04 2.32 11.10
C PRO A 28 -1.28 2.59 9.60
N PRO A 29 -0.23 2.80 8.80
CA PRO A 29 -0.32 2.59 7.37
C PRO A 29 -0.37 1.07 7.12
N GLU A 30 -1.55 0.50 7.01
CA GLU A 30 -1.73 -0.87 6.51
C GLU A 30 -2.13 -0.83 5.03
N ILE A 31 -2.28 -1.97 4.37
CA ILE A 31 -2.84 -2.00 3.03
C ILE A 31 -3.61 -3.32 2.90
N SER A 32 -4.92 -3.23 2.74
CA SER A 32 -5.77 -4.39 2.48
C SER A 32 -6.40 -4.24 1.11
N PHE A 33 -6.84 -5.37 0.55
CA PHE A 33 -7.54 -5.38 -0.72
C PHE A 33 -8.81 -6.20 -0.55
N GLY A 34 -9.83 -5.91 -1.35
CA GLY A 34 -11.04 -6.72 -1.44
C GLY A 34 -11.19 -7.26 -2.85
N GLU A 35 -12.27 -7.98 -3.06
CA GLU A 35 -12.52 -8.97 -4.10
C GLU A 35 -12.51 -8.35 -5.50
N LYS A 36 -12.82 -7.06 -5.58
CA LYS A 36 -12.77 -6.19 -6.73
C LYS A 36 -11.38 -5.55 -6.98
N MET A 37 -10.30 -6.04 -6.34
CA MET A 37 -8.96 -5.43 -6.26
C MET A 37 -8.98 -4.04 -5.58
N MET A 38 -10.06 -3.65 -4.87
CA MET A 38 -10.12 -2.36 -4.17
C MET A 38 -8.95 -2.21 -3.21
N ILE A 39 -8.66 -0.99 -2.81
CA ILE A 39 -7.56 -0.62 -1.94
C ILE A 39 -8.16 0.29 -0.88
N SER A 40 -8.05 -0.09 0.41
CA SER A 40 -8.66 0.59 1.55
C SER A 40 -7.56 0.81 2.61
N GLY A 41 -6.86 1.94 2.54
CA GLY A 41 -5.71 2.25 3.37
C GLY A 41 -5.78 3.68 3.90
N SER A 42 -4.69 4.18 4.46
CA SER A 42 -4.46 5.52 5.00
C SER A 42 -2.97 5.66 5.35
N MET A 43 -2.17 6.18 4.42
CA MET A 43 -0.78 6.54 4.72
C MET A 43 -0.79 7.67 5.75
N CYS A 44 -1.55 8.73 5.47
CA CYS A 44 -1.82 9.76 6.46
C CYS A 44 -3.20 10.32 6.18
N ASN A 45 -3.33 10.98 5.04
CA ASN A 45 -4.49 11.75 4.58
C ASN A 45 -5.63 10.86 4.08
N ARG A 46 -5.65 9.57 4.44
CA ARG A 46 -6.46 8.52 3.81
C ARG A 46 -6.10 8.35 2.33
N PHE A 47 -6.47 7.20 1.76
CA PHE A 47 -6.73 7.07 0.33
C PHE A 47 -7.61 5.84 0.14
N SER A 48 -8.31 5.74 -0.99
CA SER A 48 -8.86 4.47 -1.50
C SER A 48 -8.95 4.55 -3.01
N GLY A 49 -9.00 3.43 -3.72
CA GLY A 49 -9.10 3.42 -5.17
C GLY A 49 -9.19 1.98 -5.68
N GLU A 50 -9.56 1.81 -6.94
CA GLU A 50 -9.76 0.51 -7.54
C GLU A 50 -8.42 0.05 -8.09
N GLY A 51 -7.73 -0.77 -7.32
CA GLY A 51 -6.51 -1.44 -7.79
C GLY A 51 -6.74 -2.31 -9.01
N LYS A 52 -5.66 -2.80 -9.65
CA LYS A 52 -5.75 -3.82 -10.68
C LYS A 52 -4.45 -4.61 -10.79
N LEU A 53 -4.58 -5.89 -11.13
CA LEU A 53 -3.51 -6.82 -11.49
C LEU A 53 -3.98 -7.57 -12.73
N SER A 54 -3.05 -7.78 -13.67
CA SER A 54 -3.16 -8.74 -14.75
C SER A 54 -1.77 -9.03 -15.34
N ASN A 55 -0.76 -8.21 -15.03
CA ASN A 55 0.56 -8.21 -15.66
C ASN A 55 1.71 -8.38 -14.64
N GLY A 56 1.45 -8.79 -13.39
CA GLY A 56 2.46 -8.82 -12.32
C GLY A 56 2.84 -7.43 -11.82
N GLU A 57 1.99 -6.42 -12.08
CA GLU A 57 2.23 -5.03 -11.75
C GLU A 57 0.98 -4.49 -11.02
N LEU A 58 1.10 -3.53 -10.11
CA LEU A 58 -0.03 -2.93 -9.39
C LEU A 58 -0.14 -1.47 -9.80
N THR A 59 -1.32 -1.08 -10.27
CA THR A 59 -1.74 0.29 -10.52
C THR A 59 -3.03 0.59 -9.74
N ALA A 60 -3.28 1.89 -9.53
CA ALA A 60 -4.56 2.47 -9.16
C ALA A 60 -5.52 2.64 -10.33
N LYS A 61 -6.76 2.96 -9.97
CA LYS A 61 -7.67 3.80 -10.71
C LYS A 61 -8.29 4.73 -9.66
N GLY A 62 -8.14 6.03 -9.84
CA GLY A 62 -8.99 7.04 -9.21
C GLY A 62 -8.32 7.75 -8.04
N LEU A 63 -7.93 7.03 -6.98
CA LEU A 63 -7.36 7.50 -5.72
C LEU A 63 -8.09 8.72 -5.14
N ALA A 64 -9.12 8.46 -4.34
CA ALA A 64 -9.65 9.47 -3.42
C ALA A 64 -8.63 9.63 -2.30
N MET A 65 -8.49 10.83 -1.72
CA MET A 65 -7.64 11.16 -0.57
C MET A 65 -8.35 12.28 0.23
N THR A 66 -7.69 12.88 1.22
CA THR A 66 -8.23 14.00 2.00
C THR A 66 -7.11 15.04 2.26
N ARG A 67 -7.34 16.03 3.14
CA ARG A 67 -6.40 17.08 3.56
C ARG A 67 -6.11 17.02 5.07
N MET A 68 -6.18 15.85 5.68
CA MET A 68 -5.89 15.69 7.12
C MET A 68 -4.36 15.76 7.35
N MET A 69 -3.90 15.44 8.55
CA MET A 69 -2.48 15.33 8.90
C MET A 69 -2.31 14.28 9.99
N CYS A 70 -1.07 14.02 10.38
CA CYS A 70 -0.71 13.05 11.41
C CYS A 70 0.32 13.63 12.40
N ALA A 71 0.50 14.94 12.40
CA ALA A 71 1.49 15.76 13.08
C ALA A 71 2.96 15.47 12.71
N ASN A 72 3.25 14.25 12.25
CA ASN A 72 4.61 13.81 11.92
C ASN A 72 4.87 13.95 10.42
N PRO A 73 6.09 14.31 9.98
CA PRO A 73 6.36 14.57 8.57
C PRO A 73 6.39 13.30 7.73
N GLN A 74 6.94 12.19 8.26
CA GLN A 74 7.05 10.93 7.53
C GLN A 74 5.69 10.52 6.96
N LEU A 75 4.63 10.58 7.77
CA LEU A 75 3.30 10.19 7.32
C LEU A 75 2.77 11.14 6.23
N ASN A 76 3.04 12.44 6.33
CA ASN A 76 2.55 13.43 5.36
C ASN A 76 3.35 13.37 4.05
N GLU A 77 4.61 12.98 4.10
CA GLU A 77 5.42 12.60 2.94
C GLU A 77 4.84 11.33 2.32
N LEU A 78 4.34 10.41 3.16
CA LEU A 78 3.81 9.15 2.68
C LEU A 78 2.49 9.28 1.91
N ASP A 79 1.82 10.44 1.99
CA ASP A 79 0.77 10.83 1.07
C ASP A 79 1.23 10.74 -0.37
N ASN A 80 2.31 11.45 -0.73
CA ASN A 80 2.75 11.53 -2.11
C ASN A 80 3.43 10.23 -2.51
N THR A 81 4.15 9.62 -1.56
CA THR A 81 4.78 8.32 -1.69
C THR A 81 3.79 7.31 -2.25
N ILE A 82 2.59 7.14 -1.66
CA ILE A 82 1.65 6.15 -2.17
C ILE A 82 0.93 6.64 -3.43
N SER A 83 0.58 7.93 -3.49
CA SER A 83 -0.10 8.53 -4.64
C SER A 83 0.65 8.16 -5.93
N GLU A 84 1.96 8.39 -5.95
CA GLU A 84 2.81 8.15 -7.10
C GLU A 84 2.94 6.66 -7.40
N MET A 85 3.14 5.82 -6.38
CA MET A 85 3.56 4.43 -6.59
C MET A 85 2.45 3.64 -7.28
N LEU A 86 1.23 4.12 -7.13
CA LEU A 86 0.03 3.50 -7.65
C LEU A 86 -0.38 4.16 -8.95
N LYS A 87 -0.10 5.46 -9.11
CA LYS A 87 -0.42 6.18 -10.31
C LYS A 87 0.43 5.61 -11.43
N GLU A 88 1.74 5.49 -11.20
CA GLU A 88 2.72 5.19 -12.26
C GLU A 88 2.93 3.69 -12.48
N GLY A 89 2.39 2.84 -11.62
CA GLY A 89 2.43 1.38 -11.76
C GLY A 89 3.72 0.79 -11.23
N ALA A 90 3.62 -0.34 -10.53
CA ALA A 90 4.72 -0.85 -9.71
C ALA A 90 5.04 -2.31 -9.92
N GLN A 91 6.29 -2.69 -9.64
CA GLN A 91 6.68 -4.07 -9.46
C GLN A 91 6.05 -4.45 -8.14
N VAL A 92 5.34 -5.57 -8.10
CA VAL A 92 4.63 -6.03 -6.91
C VAL A 92 5.05 -7.47 -6.69
N ASP A 93 6.25 -7.62 -6.16
CA ASP A 93 6.75 -8.90 -5.72
C ASP A 93 6.01 -9.29 -4.47
N LEU A 94 5.79 -10.59 -4.28
CA LEU A 94 5.25 -11.14 -3.05
C LEU A 94 5.95 -12.44 -2.77
N THR A 95 6.89 -12.38 -1.84
CA THR A 95 7.51 -13.54 -1.25
C THR A 95 6.48 -14.26 -0.35
N ALA A 96 6.88 -15.37 0.27
CA ALA A 96 6.01 -16.30 0.99
C ALA A 96 5.02 -15.65 1.97
N ASN A 97 5.40 -14.53 2.58
CA ASN A 97 4.66 -13.83 3.63
C ASN A 97 4.92 -12.31 3.55
N GLN A 98 5.62 -11.81 2.52
CA GLN A 98 6.18 -10.47 2.52
C GLN A 98 6.08 -9.87 1.11
N LEU A 99 5.24 -8.85 0.97
CA LEU A 99 5.13 -8.00 -0.21
C LEU A 99 6.42 -7.20 -0.33
N THR A 100 6.85 -6.90 -1.54
CA THR A 100 7.93 -5.96 -1.79
C THR A 100 7.56 -5.19 -3.07
N LEU A 101 7.06 -3.98 -2.88
CA LEU A 101 6.74 -3.06 -3.98
C LEU A 101 8.03 -2.38 -4.39
N ALA A 102 8.17 -2.07 -5.69
CA ALA A 102 9.17 -1.13 -6.18
C ALA A 102 8.60 -0.33 -7.35
N THR A 103 9.08 0.89 -7.54
CA THR A 103 8.71 1.83 -8.59
C THR A 103 9.90 2.72 -8.90
N ALA A 104 9.74 3.56 -9.93
CA ALA A 104 10.58 4.70 -10.21
C ALA A 104 10.84 5.65 -9.03
N LYS A 105 10.03 5.62 -7.97
CA LYS A 105 10.30 6.38 -6.76
C LYS A 105 11.16 5.53 -5.83
N GLN A 106 10.55 4.52 -5.20
CA GLN A 106 11.08 3.86 -4.01
C GLN A 106 10.62 2.40 -3.97
N THR A 107 11.02 1.66 -2.94
CA THR A 107 10.64 0.26 -2.73
C THR A 107 10.25 0.05 -1.25
N LEU A 108 9.04 -0.48 -1.02
CA LEU A 108 8.40 -0.62 0.28
C LEU A 108 8.15 -2.10 0.56
N THR A 109 8.18 -2.47 1.83
CA THR A 109 8.11 -3.84 2.29
C THR A 109 6.90 -3.99 3.21
N TYR A 110 6.01 -4.92 2.88
CA TYR A 110 4.80 -5.17 3.66
C TYR A 110 4.76 -6.63 4.08
N LYS A 111 3.92 -6.97 5.05
CA LYS A 111 3.89 -8.28 5.68
C LYS A 111 2.47 -8.81 5.65
N LEU A 112 2.28 -10.11 5.37
CA LEU A 112 1.02 -10.84 5.39
C LEU A 112 0.54 -11.04 6.85
N ALA A 113 0.57 -9.98 7.66
CA ALA A 113 -0.10 -9.93 8.93
C ALA A 113 -1.56 -9.66 8.65
N ASP A 114 -2.32 -10.71 8.31
CA ASP A 114 -3.76 -10.58 8.15
C ASP A 114 -4.39 -10.82 9.50
N LEU A 115 -4.51 -9.73 10.23
CA LEU A 115 -4.99 -9.73 11.60
C LEU A 115 -6.38 -9.10 11.68
N MET A 116 -6.97 -8.76 10.53
CA MET A 116 -8.25 -8.06 10.41
C MET A 116 -8.65 -7.93 8.93
N ASN A 117 -9.94 -7.77 8.63
CA ASN A 117 -10.39 -7.45 7.27
C ASN A 117 -9.97 -6.05 6.87
N MET A 1 3.23 -16.37 -9.86
CA MET A 1 3.42 -15.03 -9.33
C MET A 1 2.21 -14.64 -8.46
N VAL A 2 2.33 -13.48 -7.82
CA VAL A 2 1.26 -12.88 -7.03
C VAL A 2 0.01 -12.73 -7.90
N THR A 3 -1.15 -12.95 -7.30
CA THR A 3 -2.44 -12.91 -7.96
C THR A 3 -3.40 -12.03 -7.16
N PRO A 4 -4.52 -11.59 -7.75
CA PRO A 4 -5.46 -10.71 -7.06
C PRO A 4 -6.13 -11.42 -5.90
N GLU A 5 -6.36 -12.71 -6.08
CA GLU A 5 -7.04 -13.57 -5.12
C GLU A 5 -6.31 -13.56 -3.77
N GLN A 6 -5.00 -13.90 -3.77
CA GLN A 6 -4.13 -13.90 -2.59
C GLN A 6 -3.90 -12.50 -1.99
N LEU A 7 -4.66 -11.49 -2.40
CA LEU A 7 -4.61 -10.12 -1.92
C LEU A 7 -5.98 -9.68 -1.42
N GLN A 8 -7.08 -9.93 -2.16
CA GLN A 8 -8.42 -9.46 -1.78
C GLN A 8 -8.90 -9.93 -0.41
N HIS A 9 -8.23 -10.90 0.18
CA HIS A 9 -8.61 -11.52 1.43
C HIS A 9 -7.48 -11.47 2.46
N HIS A 10 -6.46 -10.62 2.24
CA HIS A 10 -5.30 -10.44 3.11
C HIS A 10 -4.88 -8.95 3.17
N ARG A 11 -4.87 -8.36 4.37
CA ARG A 11 -4.38 -6.99 4.62
C ARG A 11 -2.85 -6.99 4.66
N PHE A 12 -2.24 -5.83 4.48
CA PHE A 12 -0.78 -5.68 4.48
C PHE A 12 -0.38 -4.39 5.20
N VAL A 13 0.62 -4.44 6.07
CA VAL A 13 1.08 -3.28 6.84
C VAL A 13 2.56 -3.02 6.54
N LEU A 14 2.92 -1.73 6.51
CA LEU A 14 4.21 -1.25 6.02
C LEU A 14 5.28 -1.43 7.09
N GLU A 15 5.89 -2.61 7.10
CA GLU A 15 7.00 -2.96 7.98
C GLU A 15 8.15 -1.97 7.83
N SER A 16 8.49 -1.55 6.60
CA SER A 16 9.49 -0.52 6.39
C SER A 16 9.28 0.18 5.07
N VAL A 17 9.53 1.48 5.08
CA VAL A 17 9.82 2.27 3.90
C VAL A 17 11.17 1.79 3.34
N ASN A 18 11.53 2.26 2.15
CA ASN A 18 12.85 2.07 1.55
C ASN A 18 13.96 2.37 2.55
N GLY A 19 13.83 3.47 3.29
CA GLY A 19 14.88 4.05 4.08
C GLY A 19 14.96 3.42 5.45
N LYS A 20 13.85 3.51 6.20
CA LYS A 20 13.72 3.11 7.59
C LYS A 20 12.29 2.64 7.87
N PRO A 21 12.05 1.97 9.02
CA PRO A 21 10.70 1.78 9.54
C PRO A 21 9.97 3.12 9.73
N VAL A 22 8.68 3.01 10.03
CA VAL A 22 7.78 4.13 10.22
C VAL A 22 7.06 3.94 11.55
N THR A 23 6.75 5.05 12.22
CA THR A 23 6.05 5.08 13.50
C THR A 23 4.65 5.66 13.29
N SER A 24 3.70 5.16 14.06
CA SER A 24 2.32 5.55 14.14
C SER A 24 1.89 5.25 15.56
N ASP A 25 1.14 6.17 16.13
CA ASP A 25 0.48 6.01 17.42
C ASP A 25 -0.31 4.69 17.48
N LYS A 26 -1.28 4.52 16.58
CA LYS A 26 -2.19 3.35 16.57
C LYS A 26 -2.75 3.01 15.19
N ASN A 27 -2.46 3.81 14.17
CA ASN A 27 -3.00 3.64 12.81
C ASN A 27 -1.83 3.60 11.85
N PRO A 28 -1.17 2.44 11.66
CA PRO A 28 0.00 2.36 10.80
C PRO A 28 -0.37 2.64 9.34
N PRO A 29 0.61 2.94 8.49
CA PRO A 29 0.45 2.88 7.05
C PRO A 29 0.22 1.41 6.66
N GLU A 30 -1.03 0.95 6.74
CA GLU A 30 -1.46 -0.33 6.21
C GLU A 30 -2.27 -0.08 4.93
N ILE A 31 -2.42 -1.12 4.13
CA ILE A 31 -3.16 -1.19 2.89
C ILE A 31 -3.90 -2.53 2.93
N SER A 32 -5.16 -2.54 2.53
CA SER A 32 -5.90 -3.78 2.41
C SER A 32 -6.58 -3.79 1.04
N PHE A 33 -7.02 -4.98 0.64
CA PHE A 33 -7.68 -5.19 -0.63
C PHE A 33 -8.93 -6.01 -0.34
N GLY A 34 -9.83 -6.07 -1.31
CA GLY A 34 -11.12 -6.73 -1.17
C GLY A 34 -11.97 -6.34 -2.35
N GLU A 35 -12.75 -7.29 -2.86
CA GLU A 35 -13.61 -7.21 -4.03
C GLU A 35 -12.80 -6.86 -5.27
N LYS A 36 -12.63 -7.82 -6.19
CA LYS A 36 -12.06 -7.55 -7.52
C LYS A 36 -10.63 -7.01 -7.52
N MET A 37 -9.90 -7.04 -6.40
CA MET A 37 -8.72 -6.23 -6.15
C MET A 37 -9.01 -4.72 -6.26
N MET A 38 -10.05 -4.24 -5.59
CA MET A 38 -10.11 -2.88 -5.08
C MET A 38 -9.01 -2.69 -4.03
N ILE A 39 -8.76 -1.44 -3.66
CA ILE A 39 -7.75 -1.01 -2.70
C ILE A 39 -8.43 -0.03 -1.74
N SER A 40 -8.23 -0.19 -0.43
CA SER A 40 -8.36 0.89 0.53
C SER A 40 -7.11 0.86 1.41
N GLY A 41 -6.72 2.00 1.95
CA GLY A 41 -5.62 2.04 2.89
C GLY A 41 -5.42 3.47 3.37
N SER A 42 -4.46 3.64 4.27
CA SER A 42 -4.29 4.89 4.98
C SER A 42 -2.83 5.04 5.37
N MET A 43 -2.01 5.57 4.44
CA MET A 43 -0.65 5.97 4.78
C MET A 43 -0.72 7.06 5.84
N CYS A 44 -1.61 8.01 5.58
CA CYS A 44 -2.11 8.99 6.50
C CYS A 44 -3.42 9.47 5.88
N ASN A 45 -3.34 10.17 4.73
CA ASN A 45 -4.43 10.95 4.12
C ASN A 45 -5.53 10.11 3.47
N ARG A 46 -5.53 8.80 3.69
CA ARG A 46 -6.34 7.80 2.98
C ARG A 46 -6.14 7.83 1.48
N PHE A 47 -6.59 6.76 0.84
CA PHE A 47 -6.55 6.55 -0.61
C PHE A 47 -7.45 5.37 -0.92
N SER A 48 -7.78 5.22 -2.21
CA SER A 48 -8.49 4.08 -2.77
C SER A 48 -8.40 4.19 -4.29
N GLY A 49 -8.22 3.07 -5.00
CA GLY A 49 -8.24 3.08 -6.45
C GLY A 49 -8.67 1.72 -7.00
N GLU A 50 -9.05 1.73 -8.28
CA GLU A 50 -9.37 0.59 -9.13
C GLU A 50 -8.13 -0.30 -9.32
N GLY A 51 -7.85 -1.19 -8.37
CA GLY A 51 -6.56 -1.89 -8.27
C GLY A 51 -6.29 -2.79 -9.46
N LYS A 52 -6.96 -3.94 -9.45
CA LYS A 52 -7.01 -5.02 -10.44
C LYS A 52 -5.62 -5.60 -10.76
N LEU A 53 -5.45 -6.92 -10.65
CA LEU A 53 -4.15 -7.57 -10.80
C LEU A 53 -4.22 -8.65 -11.87
N SER A 54 -3.42 -8.47 -12.90
CA SER A 54 -3.28 -9.38 -14.03
C SER A 54 -1.83 -9.41 -14.55
N ASN A 55 -0.99 -8.43 -14.20
CA ASN A 55 0.22 -8.13 -14.94
C ASN A 55 1.47 -8.04 -14.03
N GLY A 56 1.34 -8.38 -12.75
CA GLY A 56 2.36 -8.05 -11.74
C GLY A 56 2.34 -6.56 -11.36
N GLU A 57 1.38 -5.79 -11.88
CA GLU A 57 1.40 -4.34 -11.77
C GLU A 57 0.14 -3.88 -11.05
N LEU A 58 0.26 -3.02 -10.04
CA LEU A 58 -0.85 -2.39 -9.33
C LEU A 58 -0.79 -0.89 -9.55
N THR A 59 -1.59 -0.41 -10.50
CA THR A 59 -1.78 1.01 -10.76
C THR A 59 -2.87 1.60 -9.86
N ALA A 60 -3.00 2.93 -9.85
CA ALA A 60 -4.24 3.67 -9.65
C ALA A 60 -4.24 4.90 -10.55
N LYS A 61 -5.00 4.85 -11.65
CA LYS A 61 -5.21 6.00 -12.53
C LYS A 61 -6.06 7.10 -11.85
N GLY A 62 -6.81 6.78 -10.80
CA GLY A 62 -7.60 7.73 -10.02
C GLY A 62 -6.89 8.08 -8.71
N LEU A 63 -7.07 7.24 -7.68
CA LEU A 63 -6.57 7.34 -6.32
C LEU A 63 -7.11 8.53 -5.52
N ALA A 64 -8.35 8.37 -5.02
CA ALA A 64 -9.06 9.35 -4.21
C ALA A 64 -8.44 9.51 -2.81
N MET A 65 -7.53 10.46 -2.62
CA MET A 65 -6.90 10.78 -1.32
C MET A 65 -7.56 12.01 -0.68
N THR A 66 -7.21 12.37 0.56
CA THR A 66 -7.78 13.50 1.31
C THR A 66 -6.73 14.59 1.60
N ARG A 67 -7.03 15.52 2.53
CA ARG A 67 -6.23 16.72 2.86
C ARG A 67 -6.21 17.02 4.37
N MET A 68 -6.29 15.97 5.19
CA MET A 68 -6.13 16.03 6.63
C MET A 68 -4.64 16.17 7.01
N MET A 69 -4.35 16.23 8.31
CA MET A 69 -3.02 16.22 8.94
C MET A 69 -2.81 14.91 9.70
N CYS A 70 -1.57 14.65 10.14
CA CYS A 70 -1.19 13.48 10.93
C CYS A 70 -0.17 13.84 12.03
N ALA A 71 -0.23 13.08 13.14
CA ALA A 71 0.54 13.29 14.36
C ALA A 71 2.05 12.98 14.23
N ASN A 72 2.48 12.37 13.13
CA ASN A 72 3.89 12.06 12.88
C ASN A 72 4.14 12.45 11.42
N PRO A 73 5.31 13.01 11.06
CA PRO A 73 5.43 13.69 9.77
C PRO A 73 5.74 12.71 8.65
N GLN A 74 6.33 11.55 8.98
CA GLN A 74 6.61 10.48 8.03
C GLN A 74 5.28 10.02 7.42
N LEU A 75 4.23 9.84 8.24
CA LEU A 75 2.92 9.42 7.77
C LEU A 75 2.38 10.42 6.75
N ASN A 76 2.48 11.72 7.07
CA ASN A 76 1.95 12.78 6.21
C ASN A 76 2.70 12.78 4.88
N GLU A 77 4.03 12.76 4.93
CA GLU A 77 4.92 12.79 3.77
C GLU A 77 4.65 11.63 2.80
N LEU A 78 4.28 10.47 3.35
CA LEU A 78 3.99 9.24 2.62
C LEU A 78 2.73 9.36 1.75
N ASP A 79 1.89 10.38 1.95
CA ASP A 79 0.71 10.61 1.13
C ASP A 79 1.09 10.82 -0.33
N ASN A 80 2.19 11.52 -0.56
CA ASN A 80 2.67 11.75 -1.90
C ASN A 80 3.35 10.51 -2.43
N THR A 81 4.11 9.78 -1.60
CA THR A 81 4.79 8.56 -2.03
C THR A 81 3.78 7.59 -2.64
N ILE A 82 2.68 7.28 -1.93
CA ILE A 82 1.75 6.28 -2.44
C ILE A 82 1.08 6.78 -3.73
N SER A 83 0.79 8.08 -3.82
CA SER A 83 0.25 8.67 -5.04
C SER A 83 1.21 8.45 -6.20
N GLU A 84 2.48 8.78 -5.98
CA GLU A 84 3.56 8.76 -6.96
C GLU A 84 4.06 7.33 -7.21
N MET A 85 3.64 6.31 -6.45
CA MET A 85 3.88 4.91 -6.81
C MET A 85 2.74 4.39 -7.65
N LEU A 86 1.50 4.55 -7.19
CA LEU A 86 0.37 3.88 -7.80
C LEU A 86 0.13 4.41 -9.21
N LYS A 87 0.44 5.67 -9.49
CA LYS A 87 0.07 6.28 -10.76
C LYS A 87 0.65 5.51 -11.96
N GLU A 88 1.97 5.34 -12.01
CA GLU A 88 2.66 4.73 -13.14
C GLU A 88 2.43 3.22 -13.17
N GLY A 89 2.34 2.59 -11.99
CA GLY A 89 2.20 1.15 -11.88
C GLY A 89 3.35 0.66 -11.02
N ALA A 90 3.04 0.33 -9.76
CA ALA A 90 4.00 -0.34 -8.91
C ALA A 90 4.09 -1.79 -9.36
N GLN A 91 5.30 -2.31 -9.43
CA GLN A 91 5.53 -3.74 -9.40
C GLN A 91 5.09 -4.18 -8.01
N VAL A 92 4.14 -5.10 -7.99
CA VAL A 92 3.66 -5.75 -6.80
C VAL A 92 4.20 -7.16 -6.88
N ASP A 93 5.00 -7.53 -5.88
CA ASP A 93 5.55 -8.87 -5.77
C ASP A 93 5.37 -9.33 -4.33
N LEU A 94 4.37 -10.20 -4.11
CA LEU A 94 4.13 -10.83 -2.81
C LEU A 94 4.78 -12.20 -2.87
N THR A 95 5.75 -12.43 -1.99
CA THR A 95 6.28 -13.75 -1.68
C THR A 95 5.35 -14.46 -0.69
N ALA A 96 5.81 -15.54 -0.06
CA ALA A 96 5.03 -16.31 0.91
C ALA A 96 4.33 -15.44 1.96
N ASN A 97 5.04 -14.53 2.66
CA ASN A 97 4.45 -13.68 3.71
C ASN A 97 4.88 -12.21 3.65
N GLN A 98 5.56 -11.79 2.58
CA GLN A 98 6.18 -10.48 2.52
C GLN A 98 5.93 -9.87 1.16
N LEU A 99 5.35 -8.67 1.16
CA LEU A 99 5.09 -7.86 -0.02
C LEU A 99 6.31 -6.99 -0.30
N THR A 100 6.61 -6.81 -1.58
CA THR A 100 7.60 -5.90 -2.12
C THR A 100 6.84 -5.01 -3.09
N LEU A 101 6.77 -3.70 -2.78
CA LEU A 101 6.10 -2.67 -3.55
C LEU A 101 7.15 -1.75 -4.11
N ALA A 102 7.49 -1.91 -5.38
CA ALA A 102 8.52 -1.14 -6.04
C ALA A 102 7.91 -0.32 -7.17
N THR A 103 8.51 0.81 -7.52
CA THR A 103 8.13 1.67 -8.60
C THR A 103 9.38 2.52 -8.94
N ALA A 104 9.29 3.35 -9.99
CA ALA A 104 10.33 4.31 -10.34
C ALA A 104 10.57 5.37 -9.25
N LYS A 105 9.68 5.51 -8.27
CA LYS A 105 9.81 6.41 -7.14
C LYS A 105 10.86 5.79 -6.21
N GLN A 106 10.49 4.76 -5.45
CA GLN A 106 11.21 4.15 -4.34
C GLN A 106 10.50 2.80 -4.11
N THR A 107 10.97 2.00 -3.15
CA THR A 107 10.50 0.64 -2.90
C THR A 107 10.19 0.45 -1.40
N LEU A 108 9.13 -0.30 -1.07
CA LEU A 108 8.54 -0.49 0.25
C LEU A 108 8.44 -1.98 0.53
N THR A 109 8.44 -2.35 1.81
CA THR A 109 8.22 -3.72 2.26
C THR A 109 7.03 -3.77 3.21
N TYR A 110 5.98 -4.50 2.82
CA TYR A 110 4.82 -4.72 3.67
C TYR A 110 4.80 -6.19 4.15
N LYS A 111 4.07 -6.49 5.22
CA LYS A 111 3.96 -7.84 5.80
C LYS A 111 2.54 -8.37 5.66
N LEU A 112 2.38 -9.69 5.49
CA LEU A 112 1.12 -10.43 5.52
C LEU A 112 0.53 -10.55 6.93
N ALA A 113 0.63 -9.52 7.74
CA ALA A 113 0.17 -9.56 9.12
C ALA A 113 -1.36 -9.43 9.15
N ASP A 114 -2.11 -10.55 9.05
CA ASP A 114 -3.56 -10.53 8.91
C ASP A 114 -4.28 -10.94 10.20
N LEU A 115 -3.96 -10.20 11.25
CA LEU A 115 -4.52 -10.21 12.61
C LEU A 115 -6.01 -9.79 12.69
N MET A 116 -6.64 -9.55 11.55
CA MET A 116 -8.09 -9.38 11.48
C MET A 116 -8.79 -10.74 11.54
N ASN A 117 -8.08 -11.83 11.24
CA ASN A 117 -8.63 -13.17 11.35
C ASN A 117 -8.49 -13.65 12.78
N MET A 1 3.33 -16.39 -8.90
CA MET A 1 3.52 -14.95 -9.03
C MET A 1 2.39 -14.23 -8.28
N VAL A 2 2.65 -13.02 -7.80
CA VAL A 2 1.71 -12.22 -7.04
C VAL A 2 0.42 -12.09 -7.83
N THR A 3 -0.68 -12.59 -7.27
CA THR A 3 -1.91 -12.76 -8.02
C THR A 3 -3.07 -12.11 -7.26
N PRO A 4 -4.16 -11.74 -7.93
CA PRO A 4 -5.28 -11.06 -7.30
C PRO A 4 -5.95 -11.92 -6.23
N GLU A 5 -6.26 -13.17 -6.56
CA GLU A 5 -7.03 -14.06 -5.70
C GLU A 5 -6.30 -14.48 -4.43
N GLN A 6 -4.99 -14.23 -4.34
CA GLN A 6 -4.21 -14.31 -3.11
C GLN A 6 -4.08 -12.98 -2.35
N LEU A 7 -4.90 -11.97 -2.67
CA LEU A 7 -4.81 -10.62 -2.10
C LEU A 7 -6.17 -10.14 -1.60
N GLN A 8 -7.24 -10.32 -2.38
CA GLN A 8 -8.63 -9.88 -2.15
C GLN A 8 -9.33 -10.32 -0.85
N HIS A 9 -8.61 -11.02 -0.01
CA HIS A 9 -9.02 -11.56 1.29
C HIS A 9 -7.92 -11.43 2.36
N HIS A 10 -6.85 -10.68 2.09
CA HIS A 10 -5.59 -10.78 2.81
C HIS A 10 -5.11 -9.37 3.16
N ARG A 11 -5.14 -9.01 4.45
CA ARG A 11 -4.58 -7.75 4.93
C ARG A 11 -3.07 -7.82 4.81
N PHE A 12 -2.46 -6.67 4.54
CA PHE A 12 -1.02 -6.46 4.68
C PHE A 12 -0.81 -5.23 5.55
N VAL A 13 0.38 -5.09 6.10
CA VAL A 13 0.81 -3.90 6.81
C VAL A 13 2.17 -3.50 6.30
N LEU A 14 2.39 -2.19 6.19
CA LEU A 14 3.63 -1.63 5.73
C LEU A 14 4.69 -1.88 6.77
N GLU A 15 5.62 -2.77 6.44
CA GLU A 15 6.54 -3.28 7.42
C GLU A 15 7.75 -2.34 7.54
N SER A 16 8.25 -1.84 6.42
CA SER A 16 9.22 -0.76 6.43
C SER A 16 9.14 0.01 5.11
N VAL A 17 9.31 1.32 5.21
CA VAL A 17 9.52 2.19 4.06
C VAL A 17 10.97 1.98 3.60
N ASN A 18 11.37 2.60 2.47
CA ASN A 18 12.64 2.36 1.82
C ASN A 18 13.81 2.29 2.79
N GLY A 19 13.91 3.30 3.65
CA GLY A 19 14.91 3.34 4.69
C GLY A 19 14.53 2.46 5.88
N LYS A 20 13.46 2.81 6.59
CA LYS A 20 13.22 2.36 7.96
C LYS A 20 11.76 2.02 8.23
N PRO A 21 11.49 1.32 9.35
CA PRO A 21 10.15 0.97 9.79
C PRO A 21 9.27 2.19 10.08
N VAL A 22 8.05 1.87 10.54
CA VAL A 22 7.00 2.81 10.88
C VAL A 22 6.63 2.62 12.35
N THR A 23 6.07 3.66 12.99
CA THR A 23 5.44 3.54 14.30
C THR A 23 4.18 4.39 14.41
N SER A 24 3.07 3.69 14.56
CA SER A 24 1.74 4.22 14.83
C SER A 24 0.97 3.05 15.43
N ASP A 25 0.92 2.95 16.76
CA ASP A 25 0.30 1.86 17.50
C ASP A 25 -1.22 2.06 17.58
N LYS A 26 -1.84 2.53 16.50
CA LYS A 26 -3.29 2.71 16.46
C LYS A 26 -3.84 2.56 15.07
N ASN A 27 -3.18 3.22 14.14
CA ASN A 27 -3.48 3.18 12.72
C ASN A 27 -2.17 3.41 11.99
N PRO A 28 -1.36 2.36 11.80
CA PRO A 28 -0.23 2.40 10.89
C PRO A 28 -0.74 2.42 9.44
N PRO A 29 0.15 2.65 8.46
CA PRO A 29 -0.17 2.57 7.04
C PRO A 29 -0.40 1.12 6.61
N GLU A 30 -1.41 0.45 7.13
CA GLU A 30 -1.79 -0.88 6.66
C GLU A 30 -2.58 -0.74 5.34
N ILE A 31 -2.82 -1.84 4.63
CA ILE A 31 -3.50 -1.84 3.35
C ILE A 31 -4.34 -3.11 3.27
N SER A 32 -5.43 -3.07 2.51
CA SER A 32 -6.30 -4.20 2.32
C SER A 32 -6.89 -4.15 0.90
N PHE A 33 -7.47 -5.26 0.49
CA PHE A 33 -7.86 -5.52 -0.87
C PHE A 33 -9.14 -6.38 -0.77
N GLY A 34 -10.23 -5.96 -1.41
CA GLY A 34 -11.36 -6.82 -1.74
C GLY A 34 -12.13 -6.23 -2.92
N GLU A 35 -13.03 -7.01 -3.52
CA GLU A 35 -14.04 -6.59 -4.51
C GLU A 35 -13.45 -5.90 -5.74
N LYS A 36 -13.11 -6.68 -6.77
CA LYS A 36 -12.61 -6.27 -8.09
C LYS A 36 -11.15 -5.80 -8.05
N MET A 37 -10.31 -6.35 -7.18
CA MET A 37 -8.92 -5.94 -7.01
C MET A 37 -8.86 -4.45 -6.63
N MET A 38 -9.83 -3.96 -5.87
CA MET A 38 -9.79 -2.63 -5.27
C MET A 38 -8.70 -2.55 -4.20
N ILE A 39 -8.44 -1.34 -3.70
CA ILE A 39 -7.39 -1.05 -2.73
C ILE A 39 -7.96 -0.09 -1.69
N SER A 40 -8.18 -0.56 -0.46
CA SER A 40 -8.28 0.29 0.72
C SER A 40 -6.89 0.46 1.34
N GLY A 41 -6.53 1.66 1.77
CA GLY A 41 -5.37 1.88 2.65
C GLY A 41 -5.48 3.23 3.34
N SER A 42 -4.51 3.59 4.17
CA SER A 42 -4.47 4.91 4.79
C SER A 42 -3.07 5.25 5.28
N MET A 43 -2.28 5.93 4.44
CA MET A 43 -0.96 6.42 4.82
C MET A 43 -1.09 7.48 5.91
N CYS A 44 -1.68 8.61 5.55
CA CYS A 44 -2.12 9.64 6.49
C CYS A 44 -3.54 10.01 6.07
N ASN A 45 -3.65 10.49 4.83
CA ASN A 45 -4.76 11.19 4.22
C ASN A 45 -5.86 10.25 3.78
N ARG A 46 -5.97 9.10 4.44
CA ARG A 46 -6.58 7.89 3.93
C ARG A 46 -5.95 7.57 2.58
N PHE A 47 -6.54 6.68 1.80
CA PHE A 47 -6.59 6.61 0.35
C PHE A 47 -7.45 5.39 -0.04
N SER A 48 -7.76 5.30 -1.32
CA SER A 48 -8.52 4.23 -1.93
C SER A 48 -8.36 4.34 -3.45
N GLY A 49 -8.63 3.27 -4.20
CA GLY A 49 -8.85 3.40 -5.63
C GLY A 49 -9.08 2.05 -6.28
N GLU A 50 -9.63 2.04 -7.49
CA GLU A 50 -9.80 0.85 -8.29
C GLU A 50 -8.42 0.35 -8.73
N GLY A 51 -7.92 -0.65 -8.03
CA GLY A 51 -6.72 -1.39 -8.39
C GLY A 51 -6.96 -2.37 -9.53
N LYS A 52 -5.90 -2.97 -10.05
CA LYS A 52 -5.94 -4.15 -10.93
C LYS A 52 -4.59 -4.85 -10.84
N LEU A 53 -4.58 -6.19 -11.00
CA LEU A 53 -3.37 -7.00 -11.05
C LEU A 53 -3.61 -8.20 -11.97
N SER A 54 -2.59 -8.59 -12.73
CA SER A 54 -2.57 -9.77 -13.57
C SER A 54 -1.10 -10.18 -13.77
N ASN A 55 -0.32 -9.30 -14.40
CA ASN A 55 1.12 -9.46 -14.67
C ASN A 55 1.96 -9.49 -13.39
N GLY A 56 1.87 -8.42 -12.60
CA GLY A 56 2.84 -8.13 -11.56
C GLY A 56 2.96 -6.61 -11.31
N GLU A 57 2.03 -5.81 -11.81
CA GLU A 57 2.09 -4.37 -11.73
C GLU A 57 0.72 -3.84 -11.24
N LEU A 58 0.70 -3.22 -10.06
CA LEU A 58 -0.46 -2.68 -9.38
C LEU A 58 -0.64 -1.20 -9.72
N THR A 59 -1.58 -0.87 -10.60
CA THR A 59 -2.03 0.50 -10.83
C THR A 59 -3.27 0.80 -9.98
N ALA A 60 -3.62 2.08 -9.79
CA ALA A 60 -4.98 2.51 -9.48
C ALA A 60 -5.29 3.89 -10.08
N LYS A 61 -6.05 3.90 -11.19
CA LYS A 61 -6.46 5.13 -11.87
C LYS A 61 -7.76 5.65 -11.24
N GLY A 62 -7.64 6.30 -10.08
CA GLY A 62 -8.79 6.94 -9.43
C GLY A 62 -8.62 6.89 -7.92
N LEU A 63 -7.81 7.81 -7.39
CA LEU A 63 -7.19 7.69 -6.10
C LEU A 63 -7.68 8.81 -5.18
N ALA A 64 -8.85 8.57 -4.58
CA ALA A 64 -9.53 9.46 -3.65
C ALA A 64 -8.91 9.43 -2.26
N MET A 65 -8.02 10.38 -1.97
CA MET A 65 -7.48 10.63 -0.63
C MET A 65 -7.72 12.08 -0.24
N THR A 66 -7.44 12.42 1.01
CA THR A 66 -7.93 13.62 1.67
C THR A 66 -6.81 14.66 1.76
N ARG A 67 -6.99 15.68 2.58
CA ARG A 67 -6.06 16.79 2.79
C ARG A 67 -5.84 17.09 4.27
N MET A 68 -6.02 16.07 5.10
CA MET A 68 -5.73 16.07 6.53
C MET A 68 -4.22 16.01 6.77
N MET A 69 -3.81 15.79 8.01
CA MET A 69 -2.44 15.71 8.49
C MET A 69 -2.36 14.63 9.57
N CYS A 70 -1.17 14.43 10.13
CA CYS A 70 -0.88 13.41 11.12
C CYS A 70 0.21 13.86 12.07
N ALA A 71 0.33 13.16 13.21
CA ALA A 71 1.32 13.37 14.27
C ALA A 71 2.75 12.98 13.85
N ASN A 72 3.03 12.73 12.57
CA ASN A 72 4.37 12.36 12.11
C ASN A 72 4.58 12.92 10.71
N PRO A 73 5.79 13.37 10.35
CA PRO A 73 6.06 13.92 9.03
C PRO A 73 6.15 12.81 7.97
N GLN A 74 6.52 11.60 8.39
CA GLN A 74 6.67 10.45 7.51
C GLN A 74 5.29 9.99 7.01
N LEU A 75 4.30 9.84 7.89
CA LEU A 75 2.92 9.52 7.48
C LEU A 75 2.45 10.57 6.48
N ASN A 76 2.70 11.85 6.77
CA ASN A 76 2.25 12.99 5.96
C ASN A 76 2.82 12.92 4.54
N GLU A 77 4.08 12.52 4.39
CA GLU A 77 4.80 12.45 3.13
C GLU A 77 4.50 11.18 2.34
N LEU A 78 4.20 10.09 3.04
CA LEU A 78 3.90 8.80 2.42
C LEU A 78 2.67 8.85 1.52
N ASP A 79 1.76 9.79 1.79
CA ASP A 79 0.67 10.22 0.90
C ASP A 79 1.18 10.48 -0.50
N ASN A 80 2.25 11.26 -0.61
CA ASN A 80 2.76 11.65 -1.91
C ASN A 80 3.46 10.48 -2.57
N THR A 81 4.17 9.64 -1.79
CA THR A 81 4.72 8.40 -2.33
C THR A 81 3.59 7.62 -2.97
N ILE A 82 2.59 7.20 -2.19
CA ILE A 82 1.65 6.21 -2.64
C ILE A 82 0.81 6.75 -3.80
N SER A 83 0.42 8.03 -3.75
CA SER A 83 -0.41 8.59 -4.80
C SER A 83 0.34 8.52 -6.13
N GLU A 84 1.58 8.99 -6.13
CA GLU A 84 2.44 9.01 -7.30
C GLU A 84 2.83 7.58 -7.74
N MET A 85 2.79 6.56 -6.86
CA MET A 85 3.33 5.25 -7.21
C MET A 85 2.21 4.51 -7.89
N LEU A 86 1.00 4.64 -7.34
CA LEU A 86 -0.10 3.85 -7.84
C LEU A 86 -0.48 4.23 -9.26
N LYS A 87 -0.21 5.47 -9.66
CA LYS A 87 -0.62 5.98 -10.95
C LYS A 87 0.07 5.23 -12.08
N GLU A 88 1.41 5.15 -12.07
CA GLU A 88 2.13 4.52 -13.16
C GLU A 88 1.96 3.00 -13.17
N GLY A 89 2.01 2.36 -12.01
CA GLY A 89 1.99 0.91 -11.90
C GLY A 89 3.18 0.48 -11.07
N ALA A 90 2.94 0.30 -9.78
CA ALA A 90 3.96 -0.18 -8.88
C ALA A 90 4.24 -1.65 -9.20
N GLN A 91 5.52 -2.02 -9.23
CA GLN A 91 6.04 -3.34 -9.47
C GLN A 91 5.79 -4.10 -8.19
N VAL A 92 4.65 -4.79 -8.13
CA VAL A 92 4.25 -5.56 -6.97
C VAL A 92 4.88 -6.94 -7.15
N ASP A 93 5.52 -7.45 -6.11
CA ASP A 93 5.95 -8.83 -6.02
C ASP A 93 5.63 -9.29 -4.60
N LEU A 94 5.39 -10.59 -4.41
CA LEU A 94 5.06 -11.14 -3.10
C LEU A 94 5.91 -12.38 -2.87
N THR A 95 6.96 -12.17 -2.09
CA THR A 95 7.74 -13.22 -1.45
C THR A 95 6.86 -13.97 -0.44
N ALA A 96 7.35 -15.10 0.08
CA ALA A 96 6.65 -16.09 0.91
C ALA A 96 5.76 -15.54 2.05
N ASN A 97 6.05 -14.33 2.54
CA ASN A 97 5.23 -13.56 3.46
C ASN A 97 5.53 -12.05 3.34
N GLN A 98 6.33 -11.61 2.36
CA GLN A 98 6.85 -10.23 2.24
C GLN A 98 6.57 -9.67 0.85
N LEU A 99 5.67 -8.70 0.80
CA LEU A 99 5.31 -7.90 -0.37
C LEU A 99 6.42 -6.89 -0.62
N THR A 100 6.71 -6.60 -1.88
CA THR A 100 7.67 -5.59 -2.30
C THR A 100 7.00 -4.75 -3.38
N LEU A 101 6.84 -3.45 -3.15
CA LEU A 101 6.31 -2.50 -4.12
C LEU A 101 7.44 -1.54 -4.41
N ALA A 102 8.01 -1.56 -5.61
CA ALA A 102 8.83 -0.47 -6.12
C ALA A 102 8.03 0.27 -7.18
N THR A 103 8.38 1.52 -7.45
CA THR A 103 7.88 2.33 -8.51
C THR A 103 8.94 3.40 -8.77
N ALA A 104 8.70 4.29 -9.72
CA ALA A 104 9.55 5.44 -9.94
C ALA A 104 9.81 6.21 -8.64
N LYS A 105 8.80 6.34 -7.77
CA LYS A 105 8.93 7.09 -6.52
C LYS A 105 9.98 6.54 -5.54
N GLN A 106 9.74 5.35 -5.00
CA GLN A 106 10.59 4.66 -4.03
C GLN A 106 10.10 3.21 -3.93
N THR A 107 10.66 2.42 -3.00
CA THR A 107 10.19 1.07 -2.72
C THR A 107 9.71 0.98 -1.26
N LEU A 108 8.62 0.26 -1.03
CA LEU A 108 7.93 0.04 0.24
C LEU A 108 7.84 -1.48 0.43
N THR A 109 8.08 -1.96 1.64
CA THR A 109 8.03 -3.37 2.00
C THR A 109 6.85 -3.57 2.95
N TYR A 110 6.17 -4.72 2.86
CA TYR A 110 5.01 -5.05 3.69
C TYR A 110 5.16 -6.43 4.32
N LYS A 111 4.22 -6.77 5.21
CA LYS A 111 4.08 -8.08 5.82
C LYS A 111 2.67 -8.60 5.60
N LEU A 112 2.55 -9.92 5.40
CA LEU A 112 1.31 -10.67 5.47
C LEU A 112 0.92 -10.85 6.95
N ALA A 113 0.87 -9.75 7.70
CA ALA A 113 0.31 -9.74 9.05
C ALA A 113 -1.19 -9.56 8.89
N ASP A 114 -1.95 -10.64 8.80
CA ASP A 114 -3.40 -10.54 8.62
C ASP A 114 -4.07 -10.59 9.97
N LEU A 115 -3.95 -9.48 10.65
CA LEU A 115 -4.40 -9.27 12.02
C LEU A 115 -5.79 -8.66 12.02
N MET A 116 -6.57 -8.92 10.96
CA MET A 116 -7.94 -8.45 10.90
C MET A 116 -8.73 -8.96 12.11
N ASN A 117 -9.46 -8.04 12.75
CA ASN A 117 -10.48 -8.35 13.75
C ASN A 117 -11.79 -8.76 13.07
N MET A 1 4.43 -15.83 -9.06
CA MET A 1 3.80 -14.55 -9.32
C MET A 1 2.50 -14.44 -8.53
N VAL A 2 2.37 -13.32 -7.82
CA VAL A 2 1.20 -12.87 -7.08
C VAL A 2 -0.07 -12.93 -7.93
N THR A 3 -1.25 -13.11 -7.31
CA THR A 3 -2.53 -13.14 -8.00
C THR A 3 -3.56 -12.30 -7.23
N PRO A 4 -4.70 -11.94 -7.84
CA PRO A 4 -5.78 -11.22 -7.16
C PRO A 4 -6.32 -11.95 -5.93
N GLU A 5 -6.38 -13.27 -6.03
CA GLU A 5 -6.96 -14.15 -5.03
C GLU A 5 -6.23 -14.04 -3.68
N GLN A 6 -4.90 -14.03 -3.71
CA GLN A 6 -4.03 -13.87 -2.54
C GLN A 6 -3.99 -12.42 -2.02
N LEU A 7 -4.96 -11.56 -2.38
CA LEU A 7 -4.95 -10.13 -2.04
C LEU A 7 -6.30 -9.62 -1.56
N GLN A 8 -7.40 -9.87 -2.30
CA GLN A 8 -8.75 -9.38 -1.99
C GLN A 8 -9.19 -9.48 -0.54
N HIS A 9 -8.66 -10.46 0.20
CA HIS A 9 -9.08 -10.76 1.56
C HIS A 9 -7.89 -10.91 2.50
N HIS A 10 -6.82 -10.14 2.24
CA HIS A 10 -5.62 -10.08 3.07
C HIS A 10 -5.29 -8.63 3.37
N ARG A 11 -5.39 -8.25 4.64
CA ARG A 11 -4.84 -7.01 5.16
C ARG A 11 -3.32 -7.11 5.16
N PHE A 12 -2.69 -5.95 4.99
CA PHE A 12 -1.26 -5.75 5.14
C PHE A 12 -1.03 -4.45 5.85
N VAL A 13 0.14 -4.38 6.44
CA VAL A 13 0.63 -3.30 7.25
C VAL A 13 1.96 -2.88 6.66
N LEU A 14 2.15 -1.57 6.45
CA LEU A 14 3.39 -1.00 5.96
C LEU A 14 4.45 -1.22 7.03
N GLU A 15 5.30 -2.20 6.81
CA GLU A 15 6.25 -2.61 7.82
C GLU A 15 7.48 -1.72 7.71
N SER A 16 8.07 -1.62 6.51
CA SER A 16 9.32 -0.90 6.29
C SER A 16 9.23 -0.07 5.01
N VAL A 17 9.47 1.23 5.13
CA VAL A 17 9.60 2.15 4.02
C VAL A 17 10.97 1.93 3.37
N ASN A 18 11.21 2.54 2.21
CA ASN A 18 12.54 2.63 1.60
C ASN A 18 13.57 3.30 2.51
N GLY A 19 13.12 4.09 3.50
CA GLY A 19 13.96 4.90 4.38
C GLY A 19 14.02 4.30 5.78
N LYS A 20 12.91 4.25 6.52
CA LYS A 20 12.84 3.77 7.90
C LYS A 20 11.62 2.84 8.10
N PRO A 21 11.56 2.06 9.18
CA PRO A 21 10.29 1.51 9.65
C PRO A 21 9.41 2.67 10.13
N VAL A 22 8.08 2.52 10.08
CA VAL A 22 7.14 3.53 10.58
C VAL A 22 6.86 3.26 12.06
N THR A 23 6.41 4.27 12.81
CA THR A 23 6.07 4.19 14.22
C THR A 23 4.68 4.82 14.40
N SER A 24 3.74 4.08 14.97
CA SER A 24 2.31 4.35 15.03
C SER A 24 1.77 3.64 16.28
N ASP A 25 0.93 4.34 17.03
CA ASP A 25 0.27 3.91 18.28
C ASP A 25 -0.33 2.51 18.09
N LYS A 26 -1.55 2.44 17.55
CA LYS A 26 -2.23 1.21 17.18
C LYS A 26 -2.90 1.29 15.80
N ASN A 27 -2.79 2.45 15.14
CA ASN A 27 -3.35 2.75 13.84
C ASN A 27 -2.18 3.00 12.87
N PRO A 28 -1.54 1.96 12.32
CA PRO A 28 -0.46 2.11 11.35
C PRO A 28 -0.93 2.66 10.00
N PRO A 29 0.00 3.05 9.10
CA PRO A 29 -0.24 2.87 7.68
C PRO A 29 -0.36 1.36 7.42
N GLU A 30 -1.58 0.96 7.12
CA GLU A 30 -2.00 -0.38 6.75
C GLU A 30 -2.82 -0.22 5.46
N ILE A 31 -3.06 -1.32 4.76
CA ILE A 31 -3.77 -1.38 3.50
C ILE A 31 -4.55 -2.69 3.49
N SER A 32 -5.72 -2.67 2.86
CA SER A 32 -6.51 -3.84 2.52
C SER A 32 -6.94 -3.66 1.06
N PHE A 33 -7.56 -4.70 0.53
CA PHE A 33 -7.94 -4.77 -0.87
C PHE A 33 -9.35 -5.35 -0.95
N GLY A 34 -9.84 -5.62 -2.15
CA GLY A 34 -11.07 -6.35 -2.38
C GLY A 34 -11.37 -6.40 -3.86
N GLU A 35 -12.63 -6.67 -4.18
CA GLU A 35 -13.09 -7.01 -5.50
C GLU A 35 -12.67 -5.97 -6.54
N LYS A 36 -12.57 -6.39 -7.80
CA LYS A 36 -11.96 -5.60 -8.87
C LYS A 36 -10.55 -5.10 -8.48
N MET A 37 -9.81 -5.79 -7.62
CA MET A 37 -8.50 -5.37 -7.11
C MET A 37 -8.59 -3.97 -6.48
N MET A 38 -9.76 -3.56 -5.97
CA MET A 38 -9.92 -2.29 -5.27
C MET A 38 -8.96 -2.20 -4.10
N ILE A 39 -8.66 -0.97 -3.71
CA ILE A 39 -7.69 -0.64 -2.69
C ILE A 39 -8.41 0.21 -1.63
N SER A 40 -8.15 -0.12 -0.37
CA SER A 40 -8.52 0.67 0.80
C SER A 40 -7.28 0.79 1.66
N GLY A 41 -6.79 1.98 1.95
CA GLY A 41 -5.61 2.17 2.78
C GLY A 41 -5.55 3.62 3.22
N SER A 42 -4.72 3.92 4.22
CA SER A 42 -4.66 5.27 4.74
C SER A 42 -3.34 5.54 5.45
N MET A 43 -2.50 6.36 4.81
CA MET A 43 -1.17 6.70 5.27
C MET A 43 -1.27 7.91 6.21
N CYS A 44 -1.80 9.01 5.70
CA CYS A 44 -1.95 10.25 6.47
C CYS A 44 -3.08 11.14 5.93
N ASN A 45 -3.50 10.93 4.69
CA ASN A 45 -4.58 11.67 4.01
C ASN A 45 -5.62 10.69 3.48
N ARG A 46 -5.59 9.45 3.98
CA ARG A 46 -6.20 8.25 3.42
C ARG A 46 -6.00 8.10 1.91
N PHE A 47 -6.61 7.13 1.23
CA PHE A 47 -6.76 7.06 -0.23
C PHE A 47 -7.66 5.90 -0.59
N SER A 48 -8.17 5.91 -1.81
CA SER A 48 -9.03 4.85 -2.34
C SER A 48 -8.90 4.86 -3.86
N GLY A 49 -8.77 3.71 -4.52
CA GLY A 49 -8.84 3.67 -5.97
C GLY A 49 -8.92 2.24 -6.45
N GLU A 50 -9.28 2.05 -7.71
CA GLU A 50 -9.38 0.75 -8.31
C GLU A 50 -7.99 0.33 -8.79
N GLY A 51 -7.37 -0.55 -8.02
CA GLY A 51 -6.24 -1.31 -8.49
C GLY A 51 -6.61 -2.14 -9.75
N LYS A 52 -5.62 -2.79 -10.35
CA LYS A 52 -5.81 -3.96 -11.20
C LYS A 52 -4.64 -4.89 -10.90
N LEU A 53 -4.79 -6.17 -11.21
CA LEU A 53 -3.70 -7.12 -11.18
C LEU A 53 -3.97 -8.16 -12.26
N SER A 54 -3.38 -7.93 -13.42
CA SER A 54 -3.46 -8.90 -14.51
C SER A 54 -2.11 -9.08 -15.21
N ASN A 55 -1.04 -8.46 -14.69
CA ASN A 55 0.32 -8.61 -15.20
C ASN A 55 1.38 -8.63 -14.11
N GLY A 56 1.11 -8.11 -12.91
CA GLY A 56 2.10 -7.93 -11.85
C GLY A 56 2.28 -6.47 -11.44
N GLU A 57 1.43 -5.55 -11.93
CA GLU A 57 1.58 -4.12 -11.71
C GLU A 57 0.28 -3.58 -11.17
N LEU A 58 0.34 -2.86 -10.05
CA LEU A 58 -0.77 -2.21 -9.39
C LEU A 58 -0.77 -0.72 -9.76
N THR A 59 -1.52 -0.33 -10.79
CA THR A 59 -1.90 1.06 -11.00
C THR A 59 -3.23 1.32 -10.29
N ALA A 60 -3.46 2.52 -9.75
CA ALA A 60 -4.77 2.98 -9.30
C ALA A 60 -4.90 4.45 -9.67
N LYS A 61 -5.65 4.73 -10.73
CA LYS A 61 -5.76 6.03 -11.34
C LYS A 61 -6.42 7.04 -10.42
N GLY A 62 -7.66 6.76 -10.04
CA GLY A 62 -8.57 7.70 -9.41
C GLY A 62 -7.97 8.31 -8.17
N LEU A 63 -7.64 7.45 -7.20
CA LEU A 63 -6.85 7.71 -6.02
C LEU A 63 -7.30 8.95 -5.23
N ALA A 64 -8.54 8.91 -4.77
CA ALA A 64 -9.14 10.03 -4.04
C ALA A 64 -8.67 10.06 -2.59
N MET A 65 -8.29 11.23 -2.07
CA MET A 65 -7.69 11.41 -0.75
C MET A 65 -8.35 12.57 0.03
N THR A 66 -7.84 12.92 1.22
CA THR A 66 -8.28 14.01 2.10
C THR A 66 -7.26 15.17 2.08
N ARG A 67 -7.36 16.08 3.06
CA ARG A 67 -6.44 17.18 3.33
C ARG A 67 -6.15 17.16 4.84
N MET A 68 -5.16 16.40 5.29
CA MET A 68 -4.88 16.19 6.72
C MET A 68 -3.38 16.19 7.04
N MET A 69 -3.06 16.36 8.32
CA MET A 69 -1.74 16.25 8.94
C MET A 69 -1.82 15.13 9.98
N CYS A 70 -0.67 14.63 10.43
CA CYS A 70 -0.58 13.49 11.37
C CYS A 70 0.50 13.67 12.42
N ALA A 71 0.87 14.92 12.72
CA ALA A 71 1.92 15.33 13.64
C ALA A 71 3.31 14.76 13.41
N ASN A 72 3.50 13.90 12.42
CA ASN A 72 4.83 13.53 11.99
C ASN A 72 4.89 13.48 10.48
N PRO A 73 6.02 13.88 9.88
CA PRO A 73 6.15 13.91 8.43
C PRO A 73 6.33 12.51 7.86
N GLN A 74 6.76 11.50 8.63
CA GLN A 74 6.99 10.17 8.08
C GLN A 74 5.71 9.62 7.45
N LEU A 75 4.59 9.75 8.15
CA LEU A 75 3.27 9.36 7.66
C LEU A 75 2.85 10.26 6.50
N ASN A 76 3.12 11.55 6.64
CA ASN A 76 2.76 12.57 5.67
C ASN A 76 3.41 12.27 4.32
N GLU A 77 4.69 11.92 4.32
CA GLU A 77 5.44 11.51 3.16
C GLU A 77 4.78 10.33 2.46
N LEU A 78 4.30 9.32 3.21
CA LEU A 78 3.70 8.14 2.58
C LEU A 78 2.48 8.50 1.74
N ASP A 79 1.71 9.51 2.13
CA ASP A 79 0.58 10.03 1.36
C ASP A 79 0.96 10.40 -0.09
N ASN A 80 2.14 11.00 -0.31
CA ASN A 80 2.58 11.29 -1.68
C ASN A 80 3.31 10.09 -2.24
N THR A 81 4.11 9.41 -1.41
CA THR A 81 4.97 8.32 -1.85
C THR A 81 4.12 7.29 -2.60
N ILE A 82 3.05 6.81 -1.97
CA ILE A 82 2.19 5.79 -2.53
C ILE A 82 1.48 6.29 -3.79
N SER A 83 1.16 7.59 -3.85
CA SER A 83 0.34 8.14 -4.89
C SER A 83 1.05 8.00 -6.23
N GLU A 84 2.29 8.49 -6.29
CA GLU A 84 3.10 8.52 -7.49
C GLU A 84 3.37 7.09 -7.97
N MET A 85 3.66 6.17 -7.03
CA MET A 85 3.92 4.76 -7.34
C MET A 85 2.70 4.13 -7.99
N LEU A 86 1.50 4.45 -7.51
CA LEU A 86 0.25 3.88 -7.99
C LEU A 86 -0.23 4.54 -9.28
N LYS A 87 0.25 5.75 -9.59
CA LYS A 87 0.02 6.35 -10.88
C LYS A 87 0.94 5.70 -11.92
N GLU A 88 2.26 5.69 -11.69
CA GLU A 88 3.19 5.14 -12.68
C GLU A 88 3.05 3.62 -12.79
N GLY A 89 2.56 2.93 -11.75
CA GLY A 89 2.28 1.51 -11.76
C GLY A 89 3.31 0.77 -10.95
N ALA A 90 2.95 0.44 -9.71
CA ALA A 90 3.85 -0.18 -8.77
C ALA A 90 4.05 -1.66 -9.14
N GLN A 91 5.31 -2.12 -9.13
CA GLN A 91 5.66 -3.51 -9.25
C GLN A 91 5.28 -4.15 -7.93
N VAL A 92 4.47 -5.19 -7.97
CA VAL A 92 3.93 -5.85 -6.80
C VAL A 92 4.35 -7.31 -6.85
N ASP A 93 4.95 -7.78 -5.76
CA ASP A 93 5.38 -9.15 -5.60
C ASP A 93 4.97 -9.59 -4.20
N LEU A 94 3.69 -9.95 -4.02
CA LEU A 94 3.20 -10.51 -2.75
C LEU A 94 3.49 -12.00 -2.78
N THR A 95 4.53 -12.35 -2.05
CA THR A 95 4.99 -13.72 -1.87
C THR A 95 4.15 -14.37 -0.77
N ALA A 96 4.39 -15.66 -0.49
CA ALA A 96 3.61 -16.46 0.43
C ALA A 96 3.41 -15.84 1.82
N ASN A 97 4.24 -14.89 2.25
CA ASN A 97 3.86 -13.99 3.35
C ASN A 97 4.40 -12.55 3.28
N GLN A 98 5.34 -12.19 2.39
CA GLN A 98 5.89 -10.83 2.33
C GLN A 98 5.48 -10.12 1.04
N LEU A 99 4.94 -8.90 1.15
CA LEU A 99 4.67 -7.99 0.05
C LEU A 99 5.95 -7.22 -0.24
N THR A 100 6.45 -7.31 -1.47
CA THR A 100 7.55 -6.51 -1.98
C THR A 100 6.98 -5.53 -3.00
N LEU A 101 7.29 -4.25 -2.82
CA LEU A 101 6.98 -3.17 -3.76
C LEU A 101 8.27 -2.61 -4.30
N ALA A 102 8.26 -2.24 -5.58
CA ALA A 102 9.24 -1.35 -6.20
C ALA A 102 8.52 -0.51 -7.24
N THR A 103 9.08 0.63 -7.64
CA THR A 103 8.66 1.46 -8.74
C THR A 103 9.84 2.37 -9.13
N ALA A 104 9.71 3.15 -10.20
CA ALA A 104 10.73 4.09 -10.62
C ALA A 104 10.96 5.17 -9.55
N LYS A 105 9.94 5.49 -8.75
CA LYS A 105 10.08 6.28 -7.54
C LYS A 105 10.82 5.46 -6.49
N GLN A 106 10.11 4.63 -5.73
CA GLN A 106 10.56 4.14 -4.43
C GLN A 106 10.17 2.67 -4.28
N THR A 107 10.32 2.13 -3.08
CA THR A 107 10.22 0.72 -2.78
C THR A 107 9.70 0.61 -1.35
N LEU A 108 8.92 -0.41 -1.02
CA LEU A 108 8.31 -0.60 0.30
C LEU A 108 8.28 -2.10 0.59
N THR A 109 8.15 -2.48 1.85
CA THR A 109 7.88 -3.87 2.26
C THR A 109 6.75 -3.84 3.27
N TYR A 110 5.77 -4.74 3.10
CA TYR A 110 4.62 -4.88 3.98
C TYR A 110 4.63 -6.28 4.59
N LYS A 111 3.65 -6.58 5.45
CA LYS A 111 3.50 -7.87 6.08
C LYS A 111 2.03 -8.28 6.13
N LEU A 112 1.74 -9.56 5.86
CA LEU A 112 0.46 -10.28 5.89
C LEU A 112 -0.22 -10.33 7.28
N ALA A 113 0.12 -9.42 8.20
CA ALA A 113 -0.48 -9.39 9.53
C ALA A 113 -1.97 -8.98 9.46
N ASP A 114 -2.86 -9.95 9.22
CA ASP A 114 -4.30 -9.73 9.04
C ASP A 114 -5.03 -9.90 10.37
N LEU A 115 -4.36 -9.52 11.45
CA LEU A 115 -4.81 -9.70 12.83
C LEU A 115 -5.09 -11.17 13.19
N MET A 116 -4.67 -12.08 12.32
CA MET A 116 -4.49 -13.50 12.50
C MET A 116 -3.04 -13.75 12.14
N ASN A 117 -2.34 -14.60 12.90
CA ASN A 117 -0.90 -14.79 12.77
C ASN A 117 -0.50 -15.09 11.32
N MET A 1 3.84 -16.53 -9.69
CA MET A 1 3.93 -15.13 -9.33
C MET A 1 2.71 -14.69 -8.51
N VAL A 2 2.77 -13.48 -7.96
CA VAL A 2 1.65 -12.89 -7.23
C VAL A 2 0.42 -12.83 -8.13
N THR A 3 -0.73 -13.14 -7.55
CA THR A 3 -2.01 -13.13 -8.22
C THR A 3 -2.97 -12.18 -7.49
N PRO A 4 -4.09 -11.80 -8.13
CA PRO A 4 -5.12 -11.00 -7.50
C PRO A 4 -5.73 -11.74 -6.29
N GLU A 5 -6.15 -12.99 -6.50
CA GLU A 5 -6.95 -13.75 -5.54
C GLU A 5 -6.31 -13.82 -4.15
N GLN A 6 -4.98 -14.01 -4.09
CA GLN A 6 -4.20 -14.09 -2.86
C GLN A 6 -4.02 -12.75 -2.14
N LEU A 7 -4.80 -11.73 -2.48
CA LEU A 7 -4.70 -10.37 -1.95
C LEU A 7 -6.06 -9.87 -1.47
N GLN A 8 -7.12 -10.07 -2.27
CA GLN A 8 -8.51 -9.65 -2.02
C GLN A 8 -9.11 -10.02 -0.66
N HIS A 9 -8.47 -10.93 0.07
CA HIS A 9 -8.95 -11.45 1.34
C HIS A 9 -7.87 -11.42 2.43
N HIS A 10 -6.77 -10.68 2.20
CA HIS A 10 -5.60 -10.65 3.08
C HIS A 10 -5.31 -9.19 3.43
N ARG A 11 -4.96 -8.93 4.69
CA ARG A 11 -4.53 -7.62 5.20
C ARG A 11 -3.02 -7.53 5.18
N PHE A 12 -2.51 -6.33 4.94
CA PHE A 12 -1.10 -6.03 4.98
C PHE A 12 -0.89 -4.76 5.75
N VAL A 13 0.32 -4.67 6.25
CA VAL A 13 0.77 -3.64 7.16
C VAL A 13 2.17 -3.26 6.73
N LEU A 14 2.40 -1.95 6.60
CA LEU A 14 3.71 -1.40 6.28
C LEU A 14 4.62 -1.73 7.45
N GLU A 15 5.45 -2.74 7.26
CA GLU A 15 6.31 -3.27 8.31
C GLU A 15 7.57 -2.45 8.39
N SER A 16 8.12 -2.10 7.23
CA SER A 16 9.19 -1.14 7.14
C SER A 16 9.13 -0.45 5.77
N VAL A 17 9.44 0.85 5.78
CA VAL A 17 9.68 1.63 4.57
C VAL A 17 11.02 1.15 3.98
N ASN A 18 11.40 1.68 2.81
CA ASN A 18 12.53 1.28 1.98
C ASN A 18 13.86 1.04 2.72
N GLY A 19 14.06 1.64 3.89
CA GLY A 19 15.17 1.35 4.79
C GLY A 19 14.96 1.88 6.21
N LYS A 20 13.72 2.20 6.64
CA LYS A 20 13.44 2.75 7.97
C LYS A 20 12.09 2.25 8.45
N PRO A 21 11.86 2.20 9.76
CA PRO A 21 10.57 1.81 10.31
C PRO A 21 9.53 2.91 10.09
N VAL A 22 8.27 2.61 10.40
CA VAL A 22 7.15 3.53 10.28
C VAL A 22 6.45 3.75 11.64
N THR A 23 5.63 4.79 11.69
CA THR A 23 4.91 5.30 12.86
C THR A 23 3.67 4.44 13.20
N SER A 24 2.93 4.91 14.21
CA SER A 24 1.55 4.60 14.54
C SER A 24 1.33 3.18 15.06
N ASP A 25 1.87 2.89 16.24
CA ASP A 25 1.71 1.62 16.97
C ASP A 25 0.25 1.13 17.03
N LYS A 26 -0.71 2.03 17.21
CA LYS A 26 -2.13 1.67 17.36
C LYS A 26 -2.90 1.74 16.04
N ASN A 27 -2.38 2.43 15.03
CA ASN A 27 -3.04 2.61 13.74
C ASN A 27 -2.01 2.77 12.62
N PRO A 28 -1.28 1.70 12.26
CA PRO A 28 -0.23 1.77 11.25
C PRO A 28 -0.81 2.11 9.87
N PRO A 29 0.04 2.56 8.93
CA PRO A 29 -0.24 2.52 7.51
C PRO A 29 -0.40 1.07 7.06
N GLU A 30 -1.61 0.56 7.18
CA GLU A 30 -2.01 -0.75 6.69
C GLU A 30 -2.68 -0.57 5.33
N ILE A 31 -2.72 -1.64 4.55
CA ILE A 31 -3.31 -1.71 3.24
C ILE A 31 -4.03 -3.05 3.19
N SER A 32 -5.23 -3.11 2.64
CA SER A 32 -5.89 -4.36 2.37
C SER A 32 -6.51 -4.24 0.98
N PHE A 33 -6.82 -5.36 0.36
CA PHE A 33 -7.42 -5.42 -0.96
C PHE A 33 -8.76 -6.10 -0.83
N GLY A 34 -9.60 -5.97 -1.84
CA GLY A 34 -10.90 -6.62 -1.87
C GLY A 34 -11.72 -6.03 -3.01
N GLU A 35 -12.49 -6.88 -3.68
CA GLU A 35 -13.54 -6.61 -4.65
C GLU A 35 -13.08 -5.78 -5.86
N LYS A 36 -13.12 -6.35 -7.07
CA LYS A 36 -12.59 -5.74 -8.30
C LYS A 36 -11.08 -5.45 -8.21
N MET A 37 -10.34 -6.05 -7.27
CA MET A 37 -8.94 -5.78 -6.99
C MET A 37 -8.75 -4.30 -6.62
N MET A 38 -9.73 -3.73 -5.91
CA MET A 38 -9.58 -2.44 -5.27
C MET A 38 -8.58 -2.53 -4.11
N ILE A 39 -8.13 -1.36 -3.68
CA ILE A 39 -7.20 -1.15 -2.58
C ILE A 39 -7.90 -0.24 -1.57
N SER A 40 -7.71 -0.52 -0.28
CA SER A 40 -7.99 0.39 0.83
C SER A 40 -6.71 0.53 1.65
N GLY A 41 -6.51 1.69 2.27
CA GLY A 41 -5.44 1.93 3.22
C GLY A 41 -5.43 3.42 3.58
N SER A 42 -4.49 3.83 4.42
CA SER A 42 -4.10 5.21 4.60
C SER A 42 -2.59 5.24 4.80
N MET A 43 -1.97 6.37 4.46
CA MET A 43 -0.66 6.78 4.95
C MET A 43 -0.88 7.92 5.94
N CYS A 44 -1.60 8.96 5.51
CA CYS A 44 -1.99 10.11 6.33
C CYS A 44 -3.31 10.65 5.78
N ASN A 45 -3.37 10.86 4.47
CA ASN A 45 -4.50 11.44 3.75
C ASN A 45 -5.53 10.42 3.30
N ARG A 46 -5.50 9.20 3.84
CA ARG A 46 -6.28 8.06 3.33
C ARG A 46 -5.91 7.78 1.88
N PHE A 47 -6.41 6.69 1.31
CA PHE A 47 -6.49 6.48 -0.12
C PHE A 47 -7.45 5.34 -0.42
N SER A 48 -7.72 5.17 -1.71
CA SER A 48 -8.55 4.11 -2.25
C SER A 48 -8.50 4.17 -3.77
N GLY A 49 -8.54 3.03 -4.46
CA GLY A 49 -8.64 3.02 -5.92
C GLY A 49 -8.73 1.62 -6.49
N GLU A 50 -9.04 1.52 -7.78
CA GLU A 50 -9.01 0.28 -8.56
C GLU A 50 -7.56 -0.10 -8.79
N GLY A 51 -7.02 -0.96 -7.92
CA GLY A 51 -5.64 -1.43 -7.93
C GLY A 51 -5.25 -2.11 -9.22
N LYS A 52 -5.89 -3.25 -9.43
CA LYS A 52 -5.79 -4.15 -10.57
C LYS A 52 -4.44 -4.89 -10.63
N LEU A 53 -4.49 -6.18 -10.98
CA LEU A 53 -3.30 -7.02 -11.08
C LEU A 53 -3.49 -8.06 -12.18
N SER A 54 -2.87 -7.81 -13.33
CA SER A 54 -2.88 -8.73 -14.47
C SER A 54 -1.63 -8.56 -15.35
N ASN A 55 -0.54 -7.97 -14.83
CA ASN A 55 0.78 -8.04 -15.47
C ASN A 55 1.94 -8.06 -14.46
N GLY A 56 1.69 -8.09 -13.15
CA GLY A 56 2.72 -8.03 -12.12
C GLY A 56 2.94 -6.61 -11.60
N GLU A 57 1.99 -5.71 -11.86
CA GLU A 57 2.08 -4.30 -11.54
C GLU A 57 0.75 -3.85 -10.94
N LEU A 58 0.74 -2.76 -10.16
CA LEU A 58 -0.41 -2.27 -9.39
C LEU A 58 -0.63 -0.77 -9.65
N THR A 59 -1.55 -0.44 -10.56
CA THR A 59 -1.88 0.91 -11.06
C THR A 59 -3.29 1.35 -10.63
N ALA A 60 -3.38 2.25 -9.65
CA ALA A 60 -4.67 2.80 -9.22
C ALA A 60 -5.22 3.77 -10.26
N LYS A 61 -6.45 3.54 -10.69
CA LYS A 61 -7.14 4.34 -11.71
C LYS A 61 -7.70 5.68 -11.18
N GLY A 62 -6.93 6.45 -10.42
CA GLY A 62 -7.28 7.83 -10.02
C GLY A 62 -7.05 8.15 -8.55
N LEU A 63 -7.02 7.13 -7.70
CA LEU A 63 -6.60 7.12 -6.30
C LEU A 63 -7.18 8.29 -5.47
N ALA A 64 -8.44 8.15 -5.04
CA ALA A 64 -9.25 9.14 -4.32
C ALA A 64 -8.72 9.50 -2.92
N MET A 65 -8.00 10.63 -2.73
CA MET A 65 -7.31 11.01 -1.47
C MET A 65 -8.03 12.17 -0.77
N THR A 66 -7.58 12.56 0.44
CA THR A 66 -8.15 13.62 1.28
C THR A 66 -7.14 14.77 1.51
N ARG A 67 -7.40 15.66 2.49
CA ARG A 67 -6.52 16.79 2.87
C ARG A 67 -6.56 16.98 4.39
N MET A 68 -5.87 16.09 5.10
CA MET A 68 -5.71 15.99 6.54
C MET A 68 -4.21 15.96 6.87
N MET A 69 -3.89 16.19 8.14
CA MET A 69 -2.57 16.08 8.71
C MET A 69 -2.61 14.92 9.70
N CYS A 70 -1.42 14.45 10.07
CA CYS A 70 -1.17 13.23 10.83
C CYS A 70 -0.42 13.45 12.13
N ALA A 71 0.06 14.67 12.39
CA ALA A 71 0.93 15.01 13.51
C ALA A 71 2.29 14.28 13.51
N ASN A 72 2.63 13.47 12.50
CA ASN A 72 4.04 13.11 12.26
C ASN A 72 4.33 13.28 10.77
N PRO A 73 5.53 13.77 10.38
CA PRO A 73 5.81 14.16 9.00
C PRO A 73 6.08 12.96 8.10
N GLN A 74 6.63 11.90 8.69
CA GLN A 74 6.96 10.69 7.94
C GLN A 74 5.68 10.10 7.32
N LEU A 75 4.56 10.11 8.04
CA LEU A 75 3.27 9.67 7.49
C LEU A 75 2.81 10.64 6.39
N ASN A 76 3.07 11.93 6.60
CA ASN A 76 2.69 13.02 5.72
C ASN A 76 3.39 12.92 4.37
N GLU A 77 4.70 12.67 4.32
CA GLU A 77 5.45 12.49 3.07
C GLU A 77 5.11 11.18 2.39
N LEU A 78 4.76 10.18 3.18
CA LEU A 78 4.35 8.86 2.70
C LEU A 78 3.10 9.00 1.85
N ASP A 79 2.20 9.92 2.19
CA ASP A 79 1.02 10.26 1.39
C ASP A 79 1.38 10.75 0.00
N ASN A 80 2.55 11.37 -0.16
CA ASN A 80 3.02 11.91 -1.41
C ASN A 80 3.97 10.95 -2.12
N THR A 81 4.56 10.01 -1.37
CA THR A 81 5.36 8.94 -1.92
C THR A 81 4.39 8.00 -2.66
N ILE A 82 3.39 7.47 -1.94
CA ILE A 82 2.51 6.41 -2.42
C ILE A 82 1.63 6.89 -3.57
N SER A 83 1.14 8.13 -3.49
CA SER A 83 0.22 8.71 -4.45
C SER A 83 0.76 8.53 -5.87
N GLU A 84 2.02 8.90 -6.06
CA GLU A 84 2.73 8.80 -7.31
C GLU A 84 3.04 7.33 -7.68
N MET A 85 3.43 6.45 -6.75
CA MET A 85 3.80 5.08 -7.09
C MET A 85 2.62 4.38 -7.78
N LEU A 86 1.42 4.63 -7.26
CA LEU A 86 0.19 4.01 -7.73
C LEU A 86 -0.32 4.63 -9.03
N LYS A 87 -0.03 5.90 -9.29
CA LYS A 87 -0.41 6.54 -10.53
C LYS A 87 0.53 6.08 -11.63
N GLU A 88 1.84 6.18 -11.39
CA GLU A 88 2.89 5.72 -12.29
C GLU A 88 2.63 4.27 -12.69
N GLY A 89 2.41 3.40 -11.70
CA GLY A 89 2.41 1.96 -11.86
C GLY A 89 3.68 1.44 -11.22
N ALA A 90 3.54 0.39 -10.41
CA ALA A 90 4.59 -0.10 -9.53
C ALA A 90 4.62 -1.61 -9.56
N GLN A 91 5.83 -2.17 -9.50
CA GLN A 91 6.09 -3.59 -9.58
C GLN A 91 5.61 -4.15 -8.25
N VAL A 92 4.79 -5.20 -8.28
CA VAL A 92 4.20 -5.77 -7.08
C VAL A 92 4.61 -7.24 -7.04
N ASP A 93 5.18 -7.67 -5.91
CA ASP A 93 5.76 -8.99 -5.75
C ASP A 93 5.46 -9.47 -4.33
N LEU A 94 4.37 -10.22 -4.17
CA LEU A 94 3.99 -10.82 -2.90
C LEU A 94 4.44 -12.26 -2.93
N THR A 95 5.55 -12.50 -2.23
CA THR A 95 6.17 -13.81 -2.10
C THR A 95 5.37 -14.60 -1.06
N ALA A 96 5.89 -15.75 -0.63
CA ALA A 96 5.23 -16.67 0.28
C ALA A 96 4.71 -16.01 1.56
N ASN A 97 5.25 -14.87 2.02
CA ASN A 97 4.60 -14.04 3.04
C ASN A 97 5.03 -12.56 3.10
N GLN A 98 5.85 -12.05 2.17
CA GLN A 98 6.36 -10.66 2.20
C GLN A 98 5.96 -9.92 0.93
N LEU A 99 5.39 -8.71 1.05
CA LEU A 99 5.13 -7.83 -0.08
C LEU A 99 6.39 -7.02 -0.42
N THR A 100 6.68 -6.86 -1.70
CA THR A 100 7.54 -5.82 -2.23
C THR A 100 6.68 -5.02 -3.20
N LEU A 101 6.49 -3.72 -2.97
CA LEU A 101 6.29 -2.77 -4.05
C LEU A 101 7.63 -2.15 -4.33
N ALA A 102 7.97 -1.97 -5.60
CA ALA A 102 9.06 -1.12 -6.06
C ALA A 102 8.52 -0.24 -7.18
N THR A 103 9.11 0.93 -7.39
CA THR A 103 8.84 1.89 -8.43
C THR A 103 10.03 2.84 -8.52
N ALA A 104 10.05 3.71 -9.54
CA ALA A 104 11.06 4.74 -9.71
C ALA A 104 11.23 5.63 -8.47
N LYS A 105 10.17 5.83 -7.69
CA LYS A 105 10.21 6.56 -6.43
C LYS A 105 10.97 5.78 -5.35
N GLN A 106 10.39 4.72 -4.81
CA GLN A 106 11.01 3.92 -3.75
C GLN A 106 10.45 2.49 -3.79
N THR A 107 10.76 1.73 -2.74
CA THR A 107 10.30 0.39 -2.49
C THR A 107 9.76 0.33 -1.06
N LEU A 108 8.81 -0.56 -0.77
CA LEU A 108 8.29 -0.83 0.56
C LEU A 108 8.49 -2.30 0.93
N THR A 109 8.33 -2.60 2.21
CA THR A 109 8.20 -3.95 2.70
C THR A 109 6.97 -4.02 3.61
N TYR A 110 5.89 -4.64 3.13
CA TYR A 110 4.70 -4.91 3.94
C TYR A 110 4.75 -6.37 4.42
N LYS A 111 3.91 -6.70 5.41
CA LYS A 111 3.81 -8.03 5.98
C LYS A 111 2.38 -8.54 5.86
N LEU A 112 2.21 -9.86 5.66
CA LEU A 112 0.97 -10.60 5.46
C LEU A 112 0.09 -10.69 6.73
N ALA A 113 0.31 -9.83 7.73
CA ALA A 113 -0.25 -9.92 9.07
C ALA A 113 -1.79 -9.87 9.06
N ASP A 114 -2.44 -11.04 8.96
CA ASP A 114 -3.86 -11.18 8.70
C ASP A 114 -4.66 -11.13 9.97
N LEU A 115 -4.32 -10.18 10.83
CA LEU A 115 -4.91 -10.09 12.16
C LEU A 115 -6.33 -9.51 12.06
N MET A 116 -6.82 -9.31 10.83
CA MET A 116 -8.08 -8.72 10.40
C MET A 116 -8.18 -7.23 10.79
N ASN A 117 -8.43 -6.37 9.79
CA ASN A 117 -8.40 -4.90 9.88
C ASN A 117 -9.12 -4.41 11.14
#